data_8ZGP
#
_entry.id   8ZGP
#
_cell.length_a   1.00
_cell.length_b   1.00
_cell.length_c   1.00
_cell.angle_alpha   90.00
_cell.angle_beta   90.00
_cell.angle_gamma   90.00
#
_symmetry.space_group_name_H-M   'P 1'
#
loop_
_entity.id
_entity.type
_entity.pdbx_description
1 polymer 'Nitric-oxide reductase'
2 non-polymer 'PROTOPORPHYRIN IX CONTAINING FE'
3 non-polymer 'FE (III) ION'
4 non-polymer 'CALCIUM ION'
5 water water
#
_entity_poly.entity_id   1
_entity_poly.type   'polypeptide(L)'
_entity_poly.pdbx_seq_one_letter_code
;MGQYKKLWYLLFAVLAVCFTILGYMGSEVYKKAPPYPEQVVSASGKVLMAKDDILAGQSAWQTTGGMEVGSVLGHGAYQA
PDWTADWLHRELSAWLDLTAQQTYGKKFDEVSPEEQAVLKTRLADEYRNQSRIKEDGSVVISDTRVKAIESILPYYHGVY
GDDPALQTTREHFAMKNNTLPSQEAREKLFDFFFWTSWSASTNRPDETFTYTNNWPHEPLINNVPTTENYMWSFTSVVLL
LMGIGLLMWGYSFLTKHEEVEVPTEDPISKVQLTPSQKALGKYVFLTVALFVVQVLLGGLTAHYTVEGQGFYGIDEALGF
EMSDWFPYALTRTWHIQSAIFWIATGFLTAGLFLAPIVNGGKDPKFQRAGVNFLYIALFIVVGGSYAGNFFALTHILPPE
FNFWFGHQGYEYLDLGRFWQLLLMVGLLLWLFLMLRCTVSAFKEKGVDKNLLAIFVASMVGVGVFYAPGLFYGEKSPIAV
MEYWRWWVVHLWVEGFFEVFATAAFAFVFYNMGFVRRSTATASTLAAAAIFMLGGVPGTLHHLYFSGSTSASMAIGACFS
ALEVVPLVLLGREAYEHWSYQHLSEWAKRLRWPLMCFVAVAFWNMIGAGVFGFLINPPISLFYIQGLNTSAVHAHAALFG
VYGFLALGFVLLVARYLKPNVQFDDKLMTWGFWLLNGGLVGMIAISLLPVGVIQAYASITHGLWYARSEEFLQMEILDTL
RWVRTAADLIFIGGAICVAIQATKIVFGRDK
;
_entity_poly.pdbx_strand_id   A,B
#
loop_
_chem_comp.id
_chem_comp.type
_chem_comp.name
_chem_comp.formula
CA non-polymer 'CALCIUM ION' 'Ca 2'
FE non-polymer 'FE (III) ION' 'Fe 3'
HEM non-polymer 'PROTOPORPHYRIN IX CONTAINING FE' 'C34 H32 Fe N4 O4'
#
# COMPACT_ATOMS: atom_id res chain seq x y z
N MET A 1 15.86 24.63 -22.79
CA MET A 1 16.02 25.91 -23.52
C MET A 1 15.55 27.07 -22.64
N GLY A 2 16.21 28.23 -22.72
CA GLY A 2 15.82 29.36 -21.88
C GLY A 2 15.72 28.98 -20.43
N GLN A 3 14.70 29.51 -19.76
CA GLN A 3 14.47 29.22 -18.35
C GLN A 3 14.06 27.78 -18.10
N TYR A 4 13.68 27.03 -19.13
CA TYR A 4 13.20 25.66 -18.96
C TYR A 4 14.29 24.63 -19.23
N LYS A 5 15.56 25.06 -19.29
CA LYS A 5 16.65 24.14 -19.62
C LYS A 5 16.77 23.04 -18.57
N LYS A 6 16.64 23.39 -17.29
CA LYS A 6 16.74 22.38 -16.24
C LYS A 6 15.61 21.35 -16.34
N LEU A 7 14.39 21.81 -16.64
CA LEU A 7 13.28 20.88 -16.81
C LEU A 7 13.50 19.97 -18.01
N TRP A 8 13.98 20.54 -19.12
CA TRP A 8 14.28 19.73 -20.29
C TRP A 8 15.34 18.68 -20.00
N TYR A 9 16.40 19.08 -19.28
CA TYR A 9 17.47 18.14 -18.95
C TYR A 9 16.99 17.07 -17.99
N LEU A 10 16.12 17.44 -17.04
CA LEU A 10 15.52 16.45 -16.15
C LEU A 10 14.72 15.42 -16.94
N LEU A 11 13.91 15.90 -17.89
CA LEU A 11 13.10 14.99 -18.69
C LEU A 11 13.99 14.09 -19.55
N PHE A 12 15.04 14.65 -20.14
CA PHE A 12 15.96 13.84 -20.94
C PHE A 12 16.66 12.78 -20.10
N ALA A 13 17.11 13.14 -18.90
CA ALA A 13 17.77 12.18 -18.02
C ALA A 13 16.81 11.07 -17.61
N VAL A 14 15.58 11.45 -17.25
CA VAL A 14 14.58 10.45 -16.88
C VAL A 14 14.34 9.49 -18.04
N LEU A 15 14.18 10.04 -19.25
CA LEU A 15 13.94 9.20 -20.41
C LEU A 15 15.10 8.24 -20.65
N ALA A 16 16.33 8.75 -20.60
CA ALA A 16 17.50 7.89 -20.85
C ALA A 16 17.58 6.78 -19.82
N VAL A 17 17.47 7.12 -18.52
CA VAL A 17 17.60 6.11 -17.48
C VAL A 17 16.49 5.08 -17.59
N CYS A 18 15.23 5.53 -17.70
CA CYS A 18 14.11 4.61 -17.67
C CYS A 18 14.08 3.72 -18.90
N PHE A 19 14.38 4.28 -20.08
CA PHE A 19 14.40 3.44 -21.26
C PHE A 19 15.59 2.49 -21.28
N THR A 20 16.71 2.89 -20.67
CA THR A 20 17.81 1.94 -20.50
C THR A 20 17.39 0.77 -19.62
N ILE A 21 16.69 1.06 -18.51
CA ILE A 21 16.20 -0.01 -17.64
C ILE A 21 15.25 -0.93 -18.39
N LEU A 22 14.30 -0.34 -19.12
CA LEU A 22 13.32 -1.14 -19.85
C LEU A 22 13.98 -1.97 -20.93
N GLY A 23 14.96 -1.41 -21.64
CA GLY A 23 15.64 -2.16 -22.68
C GLY A 23 16.50 -3.29 -22.13
N TYR A 24 17.18 -3.04 -21.02
CA TYR A 24 17.98 -4.12 -20.44
C TYR A 24 17.08 -5.23 -19.92
N MET A 25 15.92 -4.88 -19.37
CA MET A 25 14.93 -5.91 -19.04
C MET A 25 14.41 -6.61 -20.28
N GLY A 26 14.31 -5.92 -21.41
CA GLY A 26 13.94 -6.62 -22.64
C GLY A 26 14.97 -7.64 -23.07
N SER A 27 16.25 -7.30 -22.95
CA SER A 27 17.31 -8.29 -23.21
C SER A 27 17.21 -9.44 -22.23
N GLU A 28 16.90 -9.15 -20.97
CA GLU A 28 16.69 -10.20 -19.97
C GLU A 28 15.53 -11.10 -20.34
N VAL A 29 14.44 -10.51 -20.86
CA VAL A 29 13.28 -11.31 -21.28
C VAL A 29 13.68 -12.24 -22.41
N TYR A 30 14.44 -11.72 -23.38
CA TYR A 30 14.90 -12.57 -24.47
C TYR A 30 15.77 -13.71 -23.97
N LYS A 31 16.67 -13.43 -23.02
CA LYS A 31 17.64 -14.42 -22.58
C LYS A 31 17.10 -15.41 -21.55
N LYS A 32 16.13 -15.03 -20.75
CA LYS A 32 15.71 -15.81 -19.59
C LYS A 32 14.27 -16.31 -19.67
N ALA A 33 13.61 -16.15 -20.81
CA ALA A 33 12.26 -16.69 -20.95
C ALA A 33 12.30 -18.21 -20.87
N PRO A 34 11.21 -18.84 -20.42
CA PRO A 34 11.18 -20.30 -20.34
C PRO A 34 11.40 -20.89 -21.72
N PRO A 35 12.39 -21.76 -21.86
CA PRO A 35 12.70 -22.32 -23.18
C PRO A 35 11.56 -23.20 -23.68
N TYR A 36 11.39 -23.23 -24.99
CA TYR A 36 10.56 -24.25 -25.60
C TYR A 36 11.42 -25.48 -25.71
N PRO A 37 11.14 -26.55 -24.96
CA PRO A 37 12.03 -27.71 -24.99
C PRO A 37 12.11 -28.30 -26.40
N GLU A 38 13.31 -28.73 -26.79
CA GLU A 38 13.46 -29.39 -28.07
C GLU A 38 12.61 -30.65 -28.12
N GLN A 39 12.61 -31.43 -27.05
CA GLN A 39 11.77 -32.61 -26.93
C GLN A 39 11.34 -32.75 -25.48
N VAL A 40 10.10 -33.18 -25.28
CA VAL A 40 9.62 -33.61 -23.97
C VAL A 40 9.49 -35.12 -24.05
N VAL A 41 10.31 -35.82 -23.28
CA VAL A 41 10.43 -37.27 -23.40
C VAL A 41 10.10 -37.91 -22.06
N SER A 42 9.38 -39.02 -22.13
CA SER A 42 9.09 -39.79 -20.92
C SER A 42 10.36 -40.48 -20.44
N ALA A 43 10.34 -40.89 -19.18
CA ALA A 43 11.49 -41.59 -18.60
C ALA A 43 11.76 -42.91 -19.31
N SER A 44 10.76 -43.48 -19.99
CA SER A 44 10.93 -44.70 -20.75
C SER A 44 11.54 -44.45 -22.13
N GLY A 45 11.61 -43.21 -22.58
CA GLY A 45 12.27 -42.88 -23.83
C GLY A 45 11.35 -42.42 -24.95
N LYS A 46 10.03 -42.51 -24.78
CA LYS A 46 9.11 -42.06 -25.81
C LYS A 46 9.00 -40.54 -25.82
N VAL A 47 8.92 -39.97 -27.02
CA VAL A 47 8.84 -38.53 -27.21
C VAL A 47 7.37 -38.14 -27.19
N LEU A 48 7.02 -37.24 -26.26
CA LEU A 48 5.62 -36.83 -26.15
C LEU A 48 5.34 -35.62 -27.04
N MET A 49 6.28 -34.70 -27.15
CA MET A 49 6.14 -33.54 -28.02
C MET A 49 7.51 -32.93 -28.28
N ALA A 50 7.55 -32.07 -29.29
CA ALA A 50 8.75 -31.34 -29.65
C ALA A 50 8.45 -29.85 -29.72
N LYS A 51 9.51 -29.05 -29.84
CA LYS A 51 9.38 -27.60 -29.87
C LYS A 51 8.43 -27.15 -30.97
N ASP A 52 8.51 -27.78 -32.14
CA ASP A 52 7.64 -27.43 -33.24
C ASP A 52 6.18 -27.76 -32.92
N ASP A 53 5.94 -28.85 -32.19
CA ASP A 53 4.58 -29.15 -31.76
C ASP A 53 4.04 -28.06 -30.83
N ILE A 54 4.87 -27.58 -29.92
CA ILE A 54 4.43 -26.52 -29.00
C ILE A 54 4.14 -25.24 -29.77
N LEU A 55 5.00 -24.91 -30.73
CA LEU A 55 4.76 -23.70 -31.53
C LEU A 55 3.51 -23.83 -32.39
N ALA A 56 3.27 -25.01 -32.96
CA ALA A 56 2.03 -25.24 -33.68
C ALA A 56 0.82 -25.11 -32.75
N GLY A 57 0.96 -25.56 -31.52
CA GLY A 57 -0.11 -25.36 -30.54
C GLY A 57 -0.36 -23.90 -30.24
N GLN A 58 0.71 -23.12 -30.15
CA GLN A 58 0.58 -21.68 -29.99
C GLN A 58 -0.21 -21.07 -31.14
N SER A 59 0.13 -21.49 -32.37
CA SER A 59 -0.60 -21.01 -33.54
C SER A 59 -2.08 -21.40 -33.50
N ALA A 60 -2.36 -22.65 -33.13
CA ALA A 60 -3.75 -23.09 -33.04
C ALA A 60 -4.52 -22.31 -31.98
N TRP A 61 -3.86 -22.03 -30.86
CA TRP A 61 -4.45 -21.18 -29.83
C TRP A 61 -4.84 -19.82 -30.41
N GLN A 62 -3.93 -19.23 -31.18
CA GLN A 62 -4.25 -17.97 -31.84
C GLN A 62 -5.48 -18.12 -32.73
N THR A 63 -5.57 -19.24 -33.47
CA THR A 63 -6.73 -19.47 -34.33
C THR A 63 -8.03 -19.54 -33.55
N THR A 64 -8.02 -20.15 -32.37
CA THR A 64 -9.22 -20.12 -31.52
C THR A 64 -9.50 -18.73 -30.99
N GLY A 65 -8.52 -17.84 -31.01
CA GLY A 65 -8.69 -16.49 -30.52
C GLY A 65 -7.85 -16.19 -29.32
N GLY A 66 -7.14 -17.19 -28.81
CA GLY A 66 -6.15 -16.97 -27.79
C GLY A 66 -6.76 -16.37 -26.54
N MET A 67 -6.28 -15.17 -26.22
CA MET A 67 -6.57 -14.52 -24.95
C MET A 67 -8.03 -14.10 -24.82
N GLU A 68 -8.79 -14.18 -25.90
CA GLU A 68 -10.19 -13.84 -25.83
C GLU A 68 -11.07 -15.01 -25.42
N VAL A 69 -10.50 -16.21 -25.27
CA VAL A 69 -11.19 -17.36 -24.71
C VAL A 69 -10.35 -17.80 -23.51
N GLY A 70 -10.80 -17.46 -22.30
CA GLY A 70 -9.98 -17.79 -21.16
C GLY A 70 -8.68 -16.98 -21.17
N SER A 71 -7.73 -17.43 -20.36
CA SER A 71 -6.44 -16.77 -20.25
C SER A 71 -5.33 -17.81 -20.22
N VAL A 72 -4.13 -17.38 -20.62
CA VAL A 72 -2.93 -18.21 -20.54
C VAL A 72 -1.87 -17.42 -19.80
N LEU A 73 -1.28 -18.03 -18.78
CA LEU A 73 -0.32 -17.34 -17.91
C LEU A 73 -0.90 -16.03 -17.38
N GLY A 74 -2.18 -16.05 -17.02
CA GLY A 74 -2.80 -14.95 -16.33
C GLY A 74 -3.20 -13.77 -17.20
N HIS A 75 -3.11 -13.88 -18.52
CA HIS A 75 -3.49 -12.83 -19.44
C HIS A 75 -4.57 -13.33 -20.38
N GLY A 76 -5.63 -12.57 -20.52
CA GLY A 76 -6.68 -12.95 -21.43
C GLY A 76 -8.04 -12.57 -20.85
N ALA A 77 -9.03 -13.38 -21.20
CA ALA A 77 -10.41 -13.19 -20.77
C ALA A 77 -10.68 -13.92 -19.46
N TYR A 78 -11.82 -13.61 -18.85
CA TYR A 78 -12.10 -14.06 -17.50
C TYR A 78 -13.30 -14.98 -17.35
N GLN A 79 -14.04 -15.24 -18.42
CA GLN A 79 -15.17 -16.19 -18.30
C GLN A 79 -14.65 -17.62 -18.22
N ALA A 80 -13.98 -18.09 -19.27
CA ALA A 80 -13.35 -19.40 -19.28
C ALA A 80 -12.13 -19.39 -18.35
N PRO A 81 -11.66 -20.56 -17.91
CA PRO A 81 -10.57 -20.58 -16.94
C PRO A 81 -9.26 -20.09 -17.52
N ASP A 82 -8.30 -19.86 -16.62
CA ASP A 82 -6.91 -19.71 -17.04
C ASP A 82 -6.40 -21.10 -17.37
N TRP A 83 -6.15 -21.36 -18.66
CA TRP A 83 -5.83 -22.71 -19.08
C TRP A 83 -4.51 -23.20 -18.47
N THR A 84 -3.57 -22.29 -18.23
CA THR A 84 -2.33 -22.71 -17.58
C THR A 84 -2.62 -23.25 -16.17
N ALA A 85 -3.34 -22.46 -15.35
CA ALA A 85 -3.64 -22.88 -13.99
C ALA A 85 -4.56 -24.09 -13.96
N ASP A 86 -5.58 -24.10 -14.82
CA ASP A 86 -6.50 -25.24 -14.85
C ASP A 86 -5.78 -26.52 -15.26
N TRP A 87 -4.96 -26.43 -16.30
CA TRP A 87 -4.19 -27.60 -16.74
C TRP A 87 -3.23 -28.06 -15.65
N LEU A 88 -2.51 -27.11 -15.04
CA LEU A 88 -1.58 -27.48 -13.99
C LEU A 88 -2.31 -28.21 -12.86
N HIS A 89 -3.44 -27.67 -12.41
CA HIS A 89 -4.11 -28.31 -11.29
C HIS A 89 -4.67 -29.67 -11.67
N ARG A 90 -5.28 -29.78 -12.87
CA ARG A 90 -5.82 -31.05 -13.32
C ARG A 90 -4.72 -32.10 -13.42
N GLU A 91 -3.58 -31.74 -14.01
CA GLU A 91 -2.48 -32.68 -14.16
C GLU A 91 -1.90 -33.09 -12.83
N LEU A 92 -1.71 -32.13 -11.91
CA LEU A 92 -1.20 -32.49 -10.58
C LEU A 92 -2.17 -33.40 -9.85
N SER A 93 -3.47 -33.13 -9.96
CA SER A 93 -4.47 -33.98 -9.31
C SER A 93 -4.45 -35.39 -9.88
N ALA A 94 -4.33 -35.51 -11.21
CA ALA A 94 -4.24 -36.83 -11.83
C ALA A 94 -2.98 -37.55 -11.38
N TRP A 95 -1.85 -36.85 -11.33
CA TRP A 95 -0.61 -37.44 -10.85
C TRP A 95 -0.77 -37.95 -9.43
N LEU A 96 -1.36 -37.15 -8.55
CA LEU A 96 -1.56 -37.56 -7.17
C LEU A 96 -2.48 -38.77 -7.08
N ASP A 97 -3.58 -38.79 -7.84
CA ASP A 97 -4.48 -39.93 -7.79
C ASP A 97 -3.77 -41.20 -8.26
N LEU A 98 -3.04 -41.12 -9.37
CA LEU A 98 -2.35 -42.29 -9.89
C LEU A 98 -1.29 -42.78 -8.92
N THR A 99 -0.51 -41.87 -8.36
CA THR A 99 0.55 -42.22 -7.41
C THR A 99 -0.03 -42.81 -6.13
N ALA A 100 -1.14 -42.27 -5.65
CA ALA A 100 -1.79 -42.81 -4.45
C ALA A 100 -2.33 -44.20 -4.70
N GLN A 101 -2.89 -44.44 -5.89
CA GLN A 101 -3.33 -45.80 -6.23
C GLN A 101 -2.14 -46.76 -6.32
N GLN A 102 -1.01 -46.31 -6.87
CA GLN A 102 0.16 -47.16 -6.98
C GLN A 102 0.85 -47.40 -5.65
N THR A 103 0.76 -46.47 -4.70
CA THR A 103 1.49 -46.54 -3.44
C THR A 103 0.66 -47.03 -2.27
N TYR A 104 -0.58 -46.55 -2.12
CA TYR A 104 -1.43 -46.95 -1.02
C TYR A 104 -2.73 -47.63 -1.43
N GLY A 105 -3.02 -47.75 -2.71
CA GLY A 105 -4.19 -48.49 -3.16
C GLY A 105 -5.50 -47.75 -3.11
N LYS A 106 -5.50 -46.46 -2.78
CA LYS A 106 -6.69 -45.65 -2.77
C LYS A 106 -6.44 -44.34 -3.50
N LYS A 107 -7.51 -43.56 -3.69
CA LYS A 107 -7.38 -42.22 -4.24
C LYS A 107 -6.69 -41.31 -3.24
N PHE A 108 -6.18 -40.18 -3.76
CA PHE A 108 -5.43 -39.24 -2.93
C PHE A 108 -6.27 -38.68 -1.78
N ASP A 109 -7.56 -38.44 -2.02
CA ASP A 109 -8.41 -37.88 -0.98
C ASP A 109 -8.78 -38.88 0.11
N GLU A 110 -8.58 -40.17 -0.14
CA GLU A 110 -8.97 -41.22 0.80
C GLU A 110 -7.81 -41.72 1.65
N VAL A 111 -6.61 -41.21 1.45
CA VAL A 111 -5.46 -41.59 2.26
C VAL A 111 -5.26 -40.56 3.36
N SER A 112 -4.54 -40.98 4.41
CA SER A 112 -4.35 -40.13 5.61
C SER A 112 -3.57 -38.85 5.28
N PRO A 113 -3.75 -37.77 6.07
CA PRO A 113 -3.00 -36.52 5.84
C PRO A 113 -1.49 -36.72 5.81
N GLU A 114 -0.96 -37.66 6.60
CA GLU A 114 0.46 -37.97 6.54
C GLU A 114 0.84 -38.53 5.17
N GLU A 115 0.05 -39.49 4.68
CA GLU A 115 0.29 -40.04 3.36
C GLU A 115 0.15 -38.97 2.29
N GLN A 116 -0.81 -38.05 2.45
CA GLN A 116 -0.97 -36.94 1.52
C GLN A 116 0.25 -36.05 1.54
N ALA A 117 0.83 -35.82 2.72
CA ALA A 117 2.04 -35.00 2.81
C ALA A 117 3.20 -35.66 2.09
N VAL A 118 3.35 -36.98 2.24
CA VAL A 118 4.38 -37.72 1.51
C VAL A 118 4.17 -37.58 0.01
N LEU A 119 2.92 -37.77 -0.44
CA LEU A 119 2.63 -37.67 -1.86
C LEU A 119 2.91 -36.27 -2.37
N LYS A 120 2.59 -35.24 -1.60
CA LYS A 120 2.81 -33.88 -2.04
C LYS A 120 4.29 -33.52 -2.10
N THR A 121 5.10 -34.01 -1.16
CA THR A 121 6.53 -33.73 -1.28
C THR A 121 7.12 -34.46 -2.49
N ARG A 122 6.66 -35.68 -2.78
CA ARG A 122 7.07 -36.35 -4.01
CA ARG A 122 7.11 -36.36 -4.10
C ARG A 122 6.67 -35.55 -5.24
N LEU A 123 5.41 -35.09 -5.28
CA LEU A 123 4.91 -34.33 -6.41
C LEU A 123 5.71 -33.05 -6.62
N ALA A 124 5.96 -32.32 -5.53
CA ALA A 124 6.71 -31.08 -5.62
C ALA A 124 8.11 -31.33 -6.13
N ASP A 125 8.79 -32.35 -5.60
CA ASP A 125 10.12 -32.66 -6.10
C ASP A 125 10.09 -32.94 -7.59
N GLU A 126 9.21 -33.84 -8.01
CA GLU A 126 9.15 -34.21 -9.42
C GLU A 126 8.95 -32.98 -10.31
N TYR A 127 7.88 -32.22 -10.04
CA TYR A 127 7.53 -31.13 -10.94
C TYR A 127 8.54 -30.00 -10.88
N ARG A 128 8.88 -29.53 -9.68
CA ARG A 128 9.72 -28.35 -9.56
C ARG A 128 11.16 -28.65 -9.95
N ASN A 129 11.70 -29.80 -9.53
CA ASN A 129 13.12 -30.06 -9.68
C ASN A 129 13.41 -31.05 -10.80
N GLN A 130 12.70 -32.18 -10.83
CA GLN A 130 13.07 -33.21 -11.81
C GLN A 130 12.70 -32.82 -13.23
N SER A 131 11.83 -31.82 -13.38
CA SER A 131 11.34 -31.44 -14.74
C SER A 131 12.24 -30.35 -15.35
N ARG A 132 13.26 -29.91 -14.62
CA ARG A 132 14.14 -28.81 -15.12
C ARG A 132 14.73 -29.20 -16.48
N ILE A 133 14.79 -28.26 -17.43
CA ILE A 133 15.28 -28.55 -18.76
C ILE A 133 16.76 -28.91 -18.69
N LYS A 134 17.16 -29.88 -19.49
CA LYS A 134 18.54 -30.36 -19.50
C LYS A 134 19.41 -29.51 -20.42
N GLU A 135 20.70 -29.82 -20.44
CA GLU A 135 21.64 -29.06 -21.25
C GLU A 135 21.37 -29.22 -22.74
N ASP A 136 20.92 -30.38 -23.19
CA ASP A 136 20.57 -30.59 -24.59
C ASP A 136 19.19 -30.04 -24.94
N GLY A 137 18.62 -29.22 -24.06
CA GLY A 137 17.31 -28.65 -24.30
C GLY A 137 16.15 -29.60 -24.10
N SER A 138 16.40 -30.77 -23.54
CA SER A 138 15.36 -31.79 -23.37
C SER A 138 14.72 -31.67 -22.00
N VAL A 139 13.45 -32.06 -21.92
CA VAL A 139 12.72 -32.18 -20.66
C VAL A 139 12.31 -33.63 -20.50
N VAL A 140 12.68 -34.23 -19.38
CA VAL A 140 12.37 -35.62 -19.10
C VAL A 140 11.30 -35.66 -18.02
N ILE A 141 10.16 -36.27 -18.34
CA ILE A 141 9.05 -36.39 -17.41
C ILE A 141 8.80 -37.86 -17.12
N SER A 142 8.18 -38.12 -15.97
CA SER A 142 7.94 -39.47 -15.52
C SER A 142 6.82 -40.13 -16.31
N ASP A 143 6.80 -41.47 -16.28
CA ASP A 143 5.71 -42.20 -16.90
C ASP A 143 4.38 -41.89 -16.22
N THR A 144 4.40 -41.70 -14.90
CA THR A 144 3.18 -41.31 -14.20
C THR A 144 2.69 -39.96 -14.69
N ARG A 145 3.61 -39.02 -14.94
CA ARG A 145 3.25 -37.73 -15.50
C ARG A 145 2.63 -37.90 -16.89
N VAL A 146 3.18 -38.80 -17.70
CA VAL A 146 2.63 -39.05 -19.03
C VAL A 146 1.20 -39.57 -18.92
N LYS A 147 0.97 -40.52 -18.02
CA LYS A 147 -0.38 -41.06 -17.85
C LYS A 147 -1.33 -39.99 -17.31
N ALA A 148 -0.84 -39.13 -16.41
CA ALA A 148 -1.66 -38.04 -15.90
C ALA A 148 -2.08 -37.11 -17.02
N ILE A 149 -1.14 -36.77 -17.92
CA ILE A 149 -1.47 -35.92 -19.06
C ILE A 149 -2.50 -36.60 -19.94
N GLU A 150 -2.29 -37.89 -20.21
CA GLU A 150 -3.21 -38.62 -21.07
C GLU A 150 -4.61 -38.70 -20.47
N SER A 151 -4.71 -38.68 -19.14
CA SER A 151 -6.02 -38.80 -18.51
C SER A 151 -6.84 -37.52 -18.60
N ILE A 152 -6.20 -36.35 -18.73
CA ILE A 152 -6.92 -35.07 -18.73
C ILE A 152 -7.20 -34.55 -20.12
N LEU A 153 -6.58 -35.10 -21.16
CA LEU A 153 -6.79 -34.68 -22.54
C LEU A 153 -8.25 -34.78 -22.98
N PRO A 154 -8.98 -35.86 -22.63
CA PRO A 154 -10.39 -35.92 -23.05
C PRO A 154 -11.23 -34.73 -22.59
N TYR A 155 -10.99 -34.21 -21.39
CA TYR A 155 -11.72 -33.05 -20.92
C TYR A 155 -11.51 -31.87 -21.86
N TYR A 156 -10.26 -31.59 -22.22
CA TYR A 156 -9.97 -30.42 -23.03
C TYR A 156 -10.41 -30.63 -24.47
N HIS A 157 -10.33 -31.87 -24.97
CA HIS A 157 -10.87 -32.16 -26.28
C HIS A 157 -12.37 -31.89 -26.32
N GLY A 158 -13.08 -32.26 -25.25
CA GLY A 158 -14.49 -31.94 -25.17
C GLY A 158 -14.76 -30.45 -25.06
N VAL A 159 -13.94 -29.74 -24.29
CA VAL A 159 -14.15 -28.31 -24.09
C VAL A 159 -13.94 -27.55 -25.40
N TYR A 160 -12.91 -27.89 -26.15
CA TYR A 160 -12.61 -27.18 -27.38
C TYR A 160 -13.25 -27.81 -28.61
N GLY A 161 -13.92 -28.95 -28.45
CA GLY A 161 -14.57 -29.62 -29.57
C GLY A 161 -16.08 -29.66 -29.46
N ASP A 162 -16.71 -30.69 -30.00
CA ASP A 162 -18.15 -30.88 -29.89
C ASP A 162 -18.40 -32.20 -29.15
N ASP A 163 -18.29 -32.18 -27.83
CA ASP A 163 -18.61 -33.34 -27.04
C ASP A 163 -19.91 -33.04 -26.31
N PRO A 164 -20.97 -33.83 -26.55
CA PRO A 164 -22.26 -33.52 -25.91
C PRO A 164 -22.20 -33.55 -24.39
N ALA A 165 -21.28 -34.30 -23.81
CA ALA A 165 -21.13 -34.33 -22.35
C ALA A 165 -20.51 -33.06 -21.80
N LEU A 166 -19.85 -32.28 -22.67
CA LEU A 166 -19.15 -31.05 -22.22
C LEU A 166 -19.93 -29.81 -22.66
N GLN A 167 -21.08 -29.99 -23.31
CA GLN A 167 -21.86 -28.84 -23.82
C GLN A 167 -22.07 -27.81 -22.70
N THR A 168 -22.73 -28.22 -21.62
CA THR A 168 -23.00 -27.29 -20.48
C THR A 168 -21.72 -26.55 -20.13
N THR A 169 -20.65 -27.28 -19.80
CA THR A 169 -19.38 -26.65 -19.48
C THR A 169 -19.02 -25.58 -20.51
N ARG A 170 -19.17 -25.92 -21.79
CA ARG A 170 -18.83 -24.99 -22.86
C ARG A 170 -19.69 -23.72 -22.76
N GLU A 171 -20.99 -23.90 -22.50
CA GLU A 171 -21.85 -22.73 -22.30
C GLU A 171 -21.43 -21.93 -21.07
N HIS A 172 -21.09 -22.61 -19.99
CA HIS A 172 -20.62 -21.92 -18.79
C HIS A 172 -19.31 -21.17 -19.05
N PHE A 173 -18.55 -21.60 -20.05
CA PHE A 173 -17.30 -20.94 -20.42
C PHE A 173 -17.49 -19.88 -21.50
N ALA A 174 -18.73 -19.64 -21.94
CA ALA A 174 -19.01 -18.73 -23.04
C ALA A 174 -18.20 -19.12 -24.28
N MET A 175 -18.06 -20.42 -24.49
CA MET A 175 -17.35 -20.96 -25.64
C MET A 175 -18.36 -21.54 -26.61
N LYS A 176 -18.16 -21.25 -27.89
CA LYS A 176 -18.98 -21.85 -28.93
C LYS A 176 -18.68 -23.34 -29.02
N ASN A 177 -19.58 -24.07 -29.67
CA ASN A 177 -19.26 -25.44 -30.02
C ASN A 177 -18.18 -25.46 -31.08
N ASN A 178 -17.21 -26.37 -30.92
CA ASN A 178 -16.11 -26.52 -31.86
C ASN A 178 -15.27 -25.24 -31.93
N THR A 179 -14.78 -24.79 -30.78
CA THR A 179 -13.87 -23.63 -30.77
C THR A 179 -12.63 -23.92 -31.59
N LEU A 180 -12.10 -25.14 -31.49
CA LEU A 180 -10.99 -25.60 -32.33
C LEU A 180 -11.45 -26.90 -32.97
N PRO A 181 -12.07 -26.83 -34.16
CA PRO A 181 -12.71 -28.02 -34.74
C PRO A 181 -11.76 -29.18 -35.02
N SER A 182 -10.51 -28.91 -35.41
CA SER A 182 -9.59 -29.95 -35.83
C SER A 182 -9.03 -30.70 -34.63
N GLN A 183 -9.11 -32.03 -34.68
CA GLN A 183 -8.56 -32.85 -33.61
C GLN A 183 -7.06 -32.70 -33.49
N GLU A 184 -6.34 -32.72 -34.62
CA GLU A 184 -4.88 -32.59 -34.59
C GLU A 184 -4.46 -31.21 -34.08
N ALA A 185 -5.15 -30.16 -34.53
CA ALA A 185 -4.88 -28.84 -34.00
C ALA A 185 -5.13 -28.77 -32.51
N ARG A 186 -6.15 -29.47 -32.02
CA ARG A 186 -6.41 -29.53 -30.60
C ARG A 186 -5.27 -30.22 -29.85
N GLU A 187 -4.73 -31.29 -30.43
CA GLU A 187 -3.60 -31.97 -29.82
C GLU A 187 -2.40 -31.03 -29.70
N LYS A 188 -2.13 -30.26 -30.75
CA LYS A 188 -1.07 -29.25 -30.66
C LYS A 188 -1.38 -28.21 -29.60
N LEU A 189 -2.64 -27.77 -29.54
CA LEU A 189 -3.01 -26.75 -28.57
C LEU A 189 -2.78 -27.23 -27.15
N PHE A 190 -3.09 -28.48 -26.88
CA PHE A 190 -2.85 -29.02 -25.55
C PHE A 190 -1.38 -29.28 -25.29
N ASP A 191 -0.57 -29.52 -26.32
CA ASP A 191 0.88 -29.45 -26.17
C ASP A 191 1.31 -28.08 -25.67
N PHE A 192 0.77 -27.02 -26.26
CA PHE A 192 1.10 -25.67 -25.84
C PHE A 192 0.64 -25.39 -24.41
N PHE A 193 -0.56 -25.84 -24.07
CA PHE A 193 -1.07 -25.70 -22.70
C PHE A 193 -0.14 -26.41 -21.71
N PHE A 194 0.27 -27.63 -22.07
CA PHE A 194 1.21 -28.36 -21.19
C PHE A 194 2.48 -27.52 -21.03
N TRP A 195 3.05 -27.08 -22.15
CA TRP A 195 4.29 -26.25 -22.09
C TRP A 195 4.12 -25.12 -21.06
N THR A 196 3.05 -24.32 -21.20
CA THR A 196 2.79 -23.23 -20.24
C THR A 196 2.81 -23.79 -18.81
N SER A 197 1.99 -24.80 -18.55
CA SER A 197 1.92 -25.38 -17.18
C SER A 197 3.33 -25.77 -16.72
N TRP A 198 4.10 -26.44 -17.59
CA TRP A 198 5.45 -26.86 -17.24
C TRP A 198 6.32 -25.67 -16.85
N SER A 199 6.25 -24.59 -17.64
CA SER A 199 7.00 -23.38 -17.31
C SER A 199 6.55 -22.81 -15.97
N ALA A 200 5.24 -22.86 -15.70
CA ALA A 200 4.73 -22.33 -14.44
C ALA A 200 5.10 -23.18 -13.24
N SER A 201 5.44 -24.46 -13.45
CA SER A 201 5.66 -25.37 -12.30
C SER A 201 7.09 -25.93 -12.24
N THR A 202 8.00 -25.44 -13.08
CA THR A 202 9.37 -25.94 -13.10
C THR A 202 10.32 -24.86 -12.63
N ASN A 203 11.17 -25.20 -11.67
CA ASN A 203 12.13 -24.24 -11.15
C ASN A 203 13.07 -23.77 -12.25
N ARG A 204 13.45 -22.49 -12.18
CA ARG A 204 14.48 -21.98 -13.05
C ARG A 204 15.79 -22.72 -12.77
N PRO A 205 16.66 -22.86 -13.77
CA PRO A 205 17.83 -23.75 -13.60
C PRO A 205 18.69 -23.42 -12.39
N ASP A 206 18.81 -22.14 -12.05
CA ASP A 206 19.68 -21.74 -10.94
C ASP A 206 18.90 -21.32 -9.69
N GLU A 207 17.58 -21.35 -9.72
CA GLU A 207 16.76 -20.81 -8.65
C GLU A 207 15.89 -21.91 -8.04
N THR A 208 15.25 -21.57 -6.92
CA THR A 208 14.24 -22.41 -6.29
C THR A 208 12.81 -21.95 -6.61
N PHE A 209 12.65 -21.01 -7.53
CA PHE A 209 11.33 -20.57 -7.97
C PHE A 209 11.22 -20.81 -9.47
N THR A 210 9.99 -20.90 -9.95
CA THR A 210 9.74 -21.28 -11.32
C THR A 210 9.99 -20.12 -12.29
N TYR A 211 9.87 -20.42 -13.58
CA TYR A 211 10.02 -19.42 -14.62
C TYR A 211 8.98 -18.30 -14.50
N THR A 212 7.84 -18.60 -13.89
CA THR A 212 6.76 -17.64 -13.72
C THR A 212 6.76 -16.97 -12.36
N ASN A 213 7.89 -17.02 -11.65
CA ASN A 213 7.96 -16.51 -10.28
C ASN A 213 6.90 -17.16 -9.40
N ASN A 214 6.77 -18.48 -9.56
CA ASN A 214 5.90 -19.35 -8.78
C ASN A 214 4.41 -19.11 -9.05
N TRP A 215 4.07 -18.37 -10.10
CA TRP A 215 2.67 -18.22 -10.50
C TRP A 215 2.23 -19.45 -11.30
N PRO A 216 0.98 -19.91 -11.18
CA PRO A 216 -0.12 -19.39 -10.36
C PRO A 216 -0.07 -19.93 -8.95
N HIS A 217 -0.83 -19.34 -8.03
CA HIS A 217 -0.93 -19.89 -6.69
C HIS A 217 -1.48 -21.31 -6.76
N GLU A 218 -0.64 -22.28 -6.40
CA GLU A 218 -0.99 -23.69 -6.47
C GLU A 218 -0.37 -24.39 -5.27
N PRO A 219 -1.15 -24.56 -4.21
CA PRO A 219 -0.60 -25.12 -2.96
C PRO A 219 -0.01 -26.50 -3.11
N LEU A 220 -0.46 -27.26 -4.13
CA LEU A 220 -0.03 -28.64 -4.27
C LEU A 220 1.48 -28.74 -4.46
N ILE A 221 2.08 -27.79 -5.17
CA ILE A 221 3.52 -27.81 -5.42
C ILE A 221 4.19 -26.62 -4.77
N ASN A 222 3.52 -26.01 -3.78
CA ASN A 222 4.04 -24.85 -3.07
C ASN A 222 4.37 -23.71 -4.03
N ASN A 223 3.44 -23.48 -4.97
CA ASN A 223 3.56 -22.32 -5.90
C ASN A 223 3.05 -21.12 -5.11
N VAL A 224 3.93 -20.51 -4.32
CA VAL A 224 3.55 -19.42 -3.40
C VAL A 224 4.53 -18.28 -3.61
N PRO A 225 4.15 -17.05 -3.21
CA PRO A 225 5.04 -15.91 -3.46
C PRO A 225 6.41 -16.10 -2.82
N THR A 226 7.45 -15.70 -3.54
CA THR A 226 8.80 -15.74 -3.02
C THR A 226 9.01 -14.63 -1.98
N THR A 227 10.12 -14.71 -1.25
CA THR A 227 10.42 -13.67 -0.26
C THR A 227 10.58 -12.32 -0.93
N GLU A 228 11.30 -12.28 -2.06
CA GLU A 228 11.49 -11.04 -2.80
C GLU A 228 10.16 -10.44 -3.23
N ASN A 229 9.17 -11.27 -3.52
CA ASN A 229 7.84 -10.77 -3.83
C ASN A 229 7.31 -9.89 -2.70
N TYR A 230 7.33 -10.42 -1.47
CA TYR A 230 6.92 -9.63 -0.30
C TYR A 230 7.75 -8.37 -0.17
N MET A 231 9.07 -8.52 -0.23
CA MET A 231 9.97 -7.40 0.03
C MET A 231 9.73 -6.26 -0.93
N TRP A 232 9.70 -6.55 -2.22
CA TRP A 232 9.48 -5.51 -3.22
C TRP A 232 8.07 -4.95 -3.18
N SER A 233 7.07 -5.74 -2.78
CA SER A 233 5.74 -5.17 -2.58
C SER A 233 5.74 -4.10 -1.49
N PHE A 234 6.34 -4.41 -0.35
CA PHE A 234 6.41 -3.43 0.73
C PHE A 234 7.24 -2.21 0.30
N THR A 235 8.33 -2.45 -0.42
CA THR A 235 9.17 -1.36 -0.90
C THR A 235 8.38 -0.43 -1.82
N SER A 236 7.56 -1.01 -2.70
CA SER A 236 6.74 -0.20 -3.59
C SER A 236 5.72 0.63 -2.82
N VAL A 237 5.15 0.07 -1.75
CA VAL A 237 4.24 0.86 -0.92
C VAL A 237 4.97 2.06 -0.32
N VAL A 238 6.17 1.83 0.20
CA VAL A 238 6.94 2.91 0.82
C VAL A 238 7.26 3.98 -0.22
N LEU A 239 7.67 3.56 -1.42
CA LEU A 239 8.00 4.50 -2.48
C LEU A 239 6.78 5.32 -2.88
N LEU A 240 5.62 4.67 -2.98
CA LEU A 240 4.39 5.38 -3.34
C LEU A 240 4.08 6.46 -2.32
N LEU A 241 4.06 6.10 -1.04
CA LEU A 241 3.68 7.07 -0.01
C LEU A 241 4.68 8.22 0.07
N MET A 242 5.98 7.89 0.02
CA MET A 242 7.00 8.94 0.08
C MET A 242 6.91 9.86 -1.12
N GLY A 243 6.68 9.31 -2.32
CA GLY A 243 6.52 10.15 -3.50
C GLY A 243 5.31 11.05 -3.41
N ILE A 244 4.19 10.53 -2.90
CA ILE A 244 3.00 11.36 -2.75
C ILE A 244 3.29 12.52 -1.81
N GLY A 245 3.90 12.22 -0.67
CA GLY A 245 4.20 13.27 0.30
C GLY A 245 5.15 14.31 -0.25
N LEU A 246 6.21 13.87 -0.93
CA LEU A 246 7.19 14.81 -1.45
C LEU A 246 6.65 15.62 -2.62
N LEU A 247 5.80 15.03 -3.46
CA LEU A 247 5.17 15.79 -4.53
C LEU A 247 4.22 16.82 -3.97
N MET A 248 3.46 16.46 -2.94
CA MET A 248 2.63 17.45 -2.25
C MET A 248 3.46 18.57 -1.66
N TRP A 249 4.59 18.23 -1.04
CA TRP A 249 5.50 19.24 -0.51
C TRP A 249 5.98 20.16 -1.62
N GLY A 250 6.39 19.60 -2.75
CA GLY A 250 6.87 20.40 -3.85
C GLY A 250 5.79 21.29 -4.44
N TYR A 251 4.57 20.77 -4.58
CA TYR A 251 3.47 21.61 -5.05
C TYR A 251 3.22 22.77 -4.09
N SER A 252 3.23 22.48 -2.78
CA SER A 252 2.94 23.52 -1.80
C SER A 252 4.01 24.60 -1.80
N PHE A 253 5.27 24.22 -1.95
CA PHE A 253 6.35 25.20 -1.83
C PHE A 253 6.73 25.86 -3.15
N LEU A 254 6.42 25.25 -4.29
CA LEU A 254 6.91 25.70 -5.59
C LEU A 254 5.82 26.22 -6.52
N THR A 255 4.57 26.20 -6.10
CA THR A 255 3.45 26.68 -6.91
C THR A 255 2.77 27.82 -6.17
N LYS A 256 2.59 28.95 -6.87
CA LYS A 256 1.98 30.13 -6.29
C LYS A 256 0.53 30.32 -6.69
N HIS A 257 0.06 29.63 -7.73
CA HIS A 257 -1.33 29.70 -8.21
C HIS A 257 -1.67 31.14 -8.61
N GLU A 258 -1.00 31.58 -9.66
CA GLU A 258 -1.16 32.94 -10.17
C GLU A 258 -2.53 33.13 -10.79
N GLU A 259 -3.05 34.36 -10.69
CA GLU A 259 -4.34 34.71 -11.25
C GLU A 259 -4.14 35.35 -12.62
N VAL A 260 -4.90 34.91 -13.61
CA VAL A 260 -4.76 35.34 -14.99
C VAL A 260 -6.06 35.95 -15.46
N GLU A 261 -5.97 37.11 -16.11
CA GLU A 261 -7.15 37.79 -16.63
C GLU A 261 -7.58 37.16 -17.96
N VAL A 262 -8.82 36.67 -17.99
CA VAL A 262 -9.36 35.98 -19.16
C VAL A 262 -9.61 37.00 -20.27
N PRO A 263 -9.31 36.67 -21.53
CA PRO A 263 -9.66 37.58 -22.62
C PRO A 263 -11.16 37.72 -22.76
N THR A 264 -11.58 38.89 -23.25
CA THR A 264 -13.01 39.17 -23.36
C THR A 264 -13.68 38.37 -24.47
N GLU A 265 -12.94 37.94 -25.49
CA GLU A 265 -13.47 37.11 -26.56
C GLU A 265 -12.75 35.78 -26.58
N ASP A 266 -13.41 34.77 -27.13
CA ASP A 266 -12.79 33.45 -27.21
C ASP A 266 -11.75 33.46 -28.33
N PRO A 267 -10.46 33.28 -28.02
CA PRO A 267 -9.44 33.37 -29.08
C PRO A 267 -9.58 32.32 -30.17
N ILE A 268 -9.99 31.11 -29.82
CA ILE A 268 -10.11 30.04 -30.80
C ILE A 268 -11.28 30.27 -31.75
N SER A 269 -12.40 30.78 -31.25
CA SER A 269 -13.56 31.07 -32.07
C SER A 269 -13.31 32.23 -33.04
N LYS A 270 -12.28 33.03 -32.83
CA LYS A 270 -11.95 34.12 -33.74
C LYS A 270 -11.29 33.63 -35.02
N VAL A 271 -10.57 32.51 -34.97
CA VAL A 271 -9.88 31.98 -36.13
C VAL A 271 -10.88 31.29 -37.05
N GLN A 272 -10.84 31.62 -38.34
CA GLN A 272 -11.74 31.00 -39.29
C GLN A 272 -11.32 29.56 -39.54
N LEU A 273 -12.32 28.69 -39.72
CA LEU A 273 -12.05 27.26 -39.89
C LEU A 273 -11.50 26.98 -41.27
N THR A 274 -10.47 26.14 -41.32
CA THR A 274 -9.90 25.67 -42.57
C THR A 274 -10.70 24.48 -43.10
N PRO A 275 -10.60 24.19 -44.40
CA PRO A 275 -11.35 23.04 -44.96
C PRO A 275 -11.03 21.72 -44.27
N SER A 276 -9.76 21.47 -43.93
CA SER A 276 -9.45 20.21 -43.24
C SER A 276 -10.05 20.18 -41.85
N GLN A 277 -10.11 21.33 -41.17
CA GLN A 277 -10.78 21.39 -39.89
C GLN A 277 -12.26 21.06 -40.02
N LYS A 278 -12.92 21.62 -41.04
CA LYS A 278 -14.33 21.32 -41.25
C LYS A 278 -14.55 19.86 -41.62
N ALA A 279 -13.54 19.23 -42.23
CA ALA A 279 -13.62 17.82 -42.58
C ALA A 279 -13.56 16.90 -41.35
N LEU A 280 -13.47 17.44 -40.15
CA LEU A 280 -13.33 16.65 -38.94
C LEU A 280 -14.66 16.33 -38.26
N GLY A 281 -15.77 16.86 -38.78
CA GLY A 281 -17.07 16.50 -38.25
C GLY A 281 -17.35 15.02 -38.40
N LYS A 282 -16.96 14.43 -39.53
CA LYS A 282 -17.11 12.99 -39.70
C LYS A 282 -16.25 12.23 -38.71
N TYR A 283 -15.07 12.76 -38.35
CA TYR A 283 -14.28 12.14 -37.29
C TYR A 283 -15.00 12.18 -35.95
N VAL A 284 -15.62 13.31 -35.63
CA VAL A 284 -16.37 13.40 -34.37
C VAL A 284 -17.48 12.36 -34.34
N PHE A 285 -18.21 12.26 -35.44
CA PHE A 285 -19.29 11.29 -35.51
C PHE A 285 -18.76 9.86 -35.46
N LEU A 286 -17.63 9.59 -36.11
CA LEU A 286 -17.03 8.26 -36.04
C LEU A 286 -16.67 7.90 -34.61
N THR A 287 -16.07 8.84 -33.88
CA THR A 287 -15.73 8.58 -32.48
C THR A 287 -16.96 8.20 -31.67
N VAL A 288 -18.01 9.02 -31.75
CA VAL A 288 -19.17 8.74 -30.89
C VAL A 288 -19.92 7.49 -31.35
N ALA A 289 -20.03 7.25 -32.67
CA ALA A 289 -20.71 6.06 -33.16
C ALA A 289 -19.97 4.80 -32.77
N LEU A 290 -18.64 4.79 -32.91
CA LEU A 290 -17.87 3.63 -32.46
C LEU A 290 -17.98 3.45 -30.96
N PHE A 291 -18.10 4.53 -30.21
CA PHE A 291 -18.35 4.42 -28.77
C PHE A 291 -19.65 3.67 -28.50
N VAL A 292 -20.71 4.05 -29.21
CA VAL A 292 -22.01 3.40 -28.98
C VAL A 292 -21.95 1.92 -29.38
N VAL A 293 -21.34 1.62 -30.53
CA VAL A 293 -21.19 0.24 -30.96
C VAL A 293 -20.36 -0.55 -29.94
N GLN A 294 -19.32 0.07 -29.40
CA GLN A 294 -18.46 -0.60 -28.43
C GLN A 294 -19.23 -0.96 -27.16
N VAL A 295 -20.01 -0.01 -26.62
CA VAL A 295 -20.74 -0.34 -25.40
C VAL A 295 -21.82 -1.39 -25.68
N LEU A 296 -22.45 -1.35 -26.86
CA LEU A 296 -23.40 -2.39 -27.22
C LEU A 296 -22.72 -3.75 -27.29
N LEU A 297 -21.52 -3.80 -27.85
CA LEU A 297 -20.77 -5.06 -27.90
C LEU A 297 -20.43 -5.54 -26.50
N GLY A 298 -20.14 -4.62 -25.58
CA GLY A 298 -19.95 -4.99 -24.20
C GLY A 298 -21.18 -5.60 -23.59
N GLY A 299 -22.34 -5.03 -23.89
CA GLY A 299 -23.58 -5.63 -23.42
C GLY A 299 -23.79 -7.04 -23.95
N LEU A 300 -23.49 -7.26 -25.23
CA LEU A 300 -23.60 -8.60 -25.81
C LEU A 300 -22.63 -9.57 -25.13
N THR A 301 -21.38 -9.15 -24.95
CA THR A 301 -20.39 -10.00 -24.30
C THR A 301 -20.83 -10.35 -22.87
N ALA A 302 -21.39 -9.36 -22.16
CA ALA A 302 -21.89 -9.60 -20.81
C ALA A 302 -23.07 -10.56 -20.81
N HIS A 303 -23.95 -10.47 -21.82
CA HIS A 303 -25.01 -11.45 -21.93
C HIS A 303 -24.46 -12.85 -22.11
N TYR A 304 -23.35 -12.99 -22.83
CA TYR A 304 -22.72 -14.30 -22.96
C TYR A 304 -22.22 -14.86 -21.63
N THR A 305 -21.91 -13.99 -20.65
CA THR A 305 -21.41 -14.47 -19.37
C THR A 305 -22.52 -14.96 -18.45
N VAL A 306 -23.78 -14.70 -18.78
CA VAL A 306 -24.90 -15.29 -18.06
C VAL A 306 -25.66 -16.31 -18.90
N GLU A 307 -25.67 -16.17 -20.23
CA GLU A 307 -26.27 -17.15 -21.14
C GLU A 307 -25.19 -17.46 -22.18
N GLY A 308 -24.49 -18.57 -21.96
CA GLY A 308 -23.21 -18.78 -22.61
C GLY A 308 -23.28 -18.90 -24.12
N GLN A 309 -24.35 -19.48 -24.65
CA GLN A 309 -24.42 -19.76 -26.08
C GLN A 309 -25.67 -19.21 -26.75
N GLY A 310 -26.74 -18.95 -26.01
CA GLY A 310 -28.02 -18.67 -26.60
C GLY A 310 -28.54 -17.28 -26.30
N PHE A 311 -29.13 -16.67 -27.32
CA PHE A 311 -29.88 -15.43 -27.17
C PHE A 311 -31.26 -15.80 -26.62
N TYR A 312 -32.11 -14.79 -26.43
CA TYR A 312 -33.48 -15.06 -26.01
C TYR A 312 -34.31 -15.66 -27.14
N GLY A 313 -33.74 -15.80 -28.33
CA GLY A 313 -34.43 -16.42 -29.44
C GLY A 313 -34.78 -15.44 -30.54
N GLY A 319 -33.60 -16.59 -33.91
CA GLY A 319 -33.38 -17.41 -35.09
C GLY A 319 -32.21 -18.38 -34.95
N PHE A 320 -31.25 -18.26 -35.86
CA PHE A 320 -30.09 -19.15 -35.91
C PHE A 320 -29.28 -19.07 -34.62
N GLU A 321 -28.34 -20.01 -34.50
CA GLU A 321 -27.48 -20.06 -33.29
C GLU A 321 -26.48 -18.92 -33.37
N MET A 322 -26.55 -18.01 -32.39
CA MET A 322 -25.69 -16.84 -32.39
C MET A 322 -24.24 -17.21 -32.16
N SER A 323 -23.99 -18.18 -31.27
CA SER A 323 -22.63 -18.51 -30.86
C SER A 323 -21.79 -19.13 -31.98
N ASP A 324 -22.41 -19.66 -33.04
CA ASP A 324 -21.58 -20.16 -34.14
C ASP A 324 -20.92 -19.03 -34.90
N TRP A 325 -21.57 -17.90 -35.05
CA TRP A 325 -21.07 -16.82 -35.88
C TRP A 325 -20.60 -15.60 -35.11
N PHE A 326 -21.25 -15.26 -34.00
CA PHE A 326 -20.82 -14.14 -33.16
C PHE A 326 -20.65 -14.65 -31.73
N PRO A 327 -19.66 -15.51 -31.49
CA PRO A 327 -19.46 -16.04 -30.14
C PRO A 327 -18.88 -15.00 -29.20
N TYR A 328 -18.84 -15.34 -27.92
CA TYR A 328 -18.27 -14.46 -26.91
C TYR A 328 -16.86 -14.01 -27.30
N ALA A 329 -16.07 -14.92 -27.87
CA ALA A 329 -14.71 -14.56 -28.26
C ALA A 329 -14.71 -13.39 -29.23
N LEU A 330 -15.58 -13.45 -30.23
CA LEU A 330 -15.63 -12.41 -31.25
C LEU A 330 -16.15 -11.09 -30.68
N THR A 331 -17.23 -11.15 -29.91
CA THR A 331 -17.81 -9.93 -29.37
C THR A 331 -16.86 -9.27 -28.37
N ARG A 332 -16.15 -10.06 -27.57
CA ARG A 332 -15.13 -9.51 -26.68
C ARG A 332 -14.01 -8.86 -27.49
N THR A 333 -13.55 -9.54 -28.55
CA THR A 333 -12.50 -8.96 -29.39
C THR A 333 -12.93 -7.61 -29.93
N TRP A 334 -14.14 -7.55 -30.50
CA TRP A 334 -14.63 -6.31 -31.07
C TRP A 334 -14.86 -5.25 -30.01
N HIS A 335 -15.29 -5.68 -28.82
CA HIS A 335 -15.52 -4.73 -27.70
C HIS A 335 -14.21 -4.03 -27.32
N ILE A 336 -13.11 -4.80 -27.22
CA ILE A 336 -11.80 -4.22 -26.82
C ILE A 336 -11.24 -3.40 -27.98
N GLN A 337 -11.25 -3.96 -29.20
CA GLN A 337 -10.67 -3.27 -30.34
C GLN A 337 -11.41 -1.96 -30.63
N SER A 338 -12.73 -1.98 -30.51
CA SER A 338 -13.52 -0.77 -30.72
C SER A 338 -13.18 0.29 -29.68
N ALA A 339 -12.96 -0.14 -28.42
CA ALA A 339 -12.53 0.82 -27.41
C ALA A 339 -11.25 1.52 -27.85
N ILE A 340 -10.25 0.72 -28.25
CA ILE A 340 -8.98 1.31 -28.71
C ILE A 340 -9.23 2.26 -29.87
N PHE A 341 -10.02 1.82 -30.84
CA PHE A 341 -10.22 2.58 -32.07
C PHE A 341 -10.89 3.92 -31.79
N TRP A 342 -11.95 3.93 -30.99
CA TRP A 342 -12.69 5.18 -30.83
C TRP A 342 -11.95 6.15 -29.91
N ILE A 343 -11.24 5.65 -28.89
CA ILE A 343 -10.42 6.56 -28.08
C ILE A 343 -9.30 7.15 -28.94
N ALA A 344 -8.64 6.31 -29.73
CA ALA A 344 -7.56 6.80 -30.59
C ALA A 344 -8.09 7.79 -31.61
N THR A 345 -9.28 7.54 -32.17
CA THR A 345 -9.87 8.44 -33.14
C THR A 345 -10.17 9.80 -32.51
N GLY A 346 -10.66 9.80 -31.27
CA GLY A 346 -10.86 11.07 -30.58
C GLY A 346 -9.56 11.85 -30.43
N PHE A 347 -8.50 11.17 -30.03
CA PHE A 347 -7.21 11.84 -29.91
C PHE A 347 -6.71 12.39 -31.25
N LEU A 348 -6.84 11.58 -32.32
CA LEU A 348 -6.39 12.00 -33.63
C LEU A 348 -7.18 13.20 -34.12
N THR A 349 -8.49 13.21 -33.86
CA THR A 349 -9.32 14.34 -34.24
C THR A 349 -8.89 15.61 -33.52
N ALA A 350 -8.59 15.50 -32.22
CA ALA A 350 -8.10 16.66 -31.48
C ALA A 350 -6.82 17.19 -32.11
N GLY A 351 -5.89 16.29 -32.44
CA GLY A 351 -4.66 16.74 -33.06
C GLY A 351 -4.88 17.40 -34.41
N LEU A 352 -5.71 16.79 -35.26
CA LEU A 352 -5.95 17.33 -36.59
C LEU A 352 -6.68 18.66 -36.54
N PHE A 353 -7.50 18.90 -35.51
CA PHE A 353 -8.12 20.21 -35.36
C PHE A 353 -7.11 21.24 -34.88
N LEU A 354 -6.24 20.88 -33.95
CA LEU A 354 -5.29 21.85 -33.44
C LEU A 354 -4.20 22.21 -34.45
N ALA A 355 -3.89 21.31 -35.38
CA ALA A 355 -2.76 21.53 -36.28
C ALA A 355 -2.85 22.80 -37.11
N PRO A 356 -3.95 23.07 -37.83
CA PRO A 356 -4.00 24.33 -38.58
C PRO A 356 -3.94 25.57 -37.71
N ILE A 357 -4.43 25.50 -36.48
CA ILE A 357 -4.30 26.63 -35.56
C ILE A 357 -2.84 26.88 -35.22
N VAL A 358 -2.04 25.82 -35.08
CA VAL A 358 -0.60 25.98 -34.90
C VAL A 358 0.02 26.62 -36.14
N ASN A 359 -0.50 26.29 -37.33
CA ASN A 359 0.02 26.80 -38.59
C ASN A 359 -0.53 28.18 -38.95
N GLY A 360 -1.05 28.93 -37.97
CA GLY A 360 -1.54 30.27 -38.23
C GLY A 360 -2.94 30.34 -38.78
N GLY A 361 -3.73 29.27 -38.67
CA GLY A 361 -5.08 29.27 -39.17
C GLY A 361 -5.22 28.97 -40.65
N LYS A 362 -4.24 28.32 -41.26
CA LYS A 362 -4.34 27.97 -42.66
C LYS A 362 -3.83 26.54 -42.85
N ASP A 363 -4.33 25.89 -43.91
CA ASP A 363 -3.94 24.53 -44.22
C ASP A 363 -2.77 24.50 -45.18
N PRO A 364 -1.81 23.60 -44.97
CA PRO A 364 -0.84 23.29 -46.02
C PRO A 364 -1.56 22.64 -47.20
N LYS A 365 -0.80 22.45 -48.28
CA LYS A 365 -1.37 21.90 -49.50
C LYS A 365 -1.90 20.49 -49.28
N PHE A 366 -3.12 20.24 -49.74
CA PHE A 366 -3.82 18.96 -49.62
C PHE A 366 -3.90 18.45 -48.19
N GLN A 367 -4.04 19.33 -47.20
CA GLN A 367 -4.27 18.82 -45.85
C GLN A 367 -5.63 18.19 -45.71
N ARG A 368 -6.65 18.73 -46.36
CA ARG A 368 -7.97 18.12 -46.33
C ARG A 368 -7.98 16.78 -47.05
N ALA A 369 -7.22 16.66 -48.15
CA ALA A 369 -7.09 15.38 -48.82
C ALA A 369 -6.43 14.35 -47.89
N GLY A 370 -5.41 14.77 -47.15
CA GLY A 370 -4.80 13.87 -46.18
C GLY A 370 -5.74 13.45 -45.08
N VAL A 371 -6.56 14.39 -44.61
CA VAL A 371 -7.54 14.08 -43.56
C VAL A 371 -8.54 13.05 -44.07
N ASN A 372 -9.04 13.24 -45.29
CA ASN A 372 -9.98 12.30 -45.89
C ASN A 372 -9.34 10.93 -46.10
N PHE A 373 -8.09 10.91 -46.57
CA PHE A 373 -7.39 9.64 -46.76
C PHE A 373 -7.22 8.92 -45.43
N LEU A 374 -6.90 9.65 -44.37
CA LEU A 374 -6.76 9.04 -43.05
C LEU A 374 -8.09 8.46 -42.59
N TYR A 375 -9.19 9.17 -42.82
CA TYR A 375 -10.51 8.67 -42.48
C TYR A 375 -10.80 7.34 -43.18
N ILE A 376 -10.54 7.30 -44.49
CA ILE A 376 -10.79 6.08 -45.26
C ILE A 376 -9.90 4.95 -44.76
N ALA A 377 -8.64 5.25 -44.45
CA ALA A 377 -7.73 4.23 -43.96
C ALA A 377 -8.20 3.68 -42.61
N LEU A 378 -8.74 4.55 -41.75
CA LEU A 378 -9.27 4.08 -40.47
C LEU A 378 -10.46 3.16 -40.67
N PHE A 379 -11.37 3.53 -41.59
CA PHE A 379 -12.47 2.63 -41.90
C PHE A 379 -11.98 1.30 -42.44
N ILE A 380 -10.98 1.32 -43.30
CA ILE A 380 -10.46 0.07 -43.85
C ILE A 380 -9.86 -0.79 -42.74
N VAL A 381 -9.07 -0.18 -41.85
CA VAL A 381 -8.48 -0.93 -40.75
C VAL A 381 -9.56 -1.57 -39.89
N VAL A 382 -10.55 -0.78 -39.48
CA VAL A 382 -11.59 -1.31 -38.58
C VAL A 382 -12.36 -2.43 -39.26
N GLY A 383 -12.89 -2.16 -40.47
CA GLY A 383 -13.73 -3.14 -41.14
C GLY A 383 -12.97 -4.40 -41.52
N GLY A 384 -11.78 -4.24 -42.09
CA GLY A 384 -10.96 -5.36 -42.45
C GLY A 384 -10.54 -6.20 -41.26
N SER A 385 -10.11 -5.57 -40.17
CA SER A 385 -9.71 -6.34 -39.00
C SER A 385 -10.90 -7.09 -38.41
N TYR A 386 -12.07 -6.45 -38.37
CA TYR A 386 -13.23 -7.11 -37.78
C TYR A 386 -13.70 -8.27 -38.66
N ALA A 387 -13.70 -8.09 -39.98
CA ALA A 387 -14.03 -9.18 -40.89
C ALA A 387 -13.01 -10.31 -40.76
N GLY A 388 -11.74 -9.98 -40.63
CA GLY A 388 -10.72 -11.00 -40.44
C GLY A 388 -10.91 -11.78 -39.16
N ASN A 389 -11.27 -11.09 -38.07
CA ASN A 389 -11.60 -11.78 -36.83
C ASN A 389 -12.77 -12.73 -37.04
N PHE A 390 -13.80 -12.25 -37.74
CA PHE A 390 -14.99 -13.06 -37.95
C PHE A 390 -14.67 -14.33 -38.72
N PHE A 391 -13.86 -14.21 -39.78
CA PHE A 391 -13.52 -15.37 -40.59
C PHE A 391 -12.44 -16.24 -39.94
N ALA A 392 -11.66 -15.69 -39.02
CA ALA A 392 -10.71 -16.51 -38.26
C ALA A 392 -11.41 -17.37 -37.22
N LEU A 393 -12.39 -16.81 -36.52
CA LEU A 393 -13.03 -17.54 -35.43
C LEU A 393 -13.95 -18.64 -35.94
N THR A 394 -14.54 -18.44 -37.12
CA THR A 394 -15.29 -19.50 -37.78
C THR A 394 -14.39 -20.51 -38.48
N HIS A 395 -13.09 -20.24 -38.54
CA HIS A 395 -12.10 -21.12 -39.16
C HIS A 395 -12.32 -21.25 -40.66
N ILE A 396 -13.12 -20.33 -41.22
CA ILE A 396 -13.22 -20.23 -42.68
C ILE A 396 -11.89 -19.81 -43.28
N LEU A 397 -11.23 -18.84 -42.65
CA LEU A 397 -9.91 -18.42 -43.09
C LEU A 397 -8.90 -19.52 -42.78
N PRO A 398 -8.12 -19.97 -43.76
CA PRO A 398 -7.17 -21.07 -43.51
C PRO A 398 -6.11 -20.67 -42.51
N PRO A 399 -5.60 -21.62 -41.73
CA PRO A 399 -4.73 -21.27 -40.58
C PRO A 399 -3.47 -20.51 -40.95
N GLU A 400 -2.89 -20.76 -42.12
CA GLU A 400 -1.61 -20.12 -42.46
C GLU A 400 -1.73 -18.62 -42.65
N PHE A 401 -2.93 -18.08 -42.79
CA PHE A 401 -3.14 -16.63 -42.89
C PHE A 401 -3.73 -16.03 -41.63
N ASN A 402 -3.90 -16.82 -40.56
CA ASN A 402 -4.59 -16.31 -39.37
C ASN A 402 -3.84 -15.15 -38.74
N PHE A 403 -2.52 -15.26 -38.61
CA PHE A 403 -1.78 -14.21 -37.91
C PHE A 403 -1.76 -12.90 -38.68
N TRP A 404 -1.76 -12.97 -40.01
CA TRP A 404 -1.66 -11.75 -40.81
C TRP A 404 -3.02 -11.12 -41.08
N PHE A 405 -4.07 -11.92 -41.22
CA PHE A 405 -5.36 -11.39 -41.62
C PHE A 405 -6.50 -11.72 -40.65
N GLY A 406 -6.31 -12.68 -39.75
CA GLY A 406 -7.41 -13.14 -38.93
C GLY A 406 -7.41 -12.61 -37.52
N HIS A 407 -7.00 -13.44 -36.58
CA HIS A 407 -7.01 -13.10 -35.16
C HIS A 407 -5.64 -13.44 -34.58
N GLN A 408 -4.95 -12.42 -34.07
CA GLN A 408 -3.64 -12.68 -33.49
C GLN A 408 -3.73 -13.46 -32.19
N GLY A 409 -4.89 -13.45 -31.54
CA GLY A 409 -5.06 -14.13 -30.27
C GLY A 409 -4.44 -13.42 -29.09
N TYR A 410 -3.87 -12.24 -29.30
CA TYR A 410 -3.21 -11.49 -28.24
C TYR A 410 -4.05 -10.26 -27.94
N GLU A 411 -4.47 -10.14 -26.69
CA GLU A 411 -5.42 -9.11 -26.27
C GLU A 411 -4.89 -7.72 -26.57
N TYR A 412 -5.78 -6.85 -27.06
CA TYR A 412 -5.52 -5.46 -27.43
C TYR A 412 -4.72 -5.35 -28.72
N LEU A 413 -4.21 -6.47 -29.21
CA LEU A 413 -3.55 -6.55 -30.50
C LEU A 413 -4.15 -7.70 -31.29
N ASP A 414 -5.45 -7.89 -31.15
CA ASP A 414 -6.13 -9.04 -31.74
C ASP A 414 -6.16 -8.96 -33.25
N LEU A 415 -6.15 -7.75 -33.81
CA LEU A 415 -6.25 -7.58 -35.25
C LEU A 415 -5.06 -8.22 -35.95
N GLY A 416 -5.30 -8.69 -37.18
CA GLY A 416 -4.25 -9.33 -37.93
C GLY A 416 -3.09 -8.39 -38.21
N ARG A 417 -1.92 -8.99 -38.38
CA ARG A 417 -0.69 -8.19 -38.54
C ARG A 417 -0.77 -7.26 -39.74
N PHE A 418 -1.49 -7.65 -40.79
CA PHE A 418 -1.65 -6.77 -41.94
C PHE A 418 -2.39 -5.48 -41.56
N TRP A 419 -3.51 -5.62 -40.84
CA TRP A 419 -4.25 -4.44 -40.41
C TRP A 419 -3.47 -3.63 -39.39
N GLN A 420 -2.65 -4.29 -38.57
CA GLN A 420 -1.79 -3.57 -37.64
C GLN A 420 -0.76 -2.73 -38.38
N LEU A 421 -0.17 -3.29 -39.46
CA LEU A 421 0.73 -2.52 -40.31
C LEU A 421 0.03 -1.33 -40.94
N LEU A 422 -1.19 -1.55 -41.43
CA LEU A 422 -1.93 -0.45 -42.06
C LEU A 422 -2.30 0.63 -41.03
N LEU A 423 -2.64 0.24 -39.80
CA LEU A 423 -2.87 1.21 -38.74
C LEU A 423 -1.61 1.98 -38.42
N MET A 424 -0.45 1.30 -38.43
CA MET A 424 0.82 1.99 -38.23
C MET A 424 1.07 3.02 -39.32
N VAL A 425 0.77 2.66 -40.56
CA VAL A 425 0.89 3.61 -41.68
C VAL A 425 -0.05 4.79 -41.48
N GLY A 426 -1.29 4.53 -41.05
CA GLY A 426 -2.22 5.62 -40.79
C GLY A 426 -1.77 6.54 -39.69
N LEU A 427 -1.20 5.99 -38.62
CA LEU A 427 -0.65 6.82 -37.55
C LEU A 427 0.54 7.64 -38.04
N LEU A 428 1.37 7.07 -38.91
CA LEU A 428 2.46 7.83 -39.50
C LEU A 428 1.94 8.97 -40.36
N LEU A 429 0.89 8.71 -41.15
CA LEU A 429 0.29 9.77 -41.95
C LEU A 429 -0.29 10.87 -41.07
N TRP A 430 -0.94 10.49 -39.97
CA TRP A 430 -1.45 11.48 -39.03
C TRP A 430 -0.31 12.32 -38.45
N LEU A 431 0.80 11.66 -38.10
CA LEU A 431 1.95 12.38 -37.58
C LEU A 431 2.49 13.37 -38.61
N PHE A 432 2.53 12.96 -39.87
CA PHE A 432 2.98 13.85 -40.93
C PHE A 432 2.09 15.07 -41.03
N LEU A 433 0.77 14.85 -41.02
CA LEU A 433 -0.17 15.96 -41.09
C LEU A 433 -0.07 16.89 -39.89
N MET A 434 0.29 16.36 -38.72
CA MET A 434 0.55 17.24 -37.57
C MET A 434 1.84 18.04 -37.75
N LEU A 435 2.95 17.36 -38.02
CA LEU A 435 4.26 18.00 -38.03
C LEU A 435 4.38 19.06 -39.12
N ARG A 436 3.76 18.82 -40.28
CA ARG A 436 3.84 19.81 -41.35
C ARG A 436 3.07 21.09 -41.01
N CYS A 437 2.18 21.03 -40.03
CA CYS A 437 1.49 22.23 -39.54
C CYS A 437 2.27 22.95 -38.45
N THR A 438 3.34 22.34 -37.92
CA THR A 438 4.15 22.95 -36.88
C THR A 438 5.50 23.43 -37.40
N VAL A 439 5.89 23.02 -38.60
CA VAL A 439 7.17 23.47 -39.15
C VAL A 439 7.24 25.00 -39.17
N SER A 440 6.20 25.65 -39.69
CA SER A 440 6.22 27.12 -39.80
C SER A 440 6.23 27.77 -38.43
N ALA A 441 5.48 27.22 -37.47
CA ALA A 441 5.49 27.76 -36.12
C ALA A 441 6.87 27.65 -35.49
N PHE A 442 7.59 26.57 -35.76
CA PHE A 442 8.96 26.45 -35.27
C PHE A 442 9.90 27.42 -35.96
N LYS A 443 9.68 27.70 -37.25
CA LYS A 443 10.52 28.66 -37.95
C LYS A 443 10.26 30.11 -37.55
N GLU A 444 9.22 30.36 -36.76
CA GLU A 444 8.87 31.72 -36.37
C GLU A 444 9.99 32.34 -35.55
N LYS A 445 10.16 33.66 -35.67
CA LYS A 445 11.22 34.38 -35.00
C LYS A 445 10.66 35.15 -33.81
N GLY A 446 11.30 35.01 -32.65
CA GLY A 446 11.01 35.82 -31.47
C GLY A 446 10.08 35.17 -30.47
N VAL A 447 9.56 33.99 -30.74
CA VAL A 447 8.56 33.37 -29.89
C VAL A 447 9.16 32.15 -29.19
N ASP A 448 8.84 32.03 -27.91
CA ASP A 448 9.27 30.87 -27.12
C ASP A 448 8.53 29.64 -27.63
N LYS A 449 9.26 28.59 -27.96
CA LYS A 449 8.68 27.39 -28.57
C LYS A 449 8.77 26.17 -27.65
N ASN A 450 9.06 26.36 -26.37
CA ASN A 450 9.20 25.21 -25.47
C ASN A 450 7.87 24.47 -25.31
N LEU A 451 6.78 25.19 -25.12
CA LEU A 451 5.47 24.55 -25.02
C LEU A 451 5.12 23.82 -26.31
N LEU A 452 5.35 24.47 -27.45
CA LEU A 452 5.12 23.81 -28.72
C LEU A 452 6.06 22.64 -28.92
N ALA A 453 7.30 22.76 -28.44
CA ALA A 453 8.25 21.64 -28.57
C ALA A 453 7.78 20.42 -27.81
N ILE A 454 7.31 20.58 -26.58
CA ILE A 454 6.87 19.43 -25.81
C ILE A 454 5.57 18.87 -26.37
N PHE A 455 4.68 19.74 -26.87
CA PHE A 455 3.47 19.26 -27.52
C PHE A 455 3.78 18.44 -28.76
N VAL A 456 4.75 18.89 -29.57
CA VAL A 456 5.17 18.14 -30.75
C VAL A 456 5.84 16.83 -30.37
N ALA A 457 6.63 16.83 -29.30
CA ALA A 457 7.23 15.58 -28.82
C ALA A 457 6.15 14.59 -28.42
N SER A 458 5.08 15.07 -27.76
CA SER A 458 3.96 14.20 -27.46
C SER A 458 3.28 13.66 -28.71
N MET A 459 3.12 14.51 -29.75
CA MET A 459 2.59 14.02 -31.03
C MET A 459 3.45 12.89 -31.58
N VAL A 460 4.77 13.08 -31.56
CA VAL A 460 5.67 12.07 -32.12
C VAL A 460 5.54 10.77 -31.33
N GLY A 461 5.48 10.87 -30.00
CA GLY A 461 5.29 9.67 -29.20
C GLY A 461 4.01 8.93 -29.56
N VAL A 462 2.90 9.66 -29.67
CA VAL A 462 1.62 9.04 -30.01
C VAL A 462 1.69 8.38 -31.39
N GLY A 463 2.28 9.06 -32.37
CA GLY A 463 2.32 8.54 -33.71
C GLY A 463 3.39 7.51 -33.99
N VAL A 464 4.32 7.28 -33.07
CA VAL A 464 5.40 6.33 -33.32
C VAL A 464 5.28 5.08 -32.44
N PHE A 465 4.87 5.24 -31.18
CA PHE A 465 5.02 4.14 -30.23
C PHE A 465 3.94 3.06 -30.36
N TYR A 466 3.19 3.04 -31.46
CA TYR A 466 2.45 1.83 -31.82
C TYR A 466 3.33 0.81 -32.54
N ALA A 467 4.50 1.24 -33.01
CA ALA A 467 5.39 0.36 -33.76
C ALA A 467 5.86 -0.88 -32.99
N PRO A 468 6.21 -0.82 -31.69
CA PRO A 468 6.73 -2.03 -31.01
C PRO A 468 5.79 -3.22 -31.07
N GLY A 469 4.51 -3.00 -31.37
CA GLY A 469 3.59 -4.10 -31.56
C GLY A 469 3.91 -4.94 -32.78
N LEU A 470 4.82 -4.50 -33.63
CA LEU A 470 5.24 -5.23 -34.82
C LEU A 470 6.53 -6.01 -34.61
N PHE A 471 7.10 -5.97 -33.40
CA PHE A 471 8.41 -6.54 -33.14
C PHE A 471 8.37 -8.01 -32.76
N TYR A 472 7.17 -8.60 -32.67
CA TYR A 472 7.02 -10.02 -32.41
C TYR A 472 6.29 -10.66 -33.59
N GLY A 473 6.47 -11.96 -33.74
CA GLY A 473 5.81 -12.69 -34.80
C GLY A 473 4.86 -13.75 -34.30
N GLU A 474 4.28 -14.52 -35.23
CA GLU A 474 3.37 -15.61 -34.87
C GLU A 474 4.07 -16.63 -33.99
N LYS A 475 5.32 -16.97 -34.33
CA LYS A 475 6.07 -17.98 -33.61
C LYS A 475 6.98 -17.39 -32.54
N SER A 476 6.86 -16.10 -32.24
CA SER A 476 7.69 -15.52 -31.21
C SER A 476 7.37 -16.15 -29.86
N PRO A 477 8.36 -16.30 -28.97
CA PRO A 477 8.08 -16.83 -27.64
C PRO A 477 7.08 -15.93 -26.90
N ILE A 478 6.28 -16.56 -26.03
CA ILE A 478 5.20 -15.86 -25.35
C ILE A 478 5.74 -14.67 -24.57
N ALA A 479 6.88 -14.84 -23.89
CA ALA A 479 7.42 -13.77 -23.07
C ALA A 479 7.86 -12.57 -23.92
N VAL A 480 8.47 -12.83 -25.07
CA VAL A 480 8.88 -11.76 -25.97
C VAL A 480 7.66 -11.01 -26.48
N MET A 481 6.64 -11.75 -26.90
CA MET A 481 5.40 -11.13 -27.37
C MET A 481 4.78 -10.29 -26.27
N GLU A 482 4.79 -10.80 -25.04
CA GLU A 482 4.23 -10.03 -23.92
C GLU A 482 5.00 -8.73 -23.72
N TYR A 483 6.32 -8.80 -23.77
CA TYR A 483 7.15 -7.61 -23.61
C TYR A 483 6.78 -6.55 -24.64
N TRP A 484 6.74 -6.94 -25.91
CA TRP A 484 6.46 -5.96 -26.96
C TRP A 484 5.00 -5.51 -26.96
N ARG A 485 4.07 -6.41 -26.69
CA ARG A 485 2.65 -6.05 -26.62
C ARG A 485 2.41 -5.04 -25.53
N TRP A 486 3.05 -5.22 -24.37
CA TRP A 486 2.85 -4.26 -23.31
C TRP A 486 3.59 -2.97 -23.55
N TRP A 487 4.69 -2.97 -24.31
CA TRP A 487 5.18 -1.70 -24.82
C TRP A 487 4.03 -0.88 -25.38
N VAL A 488 3.32 -1.42 -26.37
CA VAL A 488 2.17 -0.72 -26.96
C VAL A 488 1.14 -0.40 -25.87
N VAL A 489 0.52 -1.42 -25.31
CA VAL A 489 -0.68 -1.20 -24.51
C VAL A 489 -0.40 -0.31 -23.30
N HIS A 490 0.70 -0.58 -22.58
CA HIS A 490 0.99 0.20 -21.40
C HIS A 490 1.69 1.52 -21.74
N LEU A 491 2.85 1.48 -22.40
CA LEU A 491 3.56 2.70 -22.77
C LEU A 491 2.73 3.58 -23.68
N TRP A 492 2.45 3.13 -24.91
CA TRP A 492 1.87 3.98 -25.94
C TRP A 492 0.53 4.56 -25.50
N VAL A 493 -0.28 3.80 -24.78
CA VAL A 493 -1.56 4.34 -24.34
C VAL A 493 -1.34 5.11 -23.04
N GLU A 494 -1.00 4.41 -21.96
CA GLU A 494 -0.88 5.04 -20.65
CA GLU A 494 -0.89 5.05 -20.65
C GLU A 494 0.01 6.28 -20.71
N GLY A 495 1.30 6.07 -20.95
CA GLY A 495 2.26 7.16 -20.83
C GLY A 495 2.15 8.20 -21.92
N PHE A 496 2.15 7.77 -23.18
CA PHE A 496 2.17 8.73 -24.27
C PHE A 496 0.82 9.40 -24.49
N PHE A 497 -0.30 8.70 -24.35
CA PHE A 497 -1.58 9.38 -24.36
C PHE A 497 -1.70 10.35 -23.18
N GLU A 498 -1.20 9.99 -22.00
CA GLU A 498 -1.23 10.92 -20.87
C GLU A 498 -0.43 12.17 -21.19
N VAL A 499 0.76 12.01 -21.77
CA VAL A 499 1.62 13.15 -22.06
C VAL A 499 0.99 14.02 -23.14
N PHE A 500 0.43 13.39 -24.18
CA PHE A 500 -0.24 14.14 -25.24
C PHE A 500 -1.43 14.90 -24.70
N ALA A 501 -2.22 14.28 -23.83
CA ALA A 501 -3.37 14.95 -23.26
C ALA A 501 -2.93 16.14 -22.39
N THR A 502 -1.89 15.95 -21.59
CA THR A 502 -1.40 17.04 -20.74
C THR A 502 -0.90 18.20 -21.59
N ALA A 503 -0.10 17.89 -22.62
CA ALA A 503 0.43 18.94 -23.48
C ALA A 503 -0.69 19.63 -24.25
N ALA A 504 -1.68 18.88 -24.71
CA ALA A 504 -2.83 19.46 -25.40
C ALA A 504 -3.61 20.38 -24.48
N PHE A 505 -3.83 19.94 -23.23
CA PHE A 505 -4.46 20.80 -22.23
C PHE A 505 -3.70 22.10 -22.09
N ALA A 506 -2.39 22.01 -21.90
CA ALA A 506 -1.58 23.20 -21.69
C ALA A 506 -1.65 24.13 -22.89
N PHE A 507 -1.46 23.59 -24.09
CA PHE A 507 -1.46 24.41 -25.30
C PHE A 507 -2.83 25.06 -25.50
N VAL A 508 -3.90 24.28 -25.37
CA VAL A 508 -5.24 24.78 -25.60
C VAL A 508 -5.61 25.86 -24.58
N PHE A 509 -5.37 25.58 -23.30
CA PHE A 509 -5.75 26.53 -22.26
C PHE A 509 -4.87 27.76 -22.26
N TYR A 510 -3.62 27.66 -22.74
CA TYR A 510 -2.81 28.86 -22.93
C TYR A 510 -3.33 29.69 -24.09
N ASN A 511 -3.73 29.03 -25.18
CA ASN A 511 -4.27 29.76 -26.32
C ASN A 511 -5.58 30.47 -25.97
N MET A 512 -6.44 29.84 -25.16
CA MET A 512 -7.61 30.55 -24.66
C MET A 512 -7.30 31.57 -23.58
N GLY A 513 -6.07 31.63 -23.09
CA GLY A 513 -5.70 32.60 -22.08
C GLY A 513 -6.02 32.21 -20.66
N PHE A 514 -6.31 30.94 -20.39
CA PHE A 514 -6.62 30.52 -19.04
C PHE A 514 -5.38 30.33 -18.17
N VAL A 515 -4.23 30.09 -18.77
CA VAL A 515 -2.99 29.87 -18.03
C VAL A 515 -1.90 30.73 -18.65
N ARG A 516 -0.88 31.04 -17.84
CA ARG A 516 0.28 31.72 -18.35
C ARG A 516 1.17 30.76 -19.12
N ARG A 517 1.93 31.32 -20.07
CA ARG A 517 2.82 30.50 -20.89
C ARG A 517 3.87 29.80 -20.03
N SER A 518 4.48 30.52 -19.09
CA SER A 518 5.50 29.92 -18.25
C SER A 518 4.92 28.80 -17.39
N THR A 519 3.74 29.05 -16.80
CA THR A 519 3.11 28.04 -15.98
C THR A 519 2.77 26.80 -16.80
N ALA A 520 2.17 26.99 -17.98
CA ALA A 520 1.81 25.86 -18.82
C ALA A 520 3.04 25.06 -19.24
N THR A 521 4.10 25.76 -19.66
CA THR A 521 5.31 25.07 -20.11
C THR A 521 5.96 24.29 -18.99
N ALA A 522 6.19 24.95 -17.85
CA ALA A 522 6.86 24.29 -16.73
C ALA A 522 6.04 23.15 -16.17
N SER A 523 4.73 23.35 -16.03
CA SER A 523 3.85 22.29 -15.56
C SER A 523 3.90 21.09 -16.49
N THR A 524 3.82 21.33 -17.80
CA THR A 524 3.85 20.23 -18.76
C THR A 524 5.16 19.48 -18.71
N LEU A 525 6.29 20.20 -18.64
CA LEU A 525 7.58 19.53 -18.62
C LEU A 525 7.75 18.69 -17.36
N ALA A 526 7.44 19.26 -16.19
CA ALA A 526 7.57 18.51 -14.95
C ALA A 526 6.62 17.31 -14.92
N ALA A 527 5.38 17.50 -15.38
CA ALA A 527 4.42 16.42 -15.42
C ALA A 527 4.88 15.31 -16.36
N ALA A 528 5.46 15.69 -17.51
CA ALA A 528 5.95 14.68 -18.44
C ALA A 528 7.09 13.88 -17.82
N ALA A 529 8.01 14.56 -17.14
CA ALA A 529 9.09 13.84 -16.47
C ALA A 529 8.53 12.88 -15.42
N ILE A 530 7.58 13.35 -14.60
CA ILE A 530 7.04 12.51 -13.54
C ILE A 530 6.30 11.32 -14.12
N PHE A 531 5.49 11.54 -15.15
CA PHE A 531 4.75 10.45 -15.77
C PHE A 531 5.69 9.42 -16.38
N MET A 532 6.70 9.87 -17.11
CA MET A 532 7.62 8.93 -17.75
C MET A 532 8.42 8.13 -16.73
N LEU A 533 8.89 8.77 -15.65
CA LEU A 533 9.72 8.09 -14.66
C LEU A 533 9.05 6.82 -14.15
N GLY A 534 7.75 6.89 -13.89
CA GLY A 534 7.02 5.73 -13.43
C GLY A 534 6.54 4.84 -14.56
N GLY A 535 6.00 5.45 -15.62
CA GLY A 535 5.34 4.67 -16.65
C GLY A 535 6.29 3.80 -17.46
N VAL A 536 7.47 4.32 -17.78
CA VAL A 536 8.33 3.61 -18.72
C VAL A 536 8.83 2.29 -18.11
N PRO A 537 9.50 2.29 -16.95
CA PRO A 537 9.87 0.98 -16.37
C PRO A 537 8.70 0.28 -15.72
N GLY A 538 7.62 0.99 -15.41
CA GLY A 538 6.45 0.37 -14.84
C GLY A 538 5.71 -0.53 -15.81
N THR A 539 6.09 -0.50 -17.09
CA THR A 539 5.59 -1.46 -18.06
C THR A 539 5.78 -2.89 -17.59
N LEU A 540 6.80 -3.13 -16.76
CA LEU A 540 7.11 -4.48 -16.31
C LEU A 540 6.10 -5.02 -15.31
N HIS A 541 5.16 -4.21 -14.81
CA HIS A 541 4.15 -4.81 -13.93
C HIS A 541 3.17 -5.69 -14.70
N HIS A 542 3.18 -5.66 -16.01
CA HIS A 542 2.40 -6.59 -16.81
C HIS A 542 3.11 -7.92 -17.03
N LEU A 543 4.36 -8.05 -16.57
CA LEU A 543 5.20 -9.20 -16.91
C LEU A 543 5.72 -9.93 -15.68
N TYR A 544 5.07 -9.80 -14.53
CA TYR A 544 5.56 -10.47 -13.32
C TYR A 544 5.63 -11.96 -13.50
N PHE A 545 4.62 -12.53 -14.15
CA PHE A 545 4.38 -13.97 -14.11
C PHE A 545 4.27 -14.56 -15.51
N SER A 546 4.84 -13.87 -16.49
CA SER A 546 4.77 -14.31 -17.88
C SER A 546 6.10 -14.89 -18.37
N GLY A 547 6.99 -15.25 -17.45
CA GLY A 547 8.28 -15.78 -17.81
C GLY A 547 9.45 -14.83 -17.67
N SER A 548 9.22 -13.62 -17.16
CA SER A 548 10.30 -12.71 -16.83
C SER A 548 10.95 -13.14 -15.51
N THR A 549 12.05 -12.48 -15.16
CA THR A 549 12.80 -12.83 -13.96
C THR A 549 12.27 -12.09 -12.74
N SER A 550 12.84 -12.42 -11.57
CA SER A 550 12.46 -11.76 -10.33
C SER A 550 12.84 -10.29 -10.34
N ALA A 551 14.01 -9.97 -10.90
CA ALA A 551 14.46 -8.58 -10.96
C ALA A 551 13.50 -7.73 -11.79
N SER A 552 12.97 -8.30 -12.86
CA SER A 552 11.97 -7.58 -13.65
C SER A 552 10.76 -7.25 -12.79
N MET A 553 10.33 -8.19 -11.94
CA MET A 553 9.23 -7.93 -11.03
C MET A 553 9.58 -6.82 -10.04
N ALA A 554 10.79 -6.81 -9.51
CA ALA A 554 11.18 -5.77 -8.57
C ALA A 554 11.11 -4.39 -9.23
N ILE A 555 11.73 -4.27 -10.41
CA ILE A 555 11.74 -2.99 -11.11
C ILE A 555 10.33 -2.56 -11.46
N GLY A 556 9.52 -3.48 -11.97
CA GLY A 556 8.15 -3.15 -12.31
C GLY A 556 7.37 -2.65 -11.12
N ALA A 557 7.48 -3.35 -9.98
CA ALA A 557 6.74 -2.95 -8.80
C ALA A 557 7.15 -1.56 -8.34
N CYS A 558 8.46 -1.34 -8.16
CA CYS A 558 8.94 -0.08 -7.61
C CYS A 558 8.61 1.09 -8.53
N PHE A 559 8.82 0.93 -9.84
CA PHE A 559 8.60 2.05 -10.74
C PHE A 559 7.12 2.27 -11.03
N SER A 560 6.33 1.20 -11.05
CA SER A 560 4.90 1.37 -11.27
C SER A 560 4.24 2.03 -10.07
N ALA A 561 4.79 1.83 -8.87
CA ALA A 561 4.29 2.57 -7.72
C ALA A 561 4.41 4.08 -7.94
N LEU A 562 5.49 4.52 -8.60
CA LEU A 562 5.65 5.94 -8.89
C LEU A 562 4.65 6.46 -9.91
N GLU A 563 4.00 5.57 -10.68
CA GLU A 563 2.93 6.04 -11.56
C GLU A 563 1.77 6.63 -10.76
N VAL A 564 1.47 6.04 -9.60
CA VAL A 564 0.31 6.47 -8.83
C VAL A 564 0.54 7.82 -8.18
N VAL A 565 1.80 8.20 -7.93
CA VAL A 565 2.13 9.37 -7.12
C VAL A 565 1.44 10.63 -7.66
N PRO A 566 1.55 10.99 -8.94
CA PRO A 566 0.81 12.17 -9.42
C PRO A 566 -0.68 11.94 -9.57
N LEU A 567 -1.14 10.69 -9.65
CA LEU A 567 -2.54 10.43 -9.95
C LEU A 567 -3.45 10.81 -8.78
N VAL A 568 -3.04 10.49 -7.56
CA VAL A 568 -3.90 10.75 -6.40
C VAL A 568 -3.94 12.21 -6.02
N LEU A 569 -3.09 13.05 -6.63
CA LEU A 569 -3.07 14.48 -6.39
C LEU A 569 -3.78 15.27 -7.48
N LEU A 570 -4.53 14.60 -8.35
CA LEU A 570 -5.14 15.26 -9.49
C LEU A 570 -6.36 16.09 -9.13
N GLY A 571 -6.63 16.28 -7.84
CA GLY A 571 -7.66 17.23 -7.46
C GLY A 571 -7.32 18.66 -7.85
N ARG A 572 -6.03 19.01 -7.83
CA ARG A 572 -5.60 20.36 -8.21
C ARG A 572 -6.01 20.68 -9.63
N GLU A 573 -5.62 19.82 -10.57
CA GLU A 573 -5.92 20.05 -11.98
C GLU A 573 -7.42 19.98 -12.23
N ALA A 574 -8.11 19.09 -11.53
CA ALA A 574 -9.56 19.02 -11.64
C ALA A 574 -10.19 20.34 -11.27
N TYR A 575 -9.76 20.93 -10.15
CA TYR A 575 -10.31 22.21 -9.74
C TYR A 575 -9.99 23.30 -10.76
N GLU A 576 -8.77 23.32 -11.28
CA GLU A 576 -8.41 24.34 -12.26
C GLU A 576 -9.30 24.23 -13.50
N HIS A 577 -9.40 23.03 -14.06
CA HIS A 577 -10.22 22.82 -15.26
C HIS A 577 -11.68 23.16 -14.99
N TRP A 578 -12.18 22.79 -13.82
CA TRP A 578 -13.58 23.08 -13.49
C TRP A 578 -13.80 24.58 -13.32
N SER A 579 -12.81 25.29 -12.78
CA SER A 579 -12.95 26.72 -12.55
C SER A 579 -12.87 27.52 -13.84
N TYR A 580 -12.22 26.97 -14.87
CA TYR A 580 -12.10 27.71 -16.13
C TYR A 580 -13.46 28.09 -16.70
N GLN A 581 -14.49 27.27 -16.47
CA GLN A 581 -15.80 27.54 -17.05
C GLN A 581 -16.49 28.75 -16.44
N HIS A 582 -16.04 29.22 -15.27
CA HIS A 582 -16.66 30.36 -14.62
C HIS A 582 -15.88 31.65 -14.87
N LEU A 583 -14.90 31.62 -15.76
CA LEU A 583 -14.01 32.77 -15.95
C LEU A 583 -14.68 33.87 -16.77
N SER A 584 -15.54 33.51 -17.71
CA SER A 584 -16.20 34.47 -18.59
C SER A 584 -17.47 33.84 -19.14
N GLU A 585 -18.24 34.64 -19.87
CA GLU A 585 -19.47 34.11 -20.47
C GLU A 585 -19.16 33.14 -21.61
N TRP A 586 -18.12 33.43 -22.41
CA TRP A 586 -17.78 32.50 -23.47
C TRP A 586 -17.12 31.25 -22.92
N ALA A 587 -16.52 31.32 -21.73
CA ALA A 587 -15.97 30.13 -21.10
C ALA A 587 -17.08 29.17 -20.70
N LYS A 588 -18.27 29.67 -20.41
CA LYS A 588 -19.39 28.81 -20.09
C LYS A 588 -19.81 27.94 -21.26
N ARG A 589 -19.50 28.35 -22.49
CA ARG A 589 -19.72 27.51 -23.66
C ARG A 589 -18.82 26.29 -23.67
N LEU A 590 -17.79 26.27 -22.81
CA LEU A 590 -16.85 25.17 -22.72
C LEU A 590 -17.14 24.26 -21.54
N ARG A 591 -18.32 24.40 -20.92
CA ARG A 591 -18.58 23.71 -19.66
C ARG A 591 -18.45 22.20 -19.82
N TRP A 592 -19.01 21.64 -20.88
CA TRP A 592 -19.09 20.19 -20.95
C TRP A 592 -17.79 19.50 -21.35
N PRO A 593 -17.00 20.04 -22.30
CA PRO A 593 -15.62 19.52 -22.43
C PRO A 593 -14.82 19.64 -21.15
N LEU A 594 -14.98 20.75 -20.43
CA LEU A 594 -14.28 20.91 -19.15
C LEU A 594 -14.80 19.93 -18.10
N MET A 595 -16.11 19.69 -18.09
CA MET A 595 -16.66 18.67 -17.20
C MET A 595 -16.10 17.30 -17.53
N CYS A 596 -15.93 17.00 -18.82
CA CYS A 596 -15.31 15.74 -19.21
C CYS A 596 -13.89 15.64 -18.70
N PHE A 597 -13.12 16.73 -18.77
CA PHE A 597 -11.75 16.71 -18.27
C PHE A 597 -11.70 16.60 -16.75
N VAL A 598 -12.68 17.18 -16.07
CA VAL A 598 -12.79 17.00 -14.61
C VAL A 598 -13.03 15.53 -14.29
N ALA A 599 -13.93 14.89 -15.06
CA ALA A 599 -14.14 13.45 -14.89
C ALA A 599 -12.86 12.67 -15.20
N VAL A 600 -12.09 13.12 -16.19
CA VAL A 600 -10.79 12.50 -16.49
C VAL A 600 -9.90 12.53 -15.25
N ALA A 601 -9.84 13.68 -14.59
CA ALA A 601 -9.04 13.77 -13.37
C ALA A 601 -9.57 12.83 -12.29
N PHE A 602 -10.90 12.81 -12.10
CA PHE A 602 -11.46 11.96 -11.06
C PHE A 602 -11.14 10.50 -11.30
N TRP A 603 -11.31 10.03 -12.52
CA TRP A 603 -11.08 8.63 -12.82
C TRP A 603 -9.60 8.28 -12.93
N ASN A 604 -8.77 9.19 -13.42
CA ASN A 604 -7.33 8.99 -13.32
C ASN A 604 -6.92 8.80 -11.88
N MET A 605 -7.60 9.48 -10.96
CA MET A 605 -7.33 9.25 -9.55
CA MET A 605 -7.30 9.24 -9.56
C MET A 605 -7.86 7.89 -9.09
N ILE A 606 -9.17 7.71 -9.15
CA ILE A 606 -9.79 6.49 -8.63
C ILE A 606 -9.42 5.27 -9.45
N GLY A 607 -9.87 5.19 -10.70
CA GLY A 607 -9.71 4.00 -11.50
C GLY A 607 -8.27 3.69 -11.81
N ALA A 608 -7.50 4.71 -12.21
CA ALA A 608 -6.08 4.44 -12.43
C ALA A 608 -5.34 4.26 -11.12
N GLY A 609 -5.23 5.30 -10.30
CA GLY A 609 -4.42 5.18 -9.11
C GLY A 609 -4.90 4.12 -8.15
N VAL A 610 -6.10 4.27 -7.60
CA VAL A 610 -6.53 3.38 -6.53
C VAL A 610 -6.67 1.95 -7.02
N PHE A 611 -7.45 1.74 -8.08
CA PHE A 611 -7.75 0.39 -8.51
C PHE A 611 -6.64 -0.20 -9.37
N GLY A 612 -5.62 0.57 -9.72
CA GLY A 612 -4.46 0.00 -10.37
C GLY A 612 -3.43 -0.38 -9.33
N PHE A 613 -3.32 0.41 -8.26
CA PHE A 613 -2.41 0.03 -7.20
C PHE A 613 -2.95 -1.13 -6.37
N LEU A 614 -4.27 -1.32 -6.38
CA LEU A 614 -4.83 -2.50 -5.74
C LEU A 614 -4.20 -3.75 -6.32
N ILE A 615 -4.00 -3.76 -7.64
CA ILE A 615 -3.52 -4.92 -8.37
C ILE A 615 -2.04 -4.80 -8.75
N ASN A 616 -1.37 -3.75 -8.31
CA ASN A 616 0.00 -3.51 -8.74
C ASN A 616 1.08 -4.28 -7.97
N PRO A 617 1.08 -4.30 -6.63
CA PRO A 617 2.19 -4.95 -5.91
C PRO A 617 2.26 -6.43 -6.25
N PRO A 618 3.46 -6.99 -6.35
CA PRO A 618 3.57 -8.42 -6.66
C PRO A 618 2.82 -9.31 -5.69
N ILE A 619 2.76 -8.94 -4.41
CA ILE A 619 2.08 -9.80 -3.44
C ILE A 619 0.59 -9.87 -3.72
N SER A 620 0.02 -8.80 -4.28
CA SER A 620 -1.41 -8.82 -4.59
C SER A 620 -1.64 -9.46 -5.95
N LEU A 621 -0.92 -8.99 -6.97
CA LEU A 621 -1.11 -9.49 -8.32
C LEU A 621 -0.78 -10.97 -8.44
N PHE A 622 0.06 -11.51 -7.55
CA PHE A 622 0.33 -12.94 -7.57
C PHE A 622 -0.95 -13.73 -7.40
N TYR A 623 -1.84 -13.27 -6.54
CA TYR A 623 -3.08 -13.97 -6.28
C TYR A 623 -4.21 -13.52 -7.19
N ILE A 624 -4.24 -12.27 -7.62
CA ILE A 624 -5.44 -11.76 -8.26
C ILE A 624 -5.23 -11.42 -9.73
N GLN A 625 -4.08 -11.77 -10.29
CA GLN A 625 -3.91 -11.62 -11.73
C GLN A 625 -4.89 -12.52 -12.45
N GLY A 626 -5.62 -11.95 -13.41
CA GLY A 626 -6.62 -12.70 -14.13
C GLY A 626 -7.96 -12.82 -13.45
N LEU A 627 -8.18 -12.08 -12.36
CA LEU A 627 -9.48 -12.02 -11.69
C LEU A 627 -10.23 -10.76 -12.13
N ASN A 628 -11.45 -10.62 -11.59
CA ASN A 628 -12.34 -9.53 -12.03
C ASN A 628 -11.90 -8.16 -11.52
N THR A 629 -11.03 -8.10 -10.51
CA THR A 629 -10.47 -6.81 -10.11
C THR A 629 -9.72 -6.16 -11.28
N SER A 630 -9.10 -6.97 -12.13
CA SER A 630 -8.48 -6.44 -13.32
C SER A 630 -9.52 -5.80 -14.25
N ALA A 631 -10.71 -6.41 -14.35
CA ALA A 631 -11.78 -5.83 -15.15
C ALA A 631 -12.28 -4.51 -14.56
N VAL A 632 -12.42 -4.46 -13.23
CA VAL A 632 -12.73 -3.22 -12.53
C VAL A 632 -11.77 -2.12 -12.98
N HIS A 633 -10.48 -2.39 -12.82
CA HIS A 633 -9.49 -1.38 -13.13
C HIS A 633 -9.47 -1.04 -14.61
N ALA A 634 -9.63 -2.03 -15.47
CA ALA A 634 -9.60 -1.78 -16.91
C ALA A 634 -10.72 -0.83 -17.30
N HIS A 635 -11.95 -1.12 -16.86
CA HIS A 635 -13.05 -0.22 -17.20
C HIS A 635 -12.83 1.17 -16.63
N ALA A 636 -12.58 1.24 -15.32
CA ALA A 636 -12.43 2.54 -14.68
C ALA A 636 -11.34 3.36 -15.34
N ALA A 637 -10.14 2.79 -15.47
CA ALA A 637 -9.03 3.53 -16.06
C ALA A 637 -9.30 3.87 -17.53
N LEU A 638 -9.53 2.85 -18.36
CA LEU A 638 -9.56 3.07 -19.80
C LEU A 638 -10.70 3.99 -20.20
N PHE A 639 -11.90 3.78 -19.66
CA PHE A 639 -12.94 4.73 -20.02
C PHE A 639 -12.83 6.03 -19.25
N GLY A 640 -12.86 5.98 -17.92
CA GLY A 640 -12.93 7.22 -17.16
C GLY A 640 -11.79 8.16 -17.45
N VAL A 641 -10.63 7.63 -17.83
CA VAL A 641 -9.50 8.50 -18.16
C VAL A 641 -9.51 8.84 -19.64
N TYR A 642 -9.35 7.82 -20.49
CA TYR A 642 -9.14 8.09 -21.91
C TYR A 642 -10.44 8.13 -22.69
N GLY A 643 -11.46 7.40 -22.25
CA GLY A 643 -12.77 7.56 -22.85
C GLY A 643 -13.32 8.95 -22.63
N PHE A 644 -13.25 9.45 -21.40
CA PHE A 644 -13.71 10.81 -21.13
C PHE A 644 -12.80 11.84 -21.79
N LEU A 645 -11.50 11.56 -21.89
CA LEU A 645 -10.60 12.44 -22.61
C LEU A 645 -11.00 12.57 -24.08
N ALA A 646 -11.24 11.44 -24.74
CA ALA A 646 -11.63 11.46 -26.14
C ALA A 646 -12.98 12.15 -26.32
N LEU A 647 -13.93 11.88 -25.43
CA LEU A 647 -15.24 12.52 -25.50
C LEU A 647 -15.12 14.04 -25.33
N GLY A 648 -14.32 14.48 -24.36
CA GLY A 648 -14.12 15.91 -24.19
C GLY A 648 -13.44 16.55 -25.39
N PHE A 649 -12.45 15.87 -25.95
CA PHE A 649 -11.78 16.37 -27.15
C PHE A 649 -12.76 16.55 -28.29
N VAL A 650 -13.55 15.52 -28.60
CA VAL A 650 -14.46 15.63 -29.74
C VAL A 650 -15.57 16.63 -29.46
N LEU A 651 -15.97 16.77 -28.19
CA LEU A 651 -16.95 17.80 -27.84
C LEU A 651 -16.40 19.19 -28.07
N LEU A 652 -15.15 19.42 -27.68
CA LEU A 652 -14.50 20.71 -27.93
C LEU A 652 -14.40 20.99 -29.43
N VAL A 653 -13.97 19.99 -30.20
CA VAL A 653 -13.86 20.14 -31.64
C VAL A 653 -15.21 20.47 -32.25
N ALA A 654 -16.25 19.75 -31.82
CA ALA A 654 -17.60 20.00 -32.33
C ALA A 654 -18.08 21.41 -31.97
N ARG A 655 -17.77 21.86 -30.75
CA ARG A 655 -18.14 23.22 -30.36
C ARG A 655 -17.52 24.24 -31.29
N TYR A 656 -16.26 24.02 -31.68
CA TYR A 656 -15.62 25.02 -32.53
C TYR A 656 -15.95 24.83 -34.01
N LEU A 657 -16.38 23.65 -34.43
CA LEU A 657 -16.76 23.43 -35.82
C LEU A 657 -18.12 24.03 -36.16
N LYS A 658 -19.04 24.02 -35.20
CA LYS A 658 -20.38 24.56 -35.39
C LYS A 658 -20.65 25.53 -34.24
N PRO A 659 -20.01 26.70 -34.25
CA PRO A 659 -20.15 27.64 -33.13
C PRO A 659 -21.56 28.18 -32.96
N ASN A 660 -22.41 28.08 -33.97
CA ASN A 660 -23.78 28.56 -33.85
C ASN A 660 -24.68 27.59 -33.09
N VAL A 661 -24.25 26.34 -32.88
CA VAL A 661 -25.05 25.36 -32.16
C VAL A 661 -24.69 25.40 -30.69
N GLN A 662 -25.70 25.50 -29.84
CA GLN A 662 -25.51 25.47 -28.41
C GLN A 662 -25.58 24.04 -27.88
N PHE A 663 -24.79 23.76 -26.85
CA PHE A 663 -24.90 22.49 -26.14
C PHE A 663 -26.25 22.42 -25.42
N ASP A 664 -26.85 21.24 -25.44
CA ASP A 664 -28.10 21.00 -24.73
C ASP A 664 -27.76 20.61 -23.30
N ASP A 665 -27.92 21.55 -22.37
CA ASP A 665 -27.48 21.31 -20.99
C ASP A 665 -28.22 20.15 -20.33
N LYS A 666 -29.51 19.99 -20.61
CA LYS A 666 -30.25 18.89 -20.00
C LYS A 666 -29.75 17.55 -20.53
N LEU A 667 -29.62 17.44 -21.86
CA LEU A 667 -29.13 16.20 -22.46
C LEU A 667 -27.71 15.89 -22.01
N MET A 668 -26.85 16.91 -21.94
CA MET A 668 -25.47 16.68 -21.55
C MET A 668 -25.36 16.34 -20.07
N THR A 669 -26.17 16.97 -19.22
CA THR A 669 -26.19 16.59 -17.81
C THR A 669 -26.60 15.13 -17.65
N TRP A 670 -27.66 14.73 -18.35
CA TRP A 670 -28.10 13.35 -18.30
C TRP A 670 -27.00 12.41 -18.76
N GLY A 671 -26.41 12.68 -19.93
CA GLY A 671 -25.38 11.80 -20.46
C GLY A 671 -24.15 11.71 -19.57
N PHE A 672 -23.65 12.86 -19.11
CA PHE A 672 -22.46 12.90 -18.27
C PHE A 672 -22.67 12.11 -16.98
N TRP A 673 -23.77 12.40 -16.28
CA TRP A 673 -23.97 11.75 -14.99
C TRP A 673 -24.38 10.29 -15.16
N LEU A 674 -25.04 9.94 -16.27
CA LEU A 674 -25.34 8.53 -16.51
C LEU A 674 -24.06 7.75 -16.80
N LEU A 675 -23.13 8.33 -17.56
CA LEU A 675 -21.86 7.64 -17.79
C LEU A 675 -21.12 7.43 -16.48
N ASN A 676 -20.97 8.50 -15.69
CA ASN A 676 -20.23 8.39 -14.43
C ASN A 676 -20.93 7.43 -13.47
N GLY A 677 -22.24 7.56 -13.32
CA GLY A 677 -22.99 6.69 -12.42
C GLY A 677 -23.03 5.26 -12.87
N GLY A 678 -23.12 5.03 -14.19
CA GLY A 678 -23.07 3.67 -14.69
C GLY A 678 -21.73 3.01 -14.46
N LEU A 679 -20.64 3.76 -14.65
CA LEU A 679 -19.32 3.21 -14.34
C LEU A 679 -19.21 2.87 -12.85
N VAL A 680 -19.59 3.82 -11.99
CA VAL A 680 -19.54 3.59 -10.55
C VAL A 680 -20.40 2.38 -10.19
N GLY A 681 -21.60 2.30 -10.76
CA GLY A 681 -22.50 1.21 -10.42
C GLY A 681 -21.97 -0.14 -10.89
N MET A 682 -21.48 -0.21 -12.13
CA MET A 682 -20.90 -1.45 -12.63
C MET A 682 -19.84 -1.95 -11.67
N ILE A 683 -18.91 -1.07 -11.32
CA ILE A 683 -17.83 -1.44 -10.42
C ILE A 683 -18.40 -1.89 -9.07
N ALA A 684 -19.27 -1.07 -8.49
CA ALA A 684 -19.65 -1.25 -7.09
C ALA A 684 -20.54 -2.46 -6.90
N ILE A 685 -21.51 -2.68 -7.79
CA ILE A 685 -22.50 -3.71 -7.57
C ILE A 685 -22.19 -5.01 -8.29
N SER A 686 -21.33 -4.99 -9.32
CA SER A 686 -21.04 -6.28 -9.93
C SER A 686 -19.56 -6.65 -9.93
N LEU A 687 -18.72 -5.82 -10.55
CA LEU A 687 -17.37 -6.26 -10.88
C LEU A 687 -16.50 -6.36 -9.63
N LEU A 688 -16.53 -5.34 -8.78
CA LEU A 688 -15.70 -5.38 -7.58
C LEU A 688 -16.11 -6.49 -6.62
N PRO A 689 -17.40 -6.70 -6.31
CA PRO A 689 -17.75 -7.85 -5.46
C PRO A 689 -17.31 -9.19 -6.03
N VAL A 690 -17.47 -9.39 -7.34
CA VAL A 690 -17.01 -10.63 -7.96
C VAL A 690 -15.50 -10.76 -7.81
N GLY A 691 -14.77 -9.67 -8.02
CA GLY A 691 -13.33 -9.72 -7.87
C GLY A 691 -12.89 -10.03 -6.45
N VAL A 692 -13.59 -9.48 -5.46
CA VAL A 692 -13.27 -9.75 -4.06
C VAL A 692 -13.51 -11.22 -3.73
N ILE A 693 -14.66 -11.76 -4.14
CA ILE A 693 -14.96 -13.16 -3.87
C ILE A 693 -13.94 -14.06 -4.55
N GLN A 694 -13.59 -13.74 -5.80
CA GLN A 694 -12.58 -14.50 -6.51
C GLN A 694 -11.23 -14.41 -5.81
N ALA A 695 -10.87 -13.24 -5.31
CA ALA A 695 -9.60 -13.08 -4.62
C ALA A 695 -9.54 -13.94 -3.37
N TYR A 696 -10.64 -13.95 -2.60
CA TYR A 696 -10.69 -14.82 -1.44
C TYR A 696 -10.46 -16.27 -1.86
N ALA A 697 -11.15 -16.72 -2.91
CA ALA A 697 -10.98 -18.10 -3.37
C ALA A 697 -9.55 -18.37 -3.84
N SER A 698 -8.95 -17.42 -4.57
CA SER A 698 -7.61 -17.62 -5.11
C SER A 698 -6.59 -17.71 -3.99
N ILE A 699 -6.72 -16.84 -2.98
CA ILE A 699 -5.78 -16.88 -1.87
C ILE A 699 -5.95 -18.16 -1.07
N THR A 700 -7.20 -18.60 -0.87
CA THR A 700 -7.45 -19.74 -0.01
C THR A 700 -7.11 -21.07 -0.67
N HIS A 701 -7.58 -21.28 -1.90
CA HIS A 701 -7.48 -22.58 -2.56
C HIS A 701 -6.53 -22.63 -3.73
N GLY A 702 -6.32 -21.52 -4.43
CA GLY A 702 -5.47 -21.50 -5.60
C GLY A 702 -6.22 -20.83 -6.73
N LEU A 703 -5.47 -20.35 -7.72
CA LEU A 703 -6.10 -19.61 -8.81
C LEU A 703 -7.05 -20.48 -9.61
N TRP A 704 -6.69 -21.76 -9.82
CA TRP A 704 -7.53 -22.67 -10.57
C TRP A 704 -8.95 -22.71 -10.01
N TYR A 705 -9.08 -22.60 -8.69
CA TYR A 705 -10.41 -22.65 -8.08
C TYR A 705 -11.19 -21.38 -8.36
N ALA A 706 -10.53 -20.23 -8.27
CA ALA A 706 -11.23 -18.96 -8.48
C ALA A 706 -11.72 -18.81 -9.91
N ARG A 707 -11.08 -19.48 -10.86
CA ARG A 707 -11.49 -19.44 -12.26
C ARG A 707 -12.30 -20.66 -12.69
N SER A 708 -12.55 -21.59 -11.77
CA SER A 708 -13.21 -22.84 -12.13
C SER A 708 -14.69 -22.62 -12.48
N GLU A 709 -15.23 -23.56 -13.26
CA GLU A 709 -16.64 -23.48 -13.65
C GLU A 709 -17.55 -23.58 -12.44
N GLU A 710 -17.23 -24.48 -11.51
CA GLU A 710 -18.05 -24.65 -10.32
C GLU A 710 -18.10 -23.36 -9.50
N PHE A 711 -16.97 -22.65 -9.40
CA PHE A 711 -16.95 -21.43 -8.61
C PHE A 711 -17.65 -20.27 -9.33
N LEU A 712 -17.41 -20.11 -10.63
CA LEU A 712 -18.03 -18.99 -11.34
C LEU A 712 -19.53 -19.17 -11.47
N GLN A 713 -20.03 -20.39 -11.36
CA GLN A 713 -21.46 -20.65 -11.47
C GLN A 713 -22.16 -20.64 -10.12
N MET A 714 -21.45 -20.29 -9.04
CA MET A 714 -22.09 -20.10 -7.75
C MET A 714 -23.18 -19.05 -7.88
N GLU A 715 -24.29 -19.27 -7.16
CA GLU A 715 -25.47 -18.43 -7.32
C GLU A 715 -25.18 -16.96 -7.07
N ILE A 716 -24.33 -16.65 -6.09
CA ILE A 716 -24.00 -15.26 -5.82
C ILE A 716 -23.31 -14.61 -7.02
N LEU A 717 -22.37 -15.33 -7.63
CA LEU A 717 -21.66 -14.77 -8.78
C LEU A 717 -22.56 -14.63 -10.00
N ASP A 718 -23.43 -15.62 -10.24
CA ASP A 718 -24.38 -15.51 -11.34
C ASP A 718 -25.29 -14.31 -11.13
N THR A 719 -25.77 -14.12 -9.89
CA THR A 719 -26.62 -12.98 -9.57
C THR A 719 -25.86 -11.66 -9.78
N LEU A 720 -24.61 -11.59 -9.36
CA LEU A 720 -23.83 -10.36 -9.51
C LEU A 720 -23.59 -10.05 -10.97
N ARG A 721 -23.36 -11.08 -11.79
CA ARG A 721 -23.25 -10.86 -13.23
C ARG A 721 -24.56 -10.35 -13.83
N TRP A 722 -25.69 -10.90 -13.37
CA TRP A 722 -26.99 -10.40 -13.81
C TRP A 722 -27.21 -8.96 -13.37
N VAL A 723 -26.84 -8.66 -12.12
CA VAL A 723 -27.08 -7.34 -11.55
C VAL A 723 -26.35 -6.25 -12.32
N ARG A 724 -25.24 -6.62 -12.98
CA ARG A 724 -24.49 -5.64 -13.76
C ARG A 724 -25.32 -5.03 -14.88
N THR A 725 -26.39 -5.72 -15.29
CA THR A 725 -27.20 -5.29 -16.42
C THR A 725 -27.81 -3.90 -16.20
N ALA A 726 -28.26 -3.63 -14.97
CA ALA A 726 -28.88 -2.34 -14.67
C ALA A 726 -27.88 -1.21 -14.83
N ALA A 727 -26.71 -1.33 -14.21
CA ALA A 727 -25.66 -0.34 -14.38
C ALA A 727 -25.22 -0.26 -15.84
N ASP A 728 -25.16 -1.41 -16.51
CA ASP A 728 -24.80 -1.44 -17.92
C ASP A 728 -25.79 -0.65 -18.76
N LEU A 729 -27.09 -0.82 -18.50
CA LEU A 729 -28.10 -0.06 -19.23
C LEU A 729 -28.00 1.43 -18.92
N ILE A 730 -27.72 1.78 -17.67
CA ILE A 730 -27.55 3.20 -17.32
C ILE A 730 -26.38 3.79 -18.09
N PHE A 731 -25.26 3.07 -18.14
CA PHE A 731 -24.08 3.54 -18.86
C PHE A 731 -24.36 3.68 -20.36
N ILE A 732 -25.07 2.71 -20.93
CA ILE A 732 -25.38 2.77 -22.35
C ILE A 732 -26.32 3.93 -22.64
N GLY A 733 -27.27 4.22 -21.74
CA GLY A 733 -28.09 5.40 -21.91
C GLY A 733 -27.26 6.68 -21.91
N GLY A 734 -26.30 6.78 -20.99
CA GLY A 734 -25.42 7.94 -21.00
C GLY A 734 -24.61 8.05 -22.29
N ALA A 735 -24.11 6.93 -22.78
CA ALA A 735 -23.34 6.93 -24.02
C ALA A 735 -24.20 7.38 -25.20
N ILE A 736 -25.45 6.91 -25.25
CA ILE A 736 -26.36 7.32 -26.32
C ILE A 736 -26.64 8.81 -26.23
N CYS A 737 -26.84 9.35 -25.02
CA CYS A 737 -27.05 10.79 -24.89
C CYS A 737 -25.86 11.59 -25.41
N VAL A 738 -24.64 11.20 -25.03
CA VAL A 738 -23.46 11.93 -25.47
C VAL A 738 -23.31 11.86 -26.99
N ALA A 739 -23.54 10.66 -27.55
CA ALA A 739 -23.45 10.51 -29.00
C ALA A 739 -24.48 11.37 -29.71
N ILE A 740 -25.69 11.44 -29.17
CA ILE A 740 -26.73 12.26 -29.77
C ILE A 740 -26.34 13.73 -29.73
N GLN A 741 -25.79 14.19 -28.61
CA GLN A 741 -25.37 15.60 -28.52
C GLN A 741 -24.30 15.92 -29.56
N ALA A 742 -23.27 15.06 -29.66
CA ALA A 742 -22.20 15.33 -30.62
C ALA A 742 -22.73 15.32 -32.05
N THR A 743 -23.60 14.35 -32.36
CA THR A 743 -24.15 14.25 -33.70
C THR A 743 -25.03 15.46 -34.03
N LYS A 744 -25.83 15.91 -33.06
CA LYS A 744 -26.64 17.11 -33.27
C LYS A 744 -25.76 18.32 -33.55
N ILE A 745 -24.64 18.45 -32.84
CA ILE A 745 -23.77 19.60 -33.09
C ILE A 745 -23.15 19.52 -34.47
N VAL A 746 -22.53 18.37 -34.80
CA VAL A 746 -21.76 18.32 -36.04
C VAL A 746 -22.64 18.23 -37.28
N PHE A 747 -23.86 17.71 -37.16
CA PHE A 747 -24.72 17.56 -38.33
C PHE A 747 -25.99 18.39 -38.19
N MET B 1 -22.24 24.71 16.50
CA MET B 1 -22.75 26.05 16.90
C MET B 1 -22.54 27.03 15.74
N GLY B 2 -23.48 27.97 15.55
CA GLY B 2 -23.36 28.92 14.46
C GLY B 2 -23.12 28.22 13.14
N GLN B 3 -22.24 28.81 12.33
CA GLN B 3 -21.89 28.26 11.03
C GLN B 3 -21.13 26.94 11.12
N TYR B 4 -20.61 26.59 12.29
CA TYR B 4 -19.81 25.39 12.46
C TYR B 4 -20.61 24.22 13.01
N LYS B 5 -21.95 24.32 13.00
CA LYS B 5 -22.77 23.26 13.57
C LYS B 5 -22.59 21.94 12.84
N LYS B 6 -22.50 22.00 11.50
CA LYS B 6 -22.31 20.77 10.75
C LYS B 6 -20.97 20.11 11.05
N LEU B 7 -19.92 20.92 11.19
CA LEU B 7 -18.61 20.36 11.56
C LEU B 7 -18.64 19.75 12.95
N TRP B 8 -19.29 20.44 13.90
CA TRP B 8 -19.41 19.89 15.25
C TRP B 8 -20.16 18.58 15.25
N TYR B 9 -21.26 18.51 14.49
CA TYR B 9 -22.05 17.29 14.43
C TYR B 9 -21.29 16.16 13.75
N LEU B 10 -20.51 16.48 12.72
CA LEU B 10 -19.65 15.49 12.08
C LEU B 10 -18.64 14.93 13.07
N LEU B 11 -18.00 15.81 13.85
CA LEU B 11 -17.02 15.36 14.83
C LEU B 11 -17.68 14.50 15.91
N PHE B 12 -18.86 14.92 16.38
CA PHE B 12 -19.59 14.13 17.38
C PHE B 12 -19.96 12.75 16.85
N ALA B 13 -20.45 12.68 15.60
CA ALA B 13 -20.82 11.40 15.02
C ALA B 13 -19.61 10.50 14.86
N VAL B 14 -18.49 11.06 14.39
CA VAL B 14 -17.27 10.29 14.24
C VAL B 14 -16.83 9.74 15.59
N LEU B 15 -16.85 10.59 16.61
CA LEU B 15 -16.43 10.14 17.95
C LEU B 15 -17.33 9.03 18.45
N ALA B 16 -18.65 9.18 18.32
CA ALA B 16 -19.56 8.15 18.80
C ALA B 16 -19.34 6.83 18.08
N VAL B 17 -19.27 6.86 16.75
CA VAL B 17 -19.12 5.63 15.99
C VAL B 17 -17.78 4.96 16.32
N CYS B 18 -16.69 5.72 16.27
CA CYS B 18 -15.36 5.14 16.42
C CYS B 18 -15.16 4.61 17.84
N PHE B 19 -15.62 5.34 18.85
CA PHE B 19 -15.47 4.86 20.21
C PHE B 19 -16.39 3.67 20.48
N THR B 20 -17.56 3.61 19.84
CA THR B 20 -18.37 2.41 19.94
C THR B 20 -17.64 1.20 19.36
N ILE B 21 -17.01 1.38 18.20
CA ILE B 21 -16.24 0.29 17.59
C ILE B 21 -15.11 -0.15 18.53
N LEU B 22 -14.36 0.82 19.05
CA LEU B 22 -13.23 0.49 19.93
C LEU B 22 -13.70 -0.20 21.21
N GLY B 23 -14.81 0.26 21.79
CA GLY B 23 -15.31 -0.36 23.00
C GLY B 23 -15.84 -1.76 22.78
N TYR B 24 -16.53 -1.98 21.66
CA TYR B 24 -17.03 -3.32 21.38
C TYR B 24 -15.85 -4.26 21.13
N MET B 25 -14.80 -3.79 20.47
CA MET B 25 -13.58 -4.58 20.37
C MET B 25 -12.93 -4.80 21.73
N GLY B 26 -13.04 -3.86 22.66
CA GLY B 26 -12.55 -4.10 24.01
C GLY B 26 -13.30 -5.23 24.70
N SER B 27 -14.63 -5.25 24.55
CA SER B 27 -15.41 -6.37 25.08
C SER B 27 -14.99 -7.68 24.41
N GLU B 28 -14.72 -7.63 23.09
CA GLU B 28 -14.24 -8.81 22.40
C GLU B 28 -12.89 -9.26 22.92
N VAL B 29 -12.00 -8.32 23.26
CA VAL B 29 -10.70 -8.67 23.82
C VAL B 29 -10.88 -9.36 25.16
N TYR B 30 -11.78 -8.83 25.99
CA TYR B 30 -12.05 -9.46 27.28
C TYR B 30 -12.59 -10.88 27.10
N LYS B 31 -13.50 -11.07 26.14
CA LYS B 31 -14.17 -12.36 26.00
C LYS B 31 -13.38 -13.39 25.22
N LYS B 32 -12.50 -12.99 24.30
CA LYS B 32 -11.87 -13.90 23.37
C LYS B 32 -10.36 -13.99 23.53
N ALA B 33 -9.79 -13.41 24.57
CA ALA B 33 -8.36 -13.53 24.80
C ALA B 33 -8.01 -14.98 25.09
N PRO B 34 -6.78 -15.41 24.78
CA PRO B 34 -6.39 -16.79 25.06
C PRO B 34 -6.49 -17.06 26.56
N PRO B 35 -7.24 -18.09 26.93
CA PRO B 35 -7.43 -18.36 28.37
C PRO B 35 -6.13 -18.79 29.02
N TYR B 36 -6.01 -18.44 30.29
CA TYR B 36 -4.96 -19.04 31.11
C TYR B 36 -5.50 -20.38 31.55
N PRO B 37 -4.93 -21.50 31.08
CA PRO B 37 -5.50 -22.80 31.42
C PRO B 37 -5.47 -23.02 32.93
N GLU B 38 -6.54 -23.63 33.45
CA GLU B 38 -6.56 -23.97 34.87
C GLU B 38 -5.42 -24.92 35.20
N GLN B 39 -5.19 -25.91 34.35
CA GLN B 39 -4.09 -26.84 34.50
C GLN B 39 -3.58 -27.22 33.12
N VAL B 40 -2.27 -27.36 32.99
CA VAL B 40 -1.66 -27.96 31.82
C VAL B 40 -1.16 -29.33 32.25
N VAL B 41 -1.75 -30.38 31.71
CA VAL B 41 -1.51 -31.74 32.19
C VAL B 41 -0.98 -32.59 31.03
N SER B 42 0.00 -33.43 31.35
CA SER B 42 0.50 -34.37 30.37
C SER B 42 -0.54 -35.45 30.11
N ALA B 43 -0.38 -36.15 28.98
CA ALA B 43 -1.29 -37.23 28.64
C ALA B 43 -1.25 -38.36 29.66
N SER B 44 -0.17 -38.48 30.42
CA SER B 44 -0.05 -39.47 31.48
C SER B 44 -0.74 -39.06 32.76
N GLY B 45 -1.15 -37.80 32.90
CA GLY B 45 -1.90 -37.34 34.06
C GLY B 45 -1.15 -36.41 34.99
N LYS B 46 0.15 -36.20 34.81
CA LYS B 46 0.88 -35.29 35.67
C LYS B 46 0.62 -33.84 35.30
N VAL B 47 0.51 -32.99 36.31
CA VAL B 47 0.22 -31.58 36.14
C VAL B 47 1.55 -30.85 35.97
N LEU B 48 1.70 -30.15 34.85
CA LEU B 48 2.94 -29.44 34.59
C LEU B 48 2.90 -28.02 35.14
N MET B 49 1.74 -27.38 35.05
CA MET B 49 1.56 -26.04 35.61
C MET B 49 0.08 -25.74 35.75
N ALA B 50 -0.21 -24.70 36.52
CA ALA B 50 -1.57 -24.23 36.72
C ALA B 50 -1.66 -22.73 36.42
N LYS B 51 -2.89 -22.22 36.38
CA LYS B 51 -3.12 -20.82 36.03
C LYS B 51 -2.35 -19.90 36.96
N ASP B 52 -2.31 -20.22 38.25
CA ASP B 52 -1.58 -19.40 39.20
C ASP B 52 -0.08 -19.42 38.93
N ASP B 53 0.45 -20.56 38.48
CA ASP B 53 1.86 -20.61 38.10
C ASP B 53 2.13 -19.69 36.91
N ILE B 54 1.23 -19.67 35.94
CA ILE B 54 1.42 -18.79 34.77
C ILE B 54 1.37 -17.33 35.19
N LEU B 55 0.43 -16.99 36.07
CA LEU B 55 0.32 -15.61 36.53
C LEU B 55 1.54 -15.21 37.36
N ALA B 56 2.05 -16.11 38.20
CA ALA B 56 3.29 -15.84 38.91
C ALA B 56 4.45 -15.64 37.95
N GLY B 57 4.47 -16.40 36.86
CA GLY B 57 5.48 -16.19 35.84
C GLY B 57 5.36 -14.84 35.17
N GLN B 58 4.13 -14.39 34.93
CA GLN B 58 3.90 -13.05 34.41
C GLN B 58 4.49 -12.00 35.36
N SER B 59 4.23 -12.17 36.66
CA SER B 59 4.78 -11.25 37.65
C SER B 59 6.30 -11.26 37.66
N ALA B 60 6.90 -12.45 37.60
CA ALA B 60 8.36 -12.54 37.59
C ALA B 60 8.94 -11.88 36.33
N TRP B 61 8.26 -12.04 35.20
CA TRP B 61 8.66 -11.36 33.98
C TRP B 61 8.67 -9.85 34.19
N GLN B 62 7.62 -9.33 34.81
CA GLN B 62 7.60 -7.92 35.14
C GLN B 62 8.80 -7.53 36.00
N THR B 63 9.13 -8.37 36.99
CA THR B 63 10.29 -8.09 37.84
C THR B 63 11.59 -8.01 37.06
N THR B 64 11.78 -8.89 36.07
CA THR B 64 12.95 -8.75 35.20
C THR B 64 12.89 -7.51 34.34
N GLY B 65 11.72 -6.93 34.16
CA GLY B 65 11.56 -5.74 33.35
C GLY B 65 10.71 -5.97 32.14
N GLY B 66 10.29 -7.21 31.92
CA GLY B 66 9.31 -7.49 30.90
C GLY B 66 9.80 -7.10 29.53
N MET B 67 9.04 -6.17 28.94
CA MET B 67 9.20 -5.80 27.54
C MET B 67 10.51 -5.08 27.27
N GLU B 68 11.23 -4.69 28.31
CA GLU B 68 12.50 -4.03 28.11
C GLU B 68 13.66 -5.02 27.97
N VAL B 69 13.41 -6.32 28.14
CA VAL B 69 14.38 -7.37 27.85
C VAL B 69 13.72 -8.28 26.83
N GLY B 70 14.11 -8.15 25.57
CA GLY B 70 13.44 -8.95 24.56
C GLY B 70 11.98 -8.51 24.41
N SER B 71 11.19 -9.37 23.77
CA SER B 71 9.79 -9.10 23.55
C SER B 71 8.97 -10.36 23.81
N VAL B 72 7.69 -10.16 24.12
CA VAL B 72 6.75 -11.26 24.30
C VAL B 72 5.54 -10.97 23.42
N LEU B 73 5.15 -11.93 22.59
CA LEU B 73 4.09 -11.74 21.62
C LEU B 73 4.33 -10.51 20.76
N GLY B 74 5.58 -10.29 20.37
CA GLY B 74 5.93 -9.27 19.42
C GLY B 74 5.99 -7.85 19.96
N HIS B 75 5.89 -7.66 21.26
CA HIS B 75 5.97 -6.35 21.88
C HIS B 75 7.11 -6.32 22.89
N GLY B 76 7.94 -5.30 22.79
CA GLY B 76 9.03 -5.17 23.74
C GLY B 76 10.26 -4.61 23.04
N ALA B 77 11.41 -5.05 23.54
CA ALA B 77 12.71 -4.62 23.04
C ALA B 77 13.20 -5.56 21.94
N TYR B 78 14.25 -5.14 21.24
CA TYR B 78 14.67 -5.83 20.03
C TYR B 78 16.07 -6.41 20.07
N GLN B 79 16.83 -6.22 21.16
CA GLN B 79 18.14 -6.85 21.23
C GLN B 79 18.01 -8.34 21.53
N ALA B 80 17.44 -8.69 22.68
CA ALA B 80 17.16 -10.07 23.03
C ALA B 80 16.02 -10.59 22.18
N PRO B 81 15.87 -11.92 22.05
CA PRO B 81 14.84 -12.45 21.14
C PRO B 81 13.43 -12.18 21.62
N ASP B 82 12.47 -12.42 20.73
CA ASP B 82 11.08 -12.53 21.14
C ASP B 82 10.92 -13.88 21.83
N TRP B 83 10.71 -13.86 23.15
CA TRP B 83 10.71 -15.10 23.90
C TRP B 83 9.59 -16.04 23.47
N THR B 84 8.45 -15.49 23.03
CA THR B 84 7.38 -16.35 22.55
C THR B 84 7.84 -17.13 21.31
N ALA B 85 8.36 -16.41 20.31
CA ALA B 85 8.80 -17.06 19.07
C ALA B 85 10.00 -17.97 19.32
N ASP B 86 10.97 -17.51 20.12
CA ASP B 86 12.13 -18.34 20.40
C ASP B 86 11.74 -19.62 21.14
N TRP B 87 10.89 -19.49 22.16
CA TRP B 87 10.43 -20.67 22.89
C TRP B 87 9.66 -21.60 21.98
N LEU B 88 8.74 -21.05 21.18
CA LEU B 88 7.96 -21.89 20.27
C LEU B 88 8.88 -22.67 19.33
N HIS B 89 9.86 -21.99 18.73
CA HIS B 89 10.71 -22.69 17.78
C HIS B 89 11.58 -23.73 18.48
N ARG B 90 12.15 -23.39 19.64
CA ARG B 90 12.97 -24.34 20.37
C ARG B 90 12.18 -25.57 20.77
N GLU B 91 10.96 -25.37 21.28
CA GLU B 91 10.13 -26.49 21.70
C GLU B 91 9.71 -27.34 20.52
N LEU B 92 9.33 -26.72 19.41
CA LEU B 92 8.97 -27.51 18.22
C LEU B 92 10.16 -28.30 17.71
N SER B 93 11.34 -27.69 17.71
CA SER B 93 12.53 -28.40 17.25
C SER B 93 12.85 -29.58 18.16
N ALA B 94 12.71 -29.40 19.48
CA ALA B 94 12.95 -30.50 20.41
C ALA B 94 11.92 -31.61 20.20
N TRP B 95 10.66 -31.25 20.00
CA TRP B 95 9.61 -32.23 19.72
C TRP B 95 9.94 -33.02 18.47
N LEU B 96 10.34 -32.33 17.41
CA LEU B 96 10.69 -33.00 16.16
C LEU B 96 11.88 -33.93 16.34
N ASP B 97 12.92 -33.49 17.04
CA ASP B 97 14.07 -34.35 17.25
C ASP B 97 13.70 -35.60 18.04
N LEU B 98 12.94 -35.43 19.12
CA LEU B 98 12.54 -36.57 19.94
C LEU B 98 11.68 -37.55 19.15
N THR B 99 10.71 -37.01 18.40
CA THR B 99 9.81 -37.84 17.61
C THR B 99 10.55 -38.56 16.49
N ALA B 100 11.51 -37.90 15.86
CA ALA B 100 12.31 -38.53 14.82
C ALA B 100 13.17 -39.64 15.38
N GLN B 101 13.74 -39.44 16.57
CA GLN B 101 14.49 -40.51 17.22
C GLN B 101 13.58 -41.69 17.58
N GLN B 102 12.36 -41.41 18.04
CA GLN B 102 11.43 -42.47 18.40
C GLN B 102 10.86 -43.20 17.18
N THR B 103 10.76 -42.54 16.03
CA THR B 103 10.11 -43.10 14.86
C THR B 103 11.07 -43.64 13.82
N TYR B 104 12.15 -42.92 13.52
CA TYR B 104 13.11 -43.35 12.52
C TYR B 104 14.53 -43.56 13.04
N GLY B 105 14.80 -43.29 14.31
CA GLY B 105 16.09 -43.58 14.88
C GLY B 105 17.18 -42.57 14.61
N LYS B 106 16.86 -41.44 13.97
CA LYS B 106 17.81 -40.38 13.72
C LYS B 106 17.22 -39.04 14.12
N LYS B 107 18.06 -38.00 14.07
CA LYS B 107 17.58 -36.65 14.28
C LYS B 107 16.71 -36.20 13.11
N PHE B 108 15.92 -35.15 13.35
CA PHE B 108 14.98 -34.66 12.33
C PHE B 108 15.69 -34.20 11.07
N ASP B 109 16.87 -33.60 11.19
CA ASP B 109 17.59 -33.12 10.02
C ASP B 109 18.22 -34.24 9.21
N GLU B 110 18.35 -35.43 9.76
CA GLU B 110 19.02 -36.55 9.10
C GLU B 110 18.06 -37.51 8.45
N VAL B 111 16.75 -37.29 8.54
CA VAL B 111 15.77 -38.14 7.89
C VAL B 111 15.36 -37.48 6.58
N SER B 112 14.80 -38.32 5.68
CA SER B 112 14.44 -37.87 4.32
C SER B 112 13.35 -36.78 4.35
N PRO B 113 13.28 -35.92 3.32
CA PRO B 113 12.23 -34.88 3.25
C PRO B 113 10.82 -35.44 3.37
N GLU B 114 10.57 -36.64 2.86
CA GLU B 114 9.27 -37.28 3.04
C GLU B 114 9.00 -37.57 4.51
N GLU B 115 9.98 -38.14 5.20
CA GLU B 115 9.86 -38.39 6.63
C GLU B 115 9.69 -37.08 7.40
N GLN B 116 10.40 -36.04 6.98
CA GLN B 116 10.23 -34.73 7.60
C GLN B 116 8.82 -34.20 7.40
N ALA B 117 8.25 -34.41 6.22
CA ALA B 117 6.88 -33.97 5.98
C ALA B 117 5.90 -34.70 6.87
N VAL B 118 6.10 -36.02 7.05
CA VAL B 118 5.26 -36.78 7.98
C VAL B 118 5.38 -36.23 9.40
N LEU B 119 6.62 -35.99 9.83
CA LEU B 119 6.83 -35.47 11.17
C LEU B 119 6.19 -34.11 11.34
N LYS B 120 6.26 -33.25 10.32
CA LYS B 120 5.71 -31.92 10.42
C LYS B 120 4.18 -31.94 10.44
N THR B 121 3.55 -32.83 9.67
CA THR B 121 2.09 -32.91 9.76
C THR B 121 1.66 -33.43 11.14
N ARG B 122 2.41 -34.39 11.70
CA ARG B 122 2.13 -34.82 13.07
CA ARG B 122 2.09 -34.81 13.16
C ARG B 122 2.29 -33.67 14.05
N LEU B 123 3.38 -32.91 13.94
CA LEU B 123 3.65 -31.79 14.83
C LEU B 123 2.54 -30.75 14.74
N ALA B 124 2.15 -30.39 13.52
CA ALA B 124 1.11 -29.39 13.32
C ALA B 124 -0.19 -29.86 13.92
N ASP B 125 -0.58 -31.12 13.69
CA ASP B 125 -1.81 -31.61 14.28
C ASP B 125 -1.75 -31.50 15.80
N GLU B 126 -0.69 -32.02 16.40
CA GLU B 126 -0.60 -32.00 17.85
C GLU B 126 -0.74 -30.59 18.40
N TYR B 127 0.12 -29.67 17.92
CA TYR B 127 0.16 -28.34 18.52
C TYR B 127 -1.10 -27.54 18.21
N ARG B 128 -1.51 -27.49 16.94
CA ARG B 128 -2.61 -26.62 16.56
C ARG B 128 -3.95 -27.17 17.06
N ASN B 129 -4.16 -28.48 16.95
CA ASN B 129 -5.48 -29.04 17.21
C ASN B 129 -5.55 -29.77 18.55
N GLN B 130 -4.58 -30.64 18.83
CA GLN B 130 -4.72 -31.45 20.04
C GLN B 130 -4.50 -30.65 21.31
N SER B 131 -3.90 -29.46 21.19
CA SER B 131 -3.58 -28.65 22.39
C SER B 131 -4.72 -27.69 22.74
N ARG B 132 -5.81 -27.72 21.96
CA ARG B 132 -6.94 -26.78 22.20
C ARG B 132 -7.47 -26.97 23.63
N ILE B 133 -7.79 -25.87 24.32
CA ILE B 133 -8.23 -25.94 25.71
C ILE B 133 -9.57 -26.65 25.76
N LYS B 134 -9.75 -27.47 26.79
CA LYS B 134 -10.96 -28.27 26.96
C LYS B 134 -12.04 -27.45 27.67
N GLU B 135 -13.22 -28.07 27.81
CA GLU B 135 -14.34 -27.40 28.44
C GLU B 135 -14.09 -27.10 29.91
N ASP B 136 -13.37 -27.96 30.62
CA ASP B 136 -13.04 -27.73 32.02
C ASP B 136 -11.85 -26.78 32.18
N GLY B 137 -11.46 -26.09 31.11
CA GLY B 137 -10.35 -25.17 31.16
C GLY B 137 -8.99 -25.81 31.15
N SER B 138 -8.90 -27.11 30.92
CA SER B 138 -7.65 -27.85 30.97
C SER B 138 -7.02 -27.91 29.59
N VAL B 139 -5.69 -27.98 29.56
CA VAL B 139 -4.92 -28.22 28.36
C VAL B 139 -4.15 -29.51 28.55
N VAL B 140 -4.31 -30.45 27.62
CA VAL B 140 -3.65 -31.74 27.68
C VAL B 140 -2.57 -31.77 26.61
N ILE B 141 -1.34 -31.99 27.03
CA ILE B 141 -0.20 -32.05 26.12
C ILE B 141 0.42 -33.43 26.20
N SER B 142 1.11 -33.80 25.13
CA SER B 142 1.71 -35.12 25.02
C SER B 142 2.93 -35.25 25.91
N ASP B 143 3.28 -36.51 26.20
CA ASP B 143 4.50 -36.78 26.96
C ASP B 143 5.74 -36.32 26.18
N THR B 144 5.72 -36.48 24.86
CA THR B 144 6.81 -35.98 24.04
C THR B 144 6.93 -34.46 24.17
N ARG B 145 5.80 -33.77 24.21
CA ARG B 145 5.82 -32.32 24.42
C ARG B 145 6.40 -31.98 25.78
N VAL B 146 6.08 -32.76 26.81
CA VAL B 146 6.63 -32.53 28.14
C VAL B 146 8.14 -32.68 28.12
N LYS B 147 8.63 -33.74 27.48
CA LYS B 147 10.07 -33.95 27.39
C LYS B 147 10.74 -32.85 26.58
N ALA B 148 10.09 -32.38 25.52
CA ALA B 148 10.63 -31.28 24.72
C ALA B 148 10.76 -30.03 25.57
N ILE B 149 9.74 -29.72 26.38
CA ILE B 149 9.80 -28.56 27.27
C ILE B 149 10.95 -28.73 28.26
N GLU B 150 11.06 -29.92 28.84
CA GLU B 150 12.11 -30.17 29.83
C GLU B 150 13.49 -30.03 29.22
N SER B 151 13.64 -30.32 27.92
CA SER B 151 14.95 -30.25 27.30
C SER B 151 15.42 -28.82 27.04
N ILE B 152 14.50 -27.87 26.91
CA ILE B 152 14.88 -26.49 26.57
C ILE B 152 14.98 -25.58 27.79
N LEU B 153 14.48 -26.00 28.94
CA LEU B 153 14.53 -25.20 30.17
C LEU B 153 15.96 -24.84 30.57
N PRO B 154 16.95 -25.75 30.48
CA PRO B 154 18.32 -25.34 30.86
C PRO B 154 18.85 -24.14 30.10
N TYR B 155 18.51 -24.01 28.81
CA TYR B 155 18.95 -22.85 28.04
C TYR B 155 18.42 -21.56 28.66
N TYR B 156 17.13 -21.54 28.98
CA TYR B 156 16.53 -20.31 29.49
C TYR B 156 16.95 -20.04 30.93
N HIS B 157 17.18 -21.09 31.71
CA HIS B 157 17.74 -20.91 33.05
C HIS B 157 19.12 -20.27 32.96
N GLY B 158 19.93 -20.71 31.99
CA GLY B 158 21.21 -20.07 31.79
C GLY B 158 21.10 -18.64 31.31
N VAL B 159 20.16 -18.37 30.42
CA VAL B 159 20.01 -17.03 29.86
C VAL B 159 19.58 -16.04 30.95
N TYR B 160 18.63 -16.44 31.79
CA TYR B 160 18.13 -15.55 32.82
C TYR B 160 18.88 -15.67 34.14
N GLY B 161 19.82 -16.60 34.25
CA GLY B 161 20.56 -16.80 35.48
C GLY B 161 22.04 -16.47 35.33
N ASP B 162 22.89 -17.15 36.10
CA ASP B 162 24.34 -17.01 35.98
C ASP B 162 24.93 -18.35 35.60
N ASP B 163 24.87 -18.69 34.31
CA ASP B 163 25.49 -19.90 33.82
C ASP B 163 26.70 -19.47 33.00
N PRO B 164 27.92 -19.88 33.39
CA PRO B 164 29.10 -19.43 32.65
C PRO B 164 29.11 -19.84 31.20
N ALA B 165 28.41 -20.93 30.84
CA ALA B 165 28.34 -21.34 29.45
C ALA B 165 27.43 -20.44 28.62
N LEU B 166 26.57 -19.66 29.28
CA LEU B 166 25.59 -18.80 28.56
C LEU B 166 26.02 -17.33 28.66
N GLN B 167 27.16 -17.06 29.30
CA GLN B 167 27.61 -15.65 29.49
C GLN B 167 27.60 -14.92 28.15
N THR B 168 28.37 -15.40 27.17
CA THR B 168 28.44 -14.74 25.84
C THR B 168 27.02 -14.46 25.35
N THR B 169 26.18 -15.49 25.26
CA THR B 169 24.80 -15.29 24.82
C THR B 169 24.16 -14.14 25.57
N ARG B 170 24.34 -14.10 26.90
CA ARG B 170 23.75 -13.04 27.70
C ARG B 170 24.26 -11.67 27.27
N GLU B 171 25.57 -11.57 27.02
CA GLU B 171 26.13 -10.32 26.51
C GLU B 171 25.57 -9.98 25.14
N HIS B 172 25.43 -10.97 24.27
CA HIS B 172 24.84 -10.73 22.95
C HIS B 172 23.39 -10.29 23.06
N PHE B 173 22.72 -10.63 24.15
CA PHE B 173 21.34 -10.24 24.40
C PHE B 173 21.22 -8.94 25.17
N ALA B 174 22.34 -8.30 25.50
CA ALA B 174 22.34 -7.10 26.33
C ALA B 174 21.63 -7.35 27.65
N MET B 175 21.80 -8.56 28.18
CA MET B 175 21.22 -8.96 29.45
C MET B 175 22.31 -9.01 30.51
N LYS B 176 22.01 -8.48 31.67
CA LYS B 176 22.92 -8.57 32.80
C LYS B 176 23.00 -10.03 33.27
N ASN B 177 24.03 -10.32 34.05
CA ASN B 177 24.06 -11.60 34.75
C ASN B 177 22.97 -11.63 35.80
N ASN B 178 22.28 -12.76 35.90
CA ASN B 178 21.21 -12.95 36.88
C ASN B 178 20.08 -11.93 36.67
N THR B 179 19.53 -11.93 35.45
CA THR B 179 18.37 -11.07 35.20
C THR B 179 17.21 -11.45 36.10
N LEU B 180 17.00 -12.74 36.31
CA LEU B 180 16.02 -13.26 37.27
C LEU B 180 16.77 -14.20 38.21
N PRO B 181 17.30 -13.68 39.32
CA PRO B 181 18.20 -14.49 40.16
C PRO B 181 17.56 -15.73 40.75
N SER B 182 16.28 -15.71 41.09
CA SER B 182 15.64 -16.81 41.79
C SER B 182 15.31 -17.95 40.83
N GLN B 183 15.73 -19.17 41.19
CA GLN B 183 15.44 -20.33 40.38
C GLN B 183 13.94 -20.59 40.28
N GLU B 184 13.22 -20.52 41.40
CA GLU B 184 11.78 -20.77 41.38
C GLU B 184 11.04 -19.71 40.58
N ALA B 185 11.43 -18.44 40.72
CA ALA B 185 10.86 -17.39 39.89
C ALA B 185 11.13 -17.64 38.42
N ARG B 186 12.32 -18.16 38.09
CA ARG B 186 12.62 -18.49 36.71
C ARG B 186 11.71 -19.61 36.20
N GLU B 187 11.44 -20.60 37.04
CA GLU B 187 10.53 -21.68 36.65
C GLU B 187 9.14 -21.13 36.34
N LYS B 188 8.66 -20.22 37.18
CA LYS B 188 7.38 -19.56 36.89
C LYS B 188 7.46 -18.77 35.58
N LEU B 189 8.56 -18.05 35.38
CA LEU B 189 8.71 -17.24 34.18
C LEU B 189 8.64 -18.11 32.93
N PHE B 190 9.26 -19.27 32.96
CA PHE B 190 9.22 -20.16 31.82
C PHE B 190 7.85 -20.84 31.67
N ASP B 191 7.11 -21.01 32.76
CA ASP B 191 5.68 -21.35 32.64
C ASP B 191 4.94 -20.30 31.83
N PHE B 192 5.18 -19.02 32.13
CA PHE B 192 4.54 -17.93 31.39
C PHE B 192 4.95 -17.92 29.93
N PHE B 193 6.25 -18.12 29.67
CA PHE B 193 6.74 -18.20 28.29
C PHE B 193 6.06 -19.34 27.54
N PHE B 194 5.95 -20.50 28.19
CA PHE B 194 5.25 -21.64 27.55
C PHE B 194 3.82 -21.20 27.23
N TRP B 195 3.12 -20.66 28.22
CA TRP B 195 1.72 -20.21 28.00
C TRP B 195 1.64 -19.36 26.73
N THR B 196 2.47 -18.31 26.63
CA THR B 196 2.47 -17.46 25.42
C THR B 196 2.64 -18.34 24.18
N SER B 197 3.70 -19.15 24.15
CA SER B 197 3.95 -20.02 22.96
C SER B 197 2.69 -20.84 22.65
N TRP B 198 2.09 -21.45 23.68
CA TRP B 198 0.90 -22.27 23.49
C TRP B 198 -0.22 -21.46 22.85
N SER B 199 -0.45 -20.23 23.35
CA SER B 199 -1.47 -19.38 22.76
C SER B 199 -1.13 -19.06 21.30
N ALA B 200 0.15 -18.85 21.01
CA ALA B 200 0.56 -18.53 19.64
C ALA B 200 0.44 -19.72 18.70
N SER B 201 0.43 -20.95 19.23
CA SER B 201 0.48 -22.14 18.35
C SER B 201 -0.75 -23.04 18.47
N THR B 202 -1.79 -22.60 19.19
CA THR B 202 -2.98 -23.41 19.39
C THR B 202 -4.16 -22.75 18.70
N ASN B 203 -4.87 -23.52 17.87
CA ASN B 203 -6.03 -22.98 17.16
C ASN B 203 -7.09 -22.51 18.14
N ARG B 204 -7.77 -21.42 17.78
CA ARG B 204 -8.93 -20.99 18.52
C ARG B 204 -9.99 -22.09 18.48
N PRO B 205 -10.84 -22.19 19.51
CA PRO B 205 -11.74 -23.35 19.60
C PRO B 205 -12.61 -23.55 18.38
N ASP B 206 -13.04 -22.48 17.73
CA ASP B 206 -13.94 -22.58 16.59
C ASP B 206 -13.27 -22.31 15.25
N GLU B 207 -11.98 -21.99 15.24
CA GLU B 207 -11.28 -21.56 14.05
C GLU B 207 -10.14 -22.52 13.70
N THR B 208 -9.57 -22.30 12.51
CA THR B 208 -8.36 -23.00 12.08
C THR B 208 -7.11 -22.14 12.22
N PHE B 209 -7.22 -20.98 12.87
CA PHE B 209 -6.07 -20.13 13.16
C PHE B 209 -5.95 -19.96 14.67
N THR B 210 -4.74 -19.61 15.11
CA THR B 210 -4.46 -19.58 16.53
C THR B 210 -5.01 -18.31 17.19
N TYR B 211 -4.87 -18.25 18.51
CA TYR B 211 -5.30 -17.08 19.27
C TYR B 211 -4.57 -15.82 18.84
N THR B 212 -3.37 -15.95 18.29
CA THR B 212 -2.55 -14.82 17.86
C THR B 212 -2.68 -14.53 16.37
N ASN B 213 -3.75 -15.03 15.73
CA ASN B 213 -3.90 -14.91 14.28
C ASN B 213 -2.68 -15.48 13.56
N ASN B 214 -2.23 -16.64 14.03
CA ASN B 214 -1.14 -17.43 13.46
C ASN B 214 0.23 -16.76 13.61
N TRP B 215 0.34 -15.73 14.45
CA TRP B 215 1.64 -15.14 14.75
C TRP B 215 2.35 -16.00 15.80
N PRO B 216 3.68 -16.13 15.77
CA PRO B 216 4.65 -15.57 14.81
C PRO B 216 4.77 -16.43 13.58
N HIS B 217 5.40 -15.92 12.53
CA HIS B 217 5.67 -16.74 11.36
C HIS B 217 6.55 -17.92 11.76
N GLU B 218 5.99 -19.12 11.67
CA GLU B 218 6.68 -20.35 12.08
C GLU B 218 6.31 -21.44 11.10
N PRO B 219 7.14 -21.67 10.09
CA PRO B 219 6.78 -22.64 9.04
C PRO B 219 6.55 -24.05 9.55
N LEU B 220 7.15 -24.39 10.70
CA LEU B 220 7.06 -25.76 11.20
C LEU B 220 5.61 -26.18 11.45
N ILE B 221 4.78 -25.27 11.93
CA ILE B 221 3.40 -25.60 12.22
C ILE B 221 2.46 -24.80 11.32
N ASN B 222 2.98 -24.30 10.19
CA ASN B 222 2.21 -23.52 9.23
C ASN B 222 1.59 -22.30 9.90
N ASN B 223 2.40 -21.62 10.72
CA ASN B 223 1.96 -20.34 11.33
C ASN B 223 2.17 -19.29 10.26
N VAL B 224 1.21 -19.12 9.36
CA VAL B 224 1.32 -18.24 8.20
C VAL B 224 0.09 -17.36 8.16
N PRO B 225 0.15 -16.23 7.45
CA PRO B 225 -1.00 -15.31 7.44
C PRO B 225 -2.26 -15.99 6.90
N THR B 226 -3.39 -15.69 7.54
CA THR B 226 -4.67 -16.20 7.09
C THR B 226 -5.11 -15.47 5.82
N THR B 227 -6.14 -16.01 5.16
CA THR B 227 -6.65 -15.35 3.96
C THR B 227 -7.19 -13.96 4.27
N GLU B 228 -7.93 -13.82 5.38
CA GLU B 228 -8.44 -12.53 5.79
C GLU B 228 -7.32 -11.53 6.03
N ASN B 229 -6.16 -11.99 6.49
CA ASN B 229 -5.00 -11.11 6.62
C ASN B 229 -4.67 -10.43 5.29
N TYR B 230 -4.53 -11.22 4.23
CA TYR B 230 -4.28 -10.68 2.89
C TYR B 230 -5.41 -9.73 2.48
N MET B 231 -6.65 -10.20 2.61
CA MET B 231 -7.79 -9.44 2.11
C MET B 231 -7.88 -8.06 2.75
N TRP B 232 -7.82 -8.02 4.08
CA TRP B 232 -7.90 -6.75 4.78
C TRP B 232 -6.67 -5.88 4.56
N SER B 233 -5.48 -6.47 4.33
CA SER B 233 -4.34 -5.64 3.96
C SER B 233 -4.58 -4.91 2.64
N PHE B 234 -5.04 -5.64 1.63
CA PHE B 234 -5.32 -5.00 0.34
C PHE B 234 -6.43 -3.96 0.48
N THR B 235 -7.46 -4.28 1.28
CA THR B 235 -8.55 -3.34 1.49
C THR B 235 -8.05 -2.06 2.13
N SER B 236 -7.14 -2.17 3.10
CA SER B 236 -6.59 -0.99 3.75
C SER B 236 -5.79 -0.15 2.75
N VAL B 237 -5.05 -0.80 1.85
CA VAL B 237 -4.35 -0.04 0.82
C VAL B 237 -5.33 0.76 -0.04
N VAL B 238 -6.43 0.11 -0.46
CA VAL B 238 -7.41 0.79 -1.29
C VAL B 238 -8.03 1.97 -0.53
N LEU B 239 -8.36 1.76 0.74
CA LEU B 239 -8.95 2.82 1.54
C LEU B 239 -7.98 3.99 1.70
N LEU B 240 -6.69 3.69 1.91
CA LEU B 240 -5.71 4.75 2.05
C LEU B 240 -5.63 5.60 0.78
N LEU B 241 -5.48 4.95 -0.37
CA LEU B 241 -5.33 5.71 -1.61
C LEU B 241 -6.58 6.50 -1.94
N MET B 242 -7.76 5.89 -1.77
CA MET B 242 -9.00 6.59 -2.06
C MET B 242 -9.19 7.78 -1.13
N GLY B 243 -8.86 7.61 0.16
CA GLY B 243 -8.96 8.72 1.08
C GLY B 243 -8.01 9.86 0.75
N ILE B 244 -6.78 9.52 0.34
CA ILE B 244 -5.83 10.56 -0.04
C ILE B 244 -6.38 11.34 -1.23
N GLY B 245 -6.86 10.62 -2.24
CA GLY B 245 -7.37 11.29 -3.42
C GLY B 245 -8.58 12.17 -3.12
N LEU B 246 -9.51 11.65 -2.32
CA LEU B 246 -10.72 12.42 -2.02
C LEU B 246 -10.43 13.61 -1.10
N LEU B 247 -9.48 13.46 -0.16
CA LEU B 247 -9.10 14.60 0.66
C LEU B 247 -8.41 15.67 -0.18
N MET B 248 -7.55 15.26 -1.11
CA MET B 248 -6.97 16.22 -2.04
C MET B 248 -8.05 16.92 -2.86
N TRP B 249 -9.03 16.17 -3.35
CA TRP B 249 -10.15 16.75 -4.07
C TRP B 249 -10.89 17.78 -3.22
N GLY B 250 -11.17 17.42 -1.97
CA GLY B 250 -11.87 18.32 -1.07
C GLY B 250 -11.08 19.57 -0.76
N TYR B 251 -9.77 19.44 -0.54
CA TYR B 251 -8.91 20.60 -0.33
C TYR B 251 -8.95 21.51 -1.55
N SER B 252 -8.84 20.92 -2.75
CA SER B 252 -8.79 21.72 -3.97
C SER B 252 -10.09 22.48 -4.20
N PHE B 253 -11.23 21.84 -3.92
CA PHE B 253 -12.51 22.45 -4.24
C PHE B 253 -13.09 23.30 -3.11
N LEU B 254 -12.66 23.09 -1.86
CA LEU B 254 -13.30 23.71 -0.71
C LEU B 254 -12.41 24.69 0.04
N THR B 255 -11.18 24.89 -0.42
CA THR B 255 -10.24 25.81 0.21
C THR B 255 -9.85 26.87 -0.79
N LYS B 256 -9.97 28.14 -0.41
CA LYS B 256 -9.66 29.25 -1.28
C LYS B 256 -8.31 29.90 -0.98
N HIS B 257 -7.72 29.62 0.19
CA HIS B 257 -6.41 30.16 0.58
C HIS B 257 -6.44 31.69 0.61
N GLU B 258 -7.25 32.20 1.54
CA GLU B 258 -7.45 33.63 1.69
C GLU B 258 -6.19 34.31 2.20
N GLU B 259 -5.99 35.56 1.79
CA GLU B 259 -4.84 36.36 2.20
C GLU B 259 -5.25 37.25 3.37
N VAL B 260 -4.42 37.26 4.41
CA VAL B 260 -4.72 37.96 5.66
C VAL B 260 -3.63 38.99 5.91
N GLU B 261 -4.03 40.21 6.27
CA GLU B 261 -3.06 41.27 6.56
C GLU B 261 -2.54 41.11 7.98
N VAL B 262 -1.22 40.97 8.10
CA VAL B 262 -0.56 40.75 9.39
C VAL B 262 -0.61 42.04 10.20
N PRO B 263 -0.86 41.97 11.51
CA PRO B 263 -0.79 43.17 12.34
C PRO B 263 0.64 43.72 12.38
N THR B 264 0.73 45.04 12.56
CA THR B 264 2.03 45.69 12.56
C THR B 264 2.86 45.37 13.81
N GLU B 265 2.21 45.04 14.91
CA GLU B 265 2.90 44.66 16.14
C GLU B 265 2.53 43.24 16.53
N ASP B 266 3.40 42.59 17.28
CA ASP B 266 3.13 41.22 17.70
C ASP B 266 2.09 41.25 18.81
N PRO B 267 0.90 40.68 18.61
CA PRO B 267 -0.15 40.78 19.64
C PRO B 267 0.21 40.09 20.94
N ILE B 268 0.93 38.97 20.89
CA ILE B 268 1.27 38.25 22.11
C ILE B 268 2.33 38.99 22.93
N SER B 269 3.30 39.62 22.27
CA SER B 269 4.32 40.40 22.98
C SER B 269 3.76 41.65 23.63
N LYS B 270 2.56 42.09 23.25
CA LYS B 270 1.95 43.25 23.89
C LYS B 270 1.39 42.94 25.27
N VAL B 271 0.98 41.70 25.52
CA VAL B 271 0.40 41.32 26.80
C VAL B 271 1.52 41.15 27.82
N GLN B 272 1.35 41.77 28.98
CA GLN B 272 2.34 41.64 30.04
C GLN B 272 2.30 40.25 30.65
N LEU B 273 3.47 39.73 31.00
CA LEU B 273 3.57 38.38 31.52
C LEU B 273 3.05 38.30 32.96
N THR B 274 2.27 37.27 33.25
CA THR B 274 1.80 37.01 34.59
C THR B 274 2.85 36.22 35.37
N PRO B 275 2.78 36.25 36.71
CA PRO B 275 3.78 35.49 37.49
C PRO B 275 3.82 34.01 37.17
N SER B 276 2.67 33.36 36.94
CA SER B 276 2.70 31.95 36.60
C SER B 276 3.33 31.72 35.24
N GLN B 277 3.13 32.65 34.30
CA GLN B 277 3.81 32.56 33.01
C GLN B 277 5.32 32.65 33.18
N LYS B 278 5.79 33.59 34.00
CA LYS B 278 7.22 33.71 34.23
C LYS B 278 7.77 32.49 34.96
N ALA B 279 6.94 31.81 35.73
CA ALA B 279 7.36 30.59 36.40
C ALA B 279 7.57 29.41 35.46
N LEU B 280 7.39 29.60 34.16
CA LEU B 280 7.48 28.52 33.18
C LEU B 280 8.87 28.39 32.56
N GLY B 281 9.80 29.29 32.90
CA GLY B 281 11.16 29.14 32.44
C GLY B 281 11.81 27.87 32.94
N LYS B 282 11.53 27.50 34.19
CA LYS B 282 12.04 26.23 34.70
C LYS B 282 11.42 25.05 33.96
N TYR B 283 10.16 25.18 33.52
CA TYR B 283 9.59 24.14 32.67
C TYR B 283 10.33 24.02 31.35
N VAL B 284 10.66 25.15 30.74
CA VAL B 284 11.39 25.11 29.46
C VAL B 284 12.72 24.41 29.66
N PHE B 285 13.43 24.78 30.73
CA PHE B 285 14.71 24.14 31.00
C PHE B 285 14.56 22.67 31.32
N LEU B 286 13.50 22.29 32.05
CA LEU B 286 13.26 20.88 32.33
C LEU B 286 13.06 20.10 31.05
N THR B 287 12.26 20.65 30.12
CA THR B 287 12.03 19.98 28.84
C THR B 287 13.35 19.73 28.12
N VAL B 288 14.16 20.78 27.96
CA VAL B 288 15.38 20.60 27.16
C VAL B 288 16.40 19.72 27.89
N ALA B 289 16.52 19.86 29.21
CA ALA B 289 17.46 19.04 29.96
C ALA B 289 17.08 17.56 29.92
N LEU B 290 15.79 17.26 30.10
CA LEU B 290 15.34 15.88 29.98
C LEU B 290 15.54 15.35 28.56
N PHE B 291 15.41 16.23 27.56
CA PHE B 291 15.73 15.82 26.19
C PHE B 291 17.19 15.38 26.07
N VAL B 292 18.10 16.17 26.63
CA VAL B 292 19.52 15.83 26.53
C VAL B 292 19.82 14.53 27.29
N VAL B 293 19.26 14.39 28.48
CA VAL B 293 19.45 13.15 29.25
C VAL B 293 18.89 11.96 28.49
N GLN B 294 17.73 12.14 27.85
CA GLN B 294 17.11 11.06 27.10
C GLN B 294 17.99 10.61 25.93
N VAL B 295 18.51 11.55 25.15
CA VAL B 295 19.35 11.14 24.03
C VAL B 295 20.65 10.50 24.51
N LEU B 296 21.19 10.98 25.63
CA LEU B 296 22.37 10.33 26.21
C LEU B 296 22.06 8.90 26.63
N LEU B 297 20.89 8.69 27.23
CA LEU B 297 20.47 7.34 27.61
C LEU B 297 20.31 6.45 26.39
N GLY B 298 19.83 7.02 25.28
CA GLY B 298 19.77 6.28 24.03
C GLY B 298 21.15 5.87 23.56
N GLY B 299 22.12 6.77 23.67
CA GLY B 299 23.49 6.40 23.33
C GLY B 299 24.02 5.27 24.18
N LEU B 300 23.75 5.31 25.48
CA LEU B 300 24.17 4.22 26.37
C LEU B 300 23.50 2.90 25.98
N THR B 301 22.19 2.94 25.74
CA THR B 301 21.47 1.73 25.34
C THR B 301 22.02 1.16 24.04
N ALA B 302 22.33 2.05 23.09
CA ALA B 302 22.92 1.62 21.83
C ALA B 302 24.30 1.01 22.03
N HIS B 303 25.10 1.56 22.95
CA HIS B 303 26.37 0.95 23.27
C HIS B 303 26.18 -0.46 23.81
N TYR B 304 25.12 -0.69 24.57
CA TYR B 304 24.84 -2.05 25.04
C TYR B 304 24.53 -3.01 23.91
N THR B 305 24.04 -2.53 22.77
CA THR B 305 23.73 -3.41 21.65
C THR B 305 24.95 -3.82 20.85
N VAL B 306 26.09 -3.17 21.05
CA VAL B 306 27.35 -3.62 20.47
C VAL B 306 28.31 -4.19 21.51
N GLU B 307 28.24 -3.73 22.76
CA GLU B 307 29.05 -4.26 23.87
C GLU B 307 28.04 -4.58 24.99
N GLY B 308 27.65 -5.85 25.07
CA GLY B 308 26.44 -6.19 25.79
C GLY B 308 26.49 -5.93 27.29
N GLN B 309 27.65 -6.07 27.91
CA GLN B 309 27.75 -5.95 29.35
C GLN B 309 28.79 -4.96 29.83
N GLY B 310 29.79 -4.63 29.01
CA GLY B 310 30.94 -3.90 29.48
C GLY B 310 31.11 -2.55 28.82
N PHE B 311 31.49 -1.58 29.64
CA PHE B 311 31.91 -0.27 29.17
C PHE B 311 33.36 -0.40 28.68
N TYR B 312 33.93 0.70 28.22
CA TYR B 312 35.34 0.69 27.85
C TYR B 312 36.26 0.62 29.05
N GLY B 313 35.70 0.64 30.26
CA GLY B 313 36.49 0.50 31.47
C GLY B 313 36.54 1.77 32.28
N GLY B 319 35.59 1.23 35.87
CA GLY B 319 35.54 0.69 37.22
C GLY B 319 34.66 -0.53 37.37
N PHE B 320 33.67 -0.43 38.26
CA PHE B 320 32.76 -1.54 38.55
C PHE B 320 32.00 -1.99 37.30
N GLU B 321 31.33 -3.14 37.45
CA GLU B 321 30.55 -3.70 36.32
C GLU B 321 29.30 -2.85 36.14
N MET B 322 29.17 -2.23 34.97
CA MET B 322 28.04 -1.35 34.71
C MET B 322 26.73 -2.13 34.62
N SER B 323 26.77 -3.31 34.00
CA SER B 323 25.55 -4.06 33.74
C SER B 323 24.86 -4.57 35.00
N ASP B 324 25.55 -4.66 36.14
CA ASP B 324 24.84 -5.06 37.35
C ASP B 324 23.89 -3.98 37.84
N TRP B 325 24.24 -2.71 37.68
CA TRP B 325 23.45 -1.62 38.23
C TRP B 325 22.72 -0.79 37.20
N PHE B 326 23.30 -0.58 36.02
CA PHE B 326 22.62 0.14 34.94
C PHE B 326 22.64 -0.73 33.69
N PRO B 327 21.91 -1.84 33.70
CA PRO B 327 21.88 -2.71 32.53
C PRO B 327 21.09 -2.12 31.38
N TYR B 328 21.18 -2.77 30.22
CA TYR B 328 20.44 -2.34 29.05
C TYR B 328 18.96 -2.17 29.36
N ALA B 329 18.40 -3.08 30.17
CA ALA B 329 16.98 -2.99 30.49
C ALA B 329 16.65 -1.66 31.14
N LEU B 330 17.48 -1.24 32.10
CA LEU B 330 17.23 0.00 32.83
C LEU B 330 17.43 1.22 31.94
N THR B 331 18.51 1.24 31.17
CA THR B 331 18.78 2.40 30.33
C THR B 331 17.74 2.53 29.23
N ARG B 332 17.27 1.41 28.67
CA ARG B 332 16.17 1.45 27.71
C ARG B 332 14.90 1.98 28.37
N THR B 333 14.58 1.49 29.57
CA THR B 333 13.41 1.98 30.28
C THR B 333 13.47 3.49 30.46
N TRP B 334 14.60 3.98 30.95
CA TRP B 334 14.75 5.41 31.19
C TRP B 334 14.73 6.20 29.89
N HIS B 335 15.30 5.62 28.83
CA HIS B 335 15.31 6.27 27.50
C HIS B 335 13.89 6.52 27.00
N ILE B 336 13.03 5.50 27.13
CA ILE B 336 11.62 5.61 26.64
C ILE B 336 10.83 6.52 27.58
N GLN B 337 10.95 6.31 28.90
CA GLN B 337 10.17 7.10 29.84
C GLN B 337 10.56 8.56 29.79
N SER B 338 11.85 8.85 29.63
CA SER B 338 12.30 10.24 29.52
C SER B 338 11.75 10.88 28.25
N ALA B 339 11.67 10.13 27.15
CA ALA B 339 11.04 10.66 25.94
C ALA B 339 9.61 11.10 26.24
N ILE B 340 8.84 10.20 26.86
CA ILE B 340 7.45 10.55 27.20
C ILE B 340 7.42 11.78 28.08
N PHE B 341 8.27 11.81 29.11
CA PHE B 341 8.23 12.88 30.10
C PHE B 341 8.55 14.23 29.48
N TRP B 342 9.60 14.31 28.67
CA TRP B 342 10.00 15.62 28.17
C TRP B 342 9.06 16.12 27.08
N ILE B 343 8.55 15.22 26.23
CA ILE B 343 7.55 15.67 25.26
C ILE B 343 6.29 16.16 25.97
N ALA B 344 5.82 15.40 26.96
CA ALA B 344 4.64 15.80 27.71
C ALA B 344 4.88 17.12 28.44
N THR B 345 6.07 17.30 29.00
CA THR B 345 6.37 18.54 29.70
C THR B 345 6.34 19.73 28.75
N GLY B 346 6.87 19.56 27.52
CA GLY B 346 6.76 20.62 26.54
C GLY B 346 5.32 20.99 26.25
N PHE B 347 4.46 19.99 26.06
CA PHE B 347 3.05 20.26 25.82
C PHE B 347 2.40 20.98 27.01
N LEU B 348 2.69 20.52 28.22
CA LEU B 348 2.10 21.12 29.41
C LEU B 348 2.56 22.56 29.57
N THR B 349 3.83 22.84 29.27
CA THR B 349 4.34 24.21 29.33
C THR B 349 3.62 25.09 28.33
N ALA B 350 3.42 24.60 27.11
CA ALA B 350 2.66 25.38 26.12
C ALA B 350 1.28 25.73 26.64
N GLY B 351 0.60 24.72 27.22
CA GLY B 351 -0.73 24.99 27.76
C GLY B 351 -0.73 25.99 28.88
N LEU B 352 0.19 25.84 29.82
CA LEU B 352 0.26 26.73 30.98
C LEU B 352 0.64 28.15 30.58
N PHE B 353 1.39 28.32 29.50
CA PHE B 353 1.67 29.66 29.01
C PHE B 353 0.46 30.28 28.33
N LEU B 354 -0.27 29.48 27.54
CA LEU B 354 -1.43 30.02 26.83
C LEU B 354 -2.59 30.34 27.75
N ALA B 355 -2.70 29.64 28.89
CA ALA B 355 -3.88 29.78 29.73
C ALA B 355 -4.12 31.21 30.24
N PRO B 356 -3.15 31.92 30.83
CA PRO B 356 -3.44 33.30 31.25
C PRO B 356 -3.80 34.22 30.10
N ILE B 357 -3.26 33.97 28.90
CA ILE B 357 -3.63 34.77 27.73
C ILE B 357 -5.11 34.56 27.39
N VAL B 358 -5.61 33.34 27.55
CA VAL B 358 -7.04 33.09 27.38
C VAL B 358 -7.84 33.82 28.44
N ASN B 359 -7.29 33.94 29.66
CA ASN B 359 -7.96 34.60 30.76
C ASN B 359 -7.78 36.12 30.75
N GLY B 360 -7.44 36.70 29.61
CA GLY B 360 -7.30 38.14 29.51
C GLY B 360 -5.98 38.70 29.98
N GLY B 361 -4.95 37.86 30.11
CA GLY B 361 -3.66 38.33 30.57
C GLY B 361 -3.49 38.45 32.06
N LYS B 362 -4.30 37.75 32.85
CA LYS B 362 -4.17 37.78 34.29
C LYS B 362 -4.31 36.37 34.84
N ASP B 363 -3.69 36.15 36.00
CA ASP B 363 -3.73 34.85 36.66
C ASP B 363 -4.90 34.76 37.63
N PRO B 364 -5.59 33.63 37.67
CA PRO B 364 -6.48 33.35 38.80
C PRO B 364 -5.66 33.22 40.09
N LYS B 365 -6.38 33.11 41.20
CA LYS B 365 -5.74 33.06 42.51
C LYS B 365 -4.87 31.80 42.63
N PHE B 366 -3.63 32.00 43.08
CA PHE B 366 -2.64 30.94 43.27
C PHE B 366 -2.39 30.12 42.00
N GLN B 367 -2.43 30.74 40.82
CA GLN B 367 -2.05 30.00 39.63
C GLN B 367 -0.56 29.70 39.60
N ARG B 368 0.28 30.63 40.08
CA ARG B 368 1.71 30.38 40.16
C ARG B 368 2.02 29.30 41.18
N ALA B 369 1.28 29.27 42.30
CA ALA B 369 1.45 28.20 43.27
C ALA B 369 1.11 26.86 42.65
N GLY B 370 0.03 26.80 41.85
CA GLY B 370 -0.31 25.57 41.16
C GLY B 370 0.76 25.14 40.17
N VAL B 371 1.33 26.11 39.44
CA VAL B 371 2.38 25.80 38.48
C VAL B 371 3.60 25.21 39.20
N ASN B 372 3.99 25.82 40.32
CA ASN B 372 5.12 25.33 41.10
C ASN B 372 4.83 23.93 41.66
N PHE B 373 3.61 23.72 42.16
CA PHE B 373 3.24 22.41 42.67
C PHE B 373 3.30 21.35 41.57
N LEU B 374 2.84 21.70 40.38
CA LEU B 374 2.91 20.77 39.25
C LEU B 374 4.35 20.44 38.90
N TYR B 375 5.23 21.45 38.93
CA TYR B 375 6.65 21.21 38.68
C TYR B 375 7.24 20.23 39.67
N ILE B 376 6.96 20.45 40.96
CA ILE B 376 7.47 19.56 41.99
C ILE B 376 6.91 18.15 41.82
N ALA B 377 5.62 18.04 41.49
CA ALA B 377 5.02 16.73 41.29
C ALA B 377 5.66 16.00 40.11
N LEU B 378 5.99 16.73 39.04
CA LEU B 378 6.65 16.12 37.90
C LEU B 378 8.03 15.61 38.28
N PHE B 379 8.78 16.40 39.05
CA PHE B 379 10.08 15.91 39.54
C PHE B 379 9.91 14.67 40.40
N ILE B 380 8.91 14.65 41.26
CA ILE B 380 8.70 13.49 42.12
C ILE B 380 8.37 12.26 41.27
N VAL B 381 7.48 12.42 40.29
CA VAL B 381 7.13 11.29 39.43
C VAL B 381 8.37 10.76 38.72
N VAL B 382 9.15 11.63 38.10
CA VAL B 382 10.30 11.18 37.32
C VAL B 382 11.32 10.50 38.23
N GLY B 383 11.71 11.18 39.32
CA GLY B 383 12.75 10.64 40.18
C GLY B 383 12.33 9.37 40.89
N GLY B 384 11.12 9.36 41.44
CA GLY B 384 10.60 8.18 42.09
C GLY B 384 10.43 7.01 41.17
N SER B 385 9.90 7.21 39.96
CA SER B 385 9.74 6.12 39.03
C SER B 385 11.09 5.56 38.61
N TYR B 386 12.07 6.44 38.38
CA TYR B 386 13.38 5.96 37.93
C TYR B 386 14.10 5.22 39.05
N ALA B 387 14.01 5.72 40.29
CA ALA B 387 14.57 4.99 41.42
C ALA B 387 13.88 3.65 41.61
N GLY B 388 12.55 3.62 41.44
CA GLY B 388 11.84 2.36 41.54
C GLY B 388 12.26 1.35 40.49
N ASN B 389 12.47 1.82 39.25
CA ASN B 389 13.00 0.95 38.21
C ASN B 389 14.37 0.40 38.61
N PHE B 390 15.22 1.28 39.14
CA PHE B 390 16.56 0.87 39.50
C PHE B 390 16.55 -0.20 40.58
N PHE B 391 15.70 -0.03 41.59
CA PHE B 391 15.64 -1.00 42.67
C PHE B 391 14.83 -2.24 42.30
N ALA B 392 13.97 -2.15 41.29
CA ALA B 392 13.28 -3.33 40.79
C ALA B 392 14.20 -4.22 39.97
N LEU B 393 15.03 -3.63 39.12
CA LEU B 393 15.87 -4.43 38.23
C LEU B 393 17.02 -5.09 38.97
N THR B 394 17.50 -4.48 40.05
CA THR B 394 18.48 -5.13 40.92
C THR B 394 17.84 -6.12 41.87
N HIS B 395 16.51 -6.17 41.90
CA HIS B 395 15.75 -7.09 42.75
C HIS B 395 15.94 -6.78 44.23
N ILE B 396 16.47 -5.60 44.53
CA ILE B 396 16.50 -5.10 45.90
C ILE B 396 15.09 -4.89 46.42
N LEU B 397 14.23 -4.31 45.60
CA LEU B 397 12.83 -4.14 45.96
C LEU B 397 12.13 -5.50 45.97
N PRO B 398 11.47 -5.88 47.05
CA PRO B 398 10.83 -7.21 47.11
C PRO B 398 9.73 -7.34 46.08
N PRO B 399 9.50 -8.56 45.57
CA PRO B 399 8.62 -8.73 44.41
C PRO B 399 7.19 -8.25 44.61
N GLU B 400 6.65 -8.34 45.82
CA GLU B 400 5.24 -7.97 46.04
C GLU B 400 4.98 -6.49 45.84
N PHE B 401 6.00 -5.65 45.81
CA PHE B 401 5.84 -4.22 45.55
C PHE B 401 6.30 -3.81 44.15
N ASN B 402 6.69 -4.77 43.31
CA ASN B 402 7.27 -4.42 42.02
C ASN B 402 6.27 -3.68 41.14
N PHE B 403 5.02 -4.13 41.08
CA PHE B 403 4.07 -3.52 40.17
C PHE B 403 3.70 -2.11 40.60
N TRP B 404 3.67 -1.84 41.90
CA TRP B 404 3.25 -0.53 42.38
C TRP B 404 4.39 0.47 42.44
N PHE B 405 5.61 0.02 42.74
CA PHE B 405 6.72 0.93 42.95
C PHE B 405 7.93 0.67 42.06
N GLY B 406 8.02 -0.50 41.43
CA GLY B 406 9.22 -0.85 40.72
C GLY B 406 9.14 -0.70 39.21
N HIS B 407 8.98 -1.82 38.52
CA HIS B 407 8.94 -1.85 37.06
C HIS B 407 7.72 -2.64 36.62
N GLN B 408 6.81 -2.00 35.91
CA GLN B 408 5.63 -2.70 35.44
C GLN B 408 5.95 -3.73 34.38
N GLY B 409 7.09 -3.59 33.71
CA GLY B 409 7.46 -4.50 32.65
C GLY B 409 6.73 -4.28 31.34
N TYR B 410 5.87 -3.28 31.28
CA TYR B 410 5.08 -2.99 30.09
C TYR B 410 5.60 -1.70 29.47
N GLU B 411 6.01 -1.80 28.21
CA GLU B 411 6.69 -0.70 27.52
C GLU B 411 5.82 0.54 27.49
N TYR B 412 6.45 1.70 27.72
CA TYR B 412 5.82 3.04 27.74
C TYR B 412 4.99 3.25 28.99
N LEU B 413 4.77 2.19 29.76
CA LEU B 413 4.09 2.27 31.04
C LEU B 413 4.93 1.54 32.07
N ASP B 414 6.26 1.66 31.94
CA ASP B 414 7.18 0.90 32.77
C ASP B 414 7.14 1.35 34.22
N LEU B 415 6.81 2.62 34.46
CA LEU B 415 6.82 3.16 35.82
C LEU B 415 5.81 2.43 36.69
N GLY B 416 6.12 2.36 37.98
CA GLY B 416 5.24 1.68 38.91
C GLY B 416 3.88 2.34 38.98
N ARG B 417 2.87 1.53 39.33
CA ARG B 417 1.49 2.00 39.32
C ARG B 417 1.29 3.19 40.25
N PHE B 418 2.06 3.27 41.35
CA PHE B 418 1.96 4.42 42.24
C PHE B 418 2.36 5.71 41.53
N TRP B 419 3.50 5.69 40.83
CA TRP B 419 3.93 6.87 40.10
C TRP B 419 3.01 7.18 38.94
N GLN B 420 2.41 6.16 38.34
CA GLN B 420 1.42 6.39 37.29
C GLN B 420 0.20 7.09 37.83
N LEU B 421 -0.26 6.69 39.03
CA LEU B 421 -1.36 7.39 39.69
C LEU B 421 -0.99 8.84 39.99
N LEU B 422 0.22 9.07 40.48
CA LEU B 422 0.63 10.43 40.78
C LEU B 422 0.75 11.28 39.51
N LEU B 423 1.22 10.69 38.41
CA LEU B 423 1.25 11.41 37.14
C LEU B 423 -0.17 11.72 36.68
N MET B 424 -1.11 10.81 36.89
CA MET B 424 -2.51 11.08 36.56
C MET B 424 -3.04 12.25 37.37
N VAL B 425 -2.70 12.30 38.66
CA VAL B 425 -3.10 13.42 39.51
C VAL B 425 -2.47 14.72 39.00
N GLY B 426 -1.20 14.68 38.61
CA GLY B 426 -0.56 15.87 38.06
C GLY B 426 -1.19 16.36 36.77
N LEU B 427 -1.57 15.43 35.89
CA LEU B 427 -2.28 15.80 34.67
C LEU B 427 -3.64 16.39 34.99
N LEU B 428 -4.33 15.87 36.00
CA LEU B 428 -5.60 16.45 36.41
C LEU B 428 -5.41 17.87 36.94
N LEU B 429 -4.36 18.07 37.73
CA LEU B 429 -4.06 19.42 38.24
C LEU B 429 -3.75 20.38 37.09
N TRP B 430 -3.00 19.91 36.10
CA TRP B 430 -2.72 20.72 34.93
C TRP B 430 -4.01 21.09 34.20
N LEU B 431 -4.90 20.11 34.04
CA LEU B 431 -6.19 20.38 33.40
C LEU B 431 -6.99 21.41 34.18
N PHE B 432 -6.97 21.33 35.50
CA PHE B 432 -7.66 22.31 36.33
C PHE B 432 -7.10 23.71 36.08
N LEU B 433 -5.77 23.82 36.09
CA LEU B 433 -5.14 25.12 35.85
C LEU B 433 -5.43 25.66 34.46
N MET B 434 -5.62 24.79 33.47
CA MET B 434 -6.05 25.27 32.15
C MET B 434 -7.50 25.73 32.17
N LEU B 435 -8.41 24.88 32.65
CA LEU B 435 -9.84 25.16 32.53
C LEU B 435 -10.26 26.39 33.33
N ARG B 436 -9.64 26.61 34.49
CA ARG B 436 -9.99 27.78 35.29
C ARG B 436 -9.56 29.08 34.62
N CYS B 437 -8.65 29.01 33.66
CA CYS B 437 -8.27 30.18 32.87
C CYS B 437 -9.17 30.39 31.65
N THR B 438 -10.02 29.42 31.33
CA THR B 438 -10.94 29.54 30.20
C THR B 438 -12.38 29.77 30.62
N VAL B 439 -12.70 29.59 31.90
CA VAL B 439 -14.07 29.83 32.36
C VAL B 439 -14.52 31.25 32.00
N SER B 440 -13.68 32.25 32.31
CA SER B 440 -14.07 33.64 32.06
C SER B 440 -14.20 33.91 30.57
N ALA B 441 -13.31 33.34 29.76
CA ALA B 441 -13.41 33.52 28.31
C ALA B 441 -14.70 32.91 27.77
N PHE B 442 -15.14 31.78 28.33
CA PHE B 442 -16.42 31.21 27.91
C PHE B 442 -17.59 32.06 28.39
N LYS B 443 -17.48 32.70 29.55
CA LYS B 443 -18.56 33.55 30.03
C LYS B 443 -18.66 34.88 29.27
N GLU B 444 -17.70 35.18 28.41
CA GLU B 444 -17.68 36.44 27.68
C GLU B 444 -18.90 36.54 26.78
N LYS B 445 -19.39 37.76 26.58
CA LYS B 445 -20.58 38.00 25.77
C LYS B 445 -20.19 38.57 24.41
N GLY B 446 -20.74 38.00 23.35
CA GLY B 446 -20.63 38.53 22.01
C GLY B 446 -19.53 37.92 21.15
N VAL B 447 -18.74 37.00 21.70
CA VAL B 447 -17.59 36.47 20.99
C VAL B 447 -17.84 35.00 20.63
N ASP B 448 -17.46 34.64 19.41
CA ASP B 448 -17.56 33.27 18.95
C ASP B 448 -16.55 32.43 19.72
N LYS B 449 -17.00 31.33 20.33
CA LYS B 449 -16.17 30.51 21.19
C LYS B 449 -15.92 29.12 20.61
N ASN B 450 -16.21 28.91 19.33
CA ASN B 450 -16.02 27.58 18.75
C ASN B 450 -14.55 27.17 18.74
N LEU B 451 -13.67 28.08 18.34
CA LEU B 451 -12.23 27.78 18.35
C LEU B 451 -11.75 27.50 19.77
N LEU B 452 -12.18 28.33 20.72
CA LEU B 452 -11.83 28.09 22.11
C LEU B 452 -12.46 26.80 22.62
N ALA B 453 -13.67 26.48 22.18
CA ALA B 453 -14.31 25.24 22.61
C ALA B 453 -13.52 24.02 22.15
N ILE B 454 -13.07 23.99 20.89
CA ILE B 454 -12.33 22.83 20.42
C ILE B 454 -10.95 22.78 21.08
N PHE B 455 -10.34 23.93 21.31
CA PHE B 455 -9.05 23.94 22.01
C PHE B 455 -9.20 23.40 23.44
N VAL B 456 -10.27 23.78 24.13
CA VAL B 456 -10.52 23.27 25.48
C VAL B 456 -10.84 21.78 25.45
N ALA B 457 -11.56 21.31 24.43
CA ALA B 457 -11.81 19.88 24.29
C ALA B 457 -10.50 19.13 24.13
N SER B 458 -9.57 19.68 23.34
CA SER B 458 -8.26 19.07 23.21
C SER B 458 -7.52 19.05 24.55
N MET B 459 -7.61 20.13 25.34
CA MET B 459 -7.01 20.13 26.67
C MET B 459 -7.57 18.99 27.52
N VAL B 460 -8.90 18.83 27.50
CA VAL B 460 -9.53 17.79 28.31
C VAL B 460 -9.05 16.42 27.87
N GLY B 461 -8.97 16.20 26.55
CA GLY B 461 -8.46 14.93 26.06
C GLY B 461 -7.06 14.65 26.55
N VAL B 462 -6.17 15.63 26.44
CA VAL B 462 -4.79 15.45 26.90
C VAL B 462 -4.73 15.16 28.39
N GLY B 463 -5.51 15.88 29.19
CA GLY B 463 -5.47 15.73 30.62
C GLY B 463 -6.24 14.56 31.18
N VAL B 464 -7.06 13.88 30.37
CA VAL B 464 -7.88 12.78 30.88
C VAL B 464 -7.42 11.43 30.34
N PHE B 465 -7.02 11.37 29.07
CA PHE B 465 -6.86 10.07 28.43
C PHE B 465 -5.55 9.36 28.78
N TYR B 466 -4.85 9.80 29.83
CA TYR B 466 -3.84 8.94 30.45
C TYR B 466 -4.46 7.95 31.41
N ALA B 467 -5.72 8.17 31.81
CA ALA B 467 -6.38 7.31 32.78
C ALA B 467 -6.50 5.84 32.36
N PRO B 468 -6.81 5.49 31.10
CA PRO B 468 -6.99 4.06 30.76
C PRO B 468 -5.79 3.19 31.07
N GLY B 469 -4.62 3.79 31.27
CA GLY B 469 -3.46 3.04 31.70
C GLY B 469 -3.59 2.47 33.10
N LEU B 470 -4.61 2.88 33.84
CA LEU B 470 -4.87 2.38 35.19
C LEU B 470 -5.92 1.27 35.21
N PHE B 471 -6.43 0.86 34.05
CA PHE B 471 -7.56 -0.06 33.97
C PHE B 471 -7.13 -1.52 33.97
N TYR B 472 -5.82 -1.80 34.00
CA TYR B 472 -5.32 -3.15 34.09
C TYR B 472 -4.48 -3.28 35.35
N GLY B 473 -4.35 -4.50 35.84
CA GLY B 473 -3.55 -4.76 37.03
C GLY B 473 -2.35 -5.64 36.77
N GLU B 474 -1.63 -5.98 37.85
CA GLU B 474 -0.47 -6.85 37.72
C GLU B 474 -0.85 -8.21 37.15
N LYS B 475 -1.99 -8.76 37.61
CA LYS B 475 -2.44 -10.07 37.18
C LYS B 475 -3.44 -10.01 36.03
N SER B 476 -3.64 -8.85 35.41
CA SER B 476 -4.56 -8.76 34.30
C SER B 476 -4.05 -9.61 33.14
N PRO B 477 -4.93 -10.22 32.36
CA PRO B 477 -4.47 -10.97 31.18
C PRO B 477 -3.72 -10.06 30.21
N ILE B 478 -2.76 -10.66 29.50
CA ILE B 478 -1.87 -9.90 28.63
C ILE B 478 -2.66 -9.12 27.60
N ALA B 479 -3.70 -9.73 27.02
CA ALA B 479 -4.47 -9.07 25.98
C ALA B 479 -5.22 -7.84 26.52
N VAL B 480 -5.79 -7.96 27.72
CA VAL B 480 -6.47 -6.83 28.34
C VAL B 480 -5.50 -5.69 28.61
N MET B 481 -4.34 -6.03 29.17
CA MET B 481 -3.32 -5.02 29.42
C MET B 481 -2.89 -4.36 28.13
N GLU B 482 -2.73 -5.14 27.06
CA GLU B 482 -2.34 -4.55 25.78
C GLU B 482 -3.40 -3.58 25.28
N TYR B 483 -4.67 -3.96 25.40
CA TYR B 483 -5.76 -3.09 24.97
C TYR B 483 -5.70 -1.75 25.69
N TRP B 484 -5.61 -1.79 27.03
CA TRP B 484 -5.62 -0.55 27.79
C TRP B 484 -4.32 0.24 27.64
N ARG B 485 -3.18 -0.45 27.56
CA ARG B 485 -1.90 0.23 27.36
C ARG B 485 -1.88 0.97 26.04
N TRP B 486 -2.42 0.36 24.99
CA TRP B 486 -2.43 1.04 23.72
C TRP B 486 -3.49 2.13 23.65
N TRP B 487 -4.57 2.04 24.43
CA TRP B 487 -5.39 3.22 24.63
C TRP B 487 -4.49 4.43 24.93
N VAL B 488 -3.70 4.34 26.00
CA VAL B 488 -2.79 5.43 26.34
C VAL B 488 -1.83 5.72 25.20
N VAL B 489 -0.95 4.77 24.87
CA VAL B 489 0.18 5.09 24.02
C VAL B 489 -0.28 5.55 22.64
N HIS B 490 -1.25 4.85 22.04
CA HIS B 490 -1.70 5.21 20.71
C HIS B 490 -2.71 6.36 20.74
N LEU B 491 -3.84 6.20 21.42
CA LEU B 491 -4.84 7.25 21.51
C LEU B 491 -4.29 8.51 22.15
N TRP B 492 -3.95 8.45 23.43
CA TRP B 492 -3.63 9.65 24.21
C TRP B 492 -2.47 10.42 23.59
N VAL B 493 -1.46 9.73 23.05
CA VAL B 493 -0.36 10.45 22.45
C VAL B 493 -0.73 10.80 21.02
N GLU B 494 -0.83 9.79 20.15
CA GLU B 494 -1.07 10.02 18.73
CA GLU B 494 -1.07 10.04 18.73
C GLU B 494 -2.24 10.98 18.51
N GLY B 495 -3.46 10.52 18.83
CA GLY B 495 -4.64 11.27 18.48
C GLY B 495 -4.83 12.54 19.28
N PHE B 496 -4.76 12.45 20.61
CA PHE B 496 -5.06 13.61 21.41
C PHE B 496 -3.93 14.63 21.44
N PHE B 497 -2.66 14.22 21.43
CA PHE B 497 -1.60 15.18 21.23
C PHE B 497 -1.68 15.83 19.85
N GLU B 498 -2.04 15.07 18.81
CA GLU B 498 -2.20 15.67 17.49
C GLU B 498 -3.30 16.73 17.51
N VAL B 499 -4.43 16.41 18.14
CA VAL B 499 -5.56 17.34 18.18
C VAL B 499 -5.21 18.58 18.99
N PHE B 500 -4.54 18.38 20.14
CA PHE B 500 -4.12 19.52 20.95
C PHE B 500 -3.13 20.39 20.21
N ALA B 501 -2.18 19.80 19.50
CA ALA B 501 -1.22 20.57 18.72
C ALA B 501 -1.91 21.36 17.62
N THR B 502 -2.85 20.72 16.92
CA THR B 502 -3.57 21.41 15.85
C THR B 502 -4.38 22.58 16.39
N ALA B 503 -5.10 22.35 17.49
CA ALA B 503 -5.90 23.41 18.09
C ALA B 503 -5.03 24.53 18.63
N ALA B 504 -3.88 24.18 19.22
CA ALA B 504 -2.95 25.18 19.71
C ALA B 504 -2.38 26.01 18.57
N PHE B 505 -2.02 25.35 17.46
CA PHE B 505 -1.60 26.05 16.26
C PHE B 505 -2.66 27.06 15.83
N ALA B 506 -3.90 26.59 15.71
CA ALA B 506 -4.97 27.46 15.24
C ALA B 506 -5.16 28.65 16.17
N PHE B 507 -5.26 28.39 17.47
CA PHE B 507 -5.49 29.45 18.44
C PHE B 507 -4.35 30.46 18.43
N VAL B 508 -3.12 29.96 18.46
CA VAL B 508 -1.95 30.82 18.52
C VAL B 508 -1.83 31.67 17.26
N PHE B 509 -1.94 31.04 16.09
CA PHE B 509 -1.79 31.76 14.84
C PHE B 509 -2.95 32.70 14.56
N TYR B 510 -4.15 32.41 15.09
CA TYR B 510 -5.23 33.36 15.00
C TYR B 510 -4.97 34.57 15.90
N ASN B 511 -4.46 34.32 17.11
CA ASN B 511 -4.16 35.42 18.01
C ASN B 511 -3.05 36.33 17.47
N MET B 512 -2.05 35.75 16.81
CA MET B 512 -1.07 36.58 16.11
C MET B 512 -1.59 37.20 14.83
N GLY B 513 -2.78 36.82 14.37
CA GLY B 513 -3.35 37.39 13.17
C GLY B 513 -2.90 36.75 11.87
N PHE B 514 -2.29 35.58 11.92
CA PHE B 514 -1.83 34.92 10.70
C PHE B 514 -2.95 34.22 9.95
N VAL B 515 -4.04 33.85 10.63
CA VAL B 515 -5.16 33.16 10.00
C VAL B 515 -6.45 33.84 10.43
N ARG B 516 -7.49 33.67 9.60
CA ARG B 516 -8.80 34.15 9.96
C ARG B 516 -9.44 33.22 10.97
N ARG B 517 -10.34 33.79 11.78
CA ARG B 517 -11.03 32.99 12.79
C ARG B 517 -11.83 31.86 12.17
N SER B 518 -12.58 32.16 11.11
CA SER B 518 -13.40 31.13 10.47
C SER B 518 -12.52 30.02 9.90
N THR B 519 -11.43 30.40 9.22
CA THR B 519 -10.52 29.40 8.66
C THR B 519 -9.92 28.53 9.76
N ALA B 520 -9.44 29.16 10.83
CA ALA B 520 -8.82 28.39 11.91
C ALA B 520 -9.83 27.44 12.54
N THR B 521 -11.03 27.93 12.83
CA THR B 521 -12.06 27.10 13.47
C THR B 521 -12.46 25.93 12.59
N ALA B 522 -12.80 26.21 11.33
CA ALA B 522 -13.26 25.14 10.44
C ALA B 522 -12.16 24.14 10.15
N SER B 523 -10.93 24.63 9.91
CA SER B 523 -9.80 23.74 9.70
C SER B 523 -9.58 22.84 10.90
N THR B 524 -9.60 23.40 12.10
CA THR B 524 -9.38 22.60 13.30
C THR B 524 -10.47 21.56 13.48
N LEU B 525 -11.74 21.93 13.26
CA LEU B 525 -12.82 20.98 13.46
C LEU B 525 -12.73 19.83 12.45
N ALA B 526 -12.53 20.16 11.17
CA ALA B 526 -12.42 19.12 10.15
C ALA B 526 -11.21 18.23 10.39
N ALA B 527 -10.08 18.83 10.75
CA ALA B 527 -8.87 18.06 11.03
C ALA B 527 -9.08 17.15 12.23
N ALA B 528 -9.76 17.63 13.26
CA ALA B 528 -10.02 16.80 14.43
C ALA B 528 -10.90 15.61 14.07
N ALA B 529 -11.94 15.84 13.28
CA ALA B 529 -12.78 14.74 12.83
C ALA B 529 -11.97 13.72 12.04
N ILE B 530 -11.15 14.19 11.09
CA ILE B 530 -10.37 13.29 10.25
C ILE B 530 -9.38 12.49 11.08
N PHE B 531 -8.69 13.16 12.01
CA PHE B 531 -7.72 12.48 12.85
C PHE B 531 -8.38 11.43 13.72
N MET B 532 -9.51 11.77 14.35
CA MET B 532 -10.17 10.82 15.23
C MET B 532 -10.72 9.62 14.47
N LEU B 533 -11.29 9.84 13.28
CA LEU B 533 -11.89 8.75 12.52
C LEU B 533 -10.92 7.61 12.31
N GLY B 534 -9.67 7.93 12.00
CA GLY B 534 -8.65 6.91 11.82
C GLY B 534 -8.00 6.48 13.12
N GLY B 535 -7.67 7.45 13.98
CA GLY B 535 -6.87 7.13 15.15
C GLY B 535 -7.59 6.28 16.17
N VAL B 536 -8.87 6.55 16.40
CA VAL B 536 -9.57 5.89 17.51
C VAL B 536 -9.69 4.39 17.25
N PRO B 537 -10.31 3.93 16.16
CA PRO B 537 -10.32 2.49 15.93
C PRO B 537 -8.99 1.96 15.44
N GLY B 538 -8.12 2.81 14.92
CA GLY B 538 -6.80 2.39 14.49
C GLY B 538 -5.90 1.97 15.62
N THR B 539 -6.32 2.22 16.86
CA THR B 539 -5.62 1.68 18.03
C THR B 539 -5.43 0.18 17.93
N LEU B 540 -6.33 -0.50 17.23
CA LEU B 540 -6.27 -1.95 17.13
C LEU B 540 -5.12 -2.46 16.26
N HIS B 541 -4.41 -1.59 15.55
CA HIS B 541 -3.25 -2.11 14.81
C HIS B 541 -2.10 -2.49 15.73
N HIS B 542 -2.17 -2.15 17.01
CA HIS B 542 -1.21 -2.64 17.98
C HIS B 542 -1.57 -4.00 18.55
N LEU B 543 -2.74 -4.54 18.17
CA LEU B 543 -3.26 -5.75 18.80
C LEU B 543 -3.55 -6.87 17.82
N TYR B 544 -2.91 -6.86 16.65
CA TYR B 544 -3.19 -7.91 15.66
C TYR B 544 -2.88 -9.29 16.21
N PHE B 545 -1.77 -9.41 16.94
CA PHE B 545 -1.19 -10.70 17.25
C PHE B 545 -0.98 -10.88 18.74
N SER B 546 -1.73 -10.14 19.55
CA SER B 546 -1.61 -10.18 21.00
C SER B 546 -2.76 -10.94 21.66
N GLY B 547 -3.50 -11.72 20.89
CA GLY B 547 -4.63 -12.45 21.41
C GLY B 547 -6.00 -11.89 21.07
N SER B 548 -6.06 -10.83 20.27
CA SER B 548 -7.32 -10.34 19.76
C SER B 548 -7.80 -11.22 18.61
N THR B 549 -9.01 -10.97 18.14
CA THR B 549 -9.62 -11.78 17.09
C THR B 549 -9.24 -11.25 15.70
N SER B 550 -9.68 -12.00 14.68
CA SER B 550 -9.44 -11.60 13.30
C SER B 550 -10.18 -10.30 12.95
N ALA B 551 -11.41 -10.15 13.46
CA ALA B 551 -12.19 -8.95 13.18
C ALA B 551 -11.50 -7.71 13.75
N SER B 552 -10.88 -7.85 14.92
CA SER B 552 -10.12 -6.72 15.47
C SER B 552 -9.01 -6.32 14.52
N MET B 553 -8.33 -7.31 13.92
CA MET B 553 -7.30 -7.02 12.93
C MET B 553 -7.88 -6.30 11.72
N ALA B 554 -9.04 -6.75 11.24
CA ALA B 554 -9.65 -6.09 10.09
C ALA B 554 -9.95 -4.63 10.38
N ILE B 555 -10.61 -4.36 11.51
CA ILE B 555 -10.96 -3.00 11.87
C ILE B 555 -9.71 -2.16 12.06
N GLY B 556 -8.72 -2.70 12.76
CA GLY B 556 -7.49 -1.96 12.97
C GLY B 556 -6.82 -1.60 11.65
N ALA B 557 -6.72 -2.56 10.74
CA ALA B 557 -6.06 -2.29 9.46
C ALA B 557 -6.79 -1.19 8.69
N CYS B 558 -8.11 -1.37 8.51
CA CYS B 558 -8.87 -0.44 7.68
C CYS B 558 -8.88 0.96 8.26
N PHE B 559 -9.08 1.09 9.57
CA PHE B 559 -9.18 2.41 10.17
C PHE B 559 -7.82 3.05 10.35
N SER B 560 -6.78 2.27 10.61
CA SER B 560 -5.44 2.82 10.73
C SER B 560 -4.93 3.33 9.39
N ALA B 561 -5.37 2.69 8.30
CA ALA B 561 -5.04 3.24 6.98
C ALA B 561 -5.54 4.67 6.83
N LEU B 562 -6.71 4.97 7.39
CA LEU B 562 -7.24 6.33 7.33
C LEU B 562 -6.44 7.32 8.16
N GLU B 563 -5.60 6.85 9.10
CA GLU B 563 -4.71 7.77 9.80
C GLU B 563 -3.72 8.41 8.85
N VAL B 564 -3.24 7.66 7.86
CA VAL B 564 -2.21 8.16 6.97
C VAL B 564 -2.75 9.20 6.00
N VAL B 565 -4.05 9.18 5.72
CA VAL B 565 -4.63 10.00 4.66
C VAL B 565 -4.30 11.48 4.84
N PRO B 566 -4.53 12.10 6.01
CA PRO B 566 -4.13 13.50 6.15
C PRO B 566 -2.64 13.71 6.29
N LEU B 567 -1.88 12.67 6.68
CA LEU B 567 -0.47 12.86 6.98
C LEU B 567 0.35 13.15 5.73
N VAL B 568 0.08 12.44 4.64
CA VAL B 568 0.88 12.62 3.43
C VAL B 568 0.56 13.90 2.69
N LEU B 569 -0.48 14.62 3.11
CA LEU B 569 -0.86 15.89 2.52
C LEU B 569 -0.40 17.08 3.36
N LEU B 570 0.47 16.85 4.34
CA LEU B 570 0.86 17.91 5.27
C LEU B 570 1.84 18.91 4.68
N GLY B 571 2.10 18.83 3.37
CA GLY B 571 2.86 19.89 2.73
C GLY B 571 2.16 21.24 2.77
N ARG B 572 0.82 21.23 2.71
CA ARG B 572 0.07 22.48 2.75
C ARG B 572 0.34 23.25 4.04
N GLU B 573 0.14 22.57 5.18
CA GLU B 573 0.33 23.21 6.47
C GLU B 573 1.79 23.58 6.69
N ALA B 574 2.70 22.74 6.20
CA ALA B 574 4.12 23.06 6.28
C ALA B 574 4.41 24.37 5.57
N TYR B 575 3.89 24.53 4.35
CA TYR B 575 4.11 25.77 3.63
C TYR B 575 3.50 26.97 4.35
N GLU B 576 2.29 26.81 4.88
CA GLU B 576 1.66 27.91 5.61
C GLU B 576 2.51 28.34 6.81
N HIS B 577 2.89 27.38 7.65
CA HIS B 577 3.68 27.68 8.83
C HIS B 577 5.02 28.30 8.44
N TRP B 578 5.66 27.78 7.38
CA TRP B 578 6.93 28.33 6.95
C TRP B 578 6.78 29.74 6.39
N SER B 579 5.66 30.03 5.73
CA SER B 579 5.45 31.36 5.16
C SER B 579 5.13 32.39 6.21
N TYR B 580 4.59 31.96 7.37
CA TYR B 580 4.26 32.95 8.41
C TYR B 580 5.46 33.78 8.81
N GLN B 581 6.67 33.21 8.77
CA GLN B 581 7.85 33.94 9.23
C GLN B 581 8.24 35.10 8.31
N HIS B 582 7.73 35.14 7.08
CA HIS B 582 8.05 36.20 6.14
C HIS B 582 6.97 37.27 6.08
N LEU B 583 6.00 37.22 7.00
CA LEU B 583 4.85 38.12 6.92
C LEU B 583 5.20 39.52 7.42
N SER B 584 6.09 39.62 8.39
CA SER B 584 6.45 40.91 8.99
C SER B 584 7.82 40.77 9.64
N GLU B 585 8.35 41.89 10.12
CA GLU B 585 9.64 41.85 10.80
C GLU B 585 9.55 41.16 12.15
N TRP B 586 8.46 41.36 12.88
CA TRP B 586 8.32 40.66 14.16
C TRP B 586 8.01 39.19 13.95
N ALA B 587 7.45 38.82 12.80
CA ALA B 587 7.23 37.41 12.50
C ALA B 587 8.56 36.68 12.32
N LYS B 588 9.60 37.38 11.87
CA LYS B 588 10.91 36.78 11.73
C LYS B 588 11.50 36.36 13.08
N ARG B 589 11.05 36.97 14.17
CA ARG B 589 11.44 36.53 15.51
C ARG B 589 10.87 35.15 15.84
N LEU B 590 9.92 34.67 15.06
CA LEU B 590 9.28 33.38 15.27
C LEU B 590 9.83 32.31 14.34
N ARG B 591 10.95 32.58 13.67
CA ARG B 591 11.42 31.69 12.61
C ARG B 591 11.66 30.29 13.13
N TRP B 592 12.31 30.16 14.28
CA TRP B 592 12.75 28.84 14.70
C TRP B 592 11.65 27.97 15.31
N PRO B 593 10.72 28.51 16.11
CA PRO B 593 9.52 27.71 16.41
C PRO B 593 8.76 27.30 15.16
N LEU B 594 8.64 28.21 14.19
CA LEU B 594 7.97 27.86 12.94
C LEU B 594 8.76 26.83 12.15
N MET B 595 10.09 26.92 12.16
CA MET B 595 10.89 25.89 11.52
C MET B 595 10.68 24.54 12.20
N CYS B 596 10.56 24.54 13.52
CA CYS B 596 10.27 23.31 14.24
C CYS B 596 8.92 22.72 13.81
N PHE B 597 7.92 23.58 13.64
CA PHE B 597 6.60 23.09 13.21
C PHE B 597 6.63 22.60 11.76
N VAL B 598 7.46 23.22 10.91
CA VAL B 598 7.66 22.72 9.56
C VAL B 598 8.28 21.32 9.60
N ALA B 599 9.27 21.13 10.47
CA ALA B 599 9.84 19.80 10.66
C ALA B 599 8.80 18.83 11.19
N VAL B 600 7.89 19.30 12.06
CA VAL B 600 6.80 18.46 12.54
C VAL B 600 5.96 17.96 11.38
N ALA B 601 5.64 18.86 10.45
CA ALA B 601 4.87 18.45 9.26
C ALA B 601 5.65 17.44 8.43
N PHE B 602 6.95 17.70 8.22
CA PHE B 602 7.75 16.79 7.39
C PHE B 602 7.79 15.40 8.00
N TRP B 603 8.04 15.31 9.30
CA TRP B 603 8.15 14.01 9.94
C TRP B 603 6.81 13.34 10.18
N ASN B 604 5.75 14.10 10.45
CA ASN B 604 4.42 13.53 10.45
C ASN B 604 4.11 12.89 9.11
N MET B 605 4.63 13.46 8.04
CA MET B 605 4.48 12.85 6.73
CA MET B 605 4.45 12.83 6.75
C MET B 605 5.34 11.60 6.62
N ILE B 606 6.65 11.76 6.67
CA ILE B 606 7.57 10.65 6.44
C ILE B 606 7.50 9.62 7.55
N GLY B 607 7.92 9.97 8.77
CA GLY B 607 8.03 9.01 9.83
C GLY B 607 6.70 8.44 10.27
N ALA B 608 5.68 9.29 10.42
CA ALA B 608 4.38 8.75 10.76
C ALA B 608 3.76 8.07 9.55
N GLY B 609 3.41 8.81 8.51
CA GLY B 609 2.69 8.20 7.40
C GLY B 609 3.45 7.09 6.72
N VAL B 610 4.59 7.38 6.12
CA VAL B 610 5.27 6.41 5.27
C VAL B 610 5.74 5.22 6.11
N PHE B 611 6.51 5.49 7.16
CA PHE B 611 7.13 4.40 7.90
C PHE B 611 6.18 3.78 8.92
N GLY B 612 4.98 4.33 9.09
CA GLY B 612 3.98 3.67 9.90
C GLY B 612 3.11 2.80 9.02
N PHE B 613 2.85 3.24 7.79
CA PHE B 613 2.09 2.39 6.89
C PHE B 613 2.94 1.25 6.36
N LEU B 614 4.26 1.41 6.37
CA LEU B 614 5.12 0.28 6.01
C LEU B 614 4.81 -0.91 6.92
N ILE B 615 4.57 -0.64 8.20
CA ILE B 615 4.37 -1.67 9.21
C ILE B 615 2.90 -1.84 9.59
N ASN B 616 2.00 -1.12 8.92
CA ASN B 616 0.60 -1.13 9.33
C ASN B 616 -0.22 -2.32 8.80
N PRO B 617 -0.18 -2.66 7.52
CA PRO B 617 -1.07 -3.72 7.02
C PRO B 617 -0.77 -5.04 7.71
N PRO B 618 -1.80 -5.85 7.98
CA PRO B 618 -1.55 -7.14 8.65
C PRO B 618 -0.58 -8.02 7.90
N ILE B 619 -0.57 -7.98 6.57
CA ILE B 619 0.33 -8.85 5.81
C ILE B 619 1.78 -8.47 6.06
N SER B 620 2.05 -7.20 6.32
CA SER B 620 3.43 -6.79 6.58
C SER B 620 3.77 -6.98 8.05
N LEU B 621 2.92 -6.48 8.94
CA LEU B 621 3.19 -6.56 10.37
C LEU B 621 3.23 -8.01 10.85
N PHE B 622 2.58 -8.93 10.15
CA PHE B 622 2.68 -10.33 10.53
C PHE B 622 4.12 -10.80 10.52
N TYR B 623 4.90 -10.35 9.55
CA TYR B 623 6.29 -10.76 9.43
C TYR B 623 7.24 -9.84 10.17
N ILE B 624 6.93 -8.55 10.27
CA ILE B 624 7.95 -7.62 10.73
C ILE B 624 7.61 -6.99 12.07
N GLN B 625 6.57 -7.47 12.74
CA GLN B 625 6.32 -7.01 14.10
C GLN B 625 7.47 -7.43 14.99
N GLY B 626 8.00 -6.48 15.76
CA GLY B 626 9.14 -6.75 16.61
C GLY B 626 10.48 -6.70 15.93
N LEU B 627 10.55 -6.22 14.69
CA LEU B 627 11.81 -6.00 13.99
C LEU B 627 12.22 -4.52 14.08
N ASN B 628 13.38 -4.21 13.49
CA ASN B 628 13.94 -2.88 13.61
C ASN B 628 13.19 -1.83 12.80
N THR B 629 12.36 -2.23 11.83
CA THR B 629 11.51 -1.27 11.14
C THR B 629 10.60 -0.56 12.13
N SER B 630 10.17 -1.26 13.18
CA SER B 630 9.39 -0.62 14.22
C SER B 630 10.21 0.46 14.92
N ALA B 631 11.51 0.22 15.14
CA ALA B 631 12.37 1.23 15.74
C ALA B 631 12.55 2.43 14.82
N VAL B 632 12.72 2.19 13.52
CA VAL B 632 12.73 3.26 12.53
C VAL B 632 11.51 4.16 12.71
N HIS B 633 10.33 3.54 12.67
CA HIS B 633 9.11 4.32 12.75
C HIS B 633 8.96 5.00 14.10
N ALA B 634 9.34 4.32 15.18
CA ALA B 634 9.20 4.90 16.52
C ALA B 634 10.03 6.17 16.62
N HIS B 635 11.29 6.11 16.23
CA HIS B 635 12.14 7.30 16.30
C HIS B 635 11.60 8.40 15.41
N ALA B 636 11.37 8.09 14.13
CA ALA B 636 10.93 9.11 13.20
C ALA B 636 9.64 9.77 13.67
N ALA B 637 8.62 8.96 13.98
CA ALA B 637 7.34 9.52 14.40
C ALA B 637 7.46 10.27 15.73
N LEU B 638 7.91 9.57 16.78
CA LEU B 638 7.84 10.14 18.12
C LEU B 638 8.71 11.39 18.24
N PHE B 639 9.94 11.37 17.73
CA PHE B 639 10.71 12.60 17.82
C PHE B 639 10.29 13.60 16.75
N GLY B 640 10.38 13.23 15.48
CA GLY B 640 10.16 14.22 14.44
C GLY B 640 8.80 14.89 14.52
N VAL B 641 7.80 14.20 15.05
CA VAL B 641 6.48 14.81 15.19
C VAL B 641 6.37 15.49 16.55
N TYR B 642 6.43 14.71 17.62
CA TYR B 642 6.11 15.26 18.94
C TYR B 642 7.34 15.82 19.64
N GLY B 643 8.53 15.28 19.36
CA GLY B 643 9.73 15.90 19.86
C GLY B 643 9.93 17.30 19.29
N PHE B 644 9.78 17.44 17.97
CA PHE B 644 9.89 18.76 17.37
C PHE B 644 8.73 19.66 17.78
N LEU B 645 7.54 19.09 17.98
CA LEU B 645 6.42 19.87 18.49
C LEU B 645 6.73 20.46 19.87
N ALA B 646 7.22 19.62 20.78
CA ALA B 646 7.56 20.09 22.13
C ALA B 646 8.68 21.11 22.09
N LEU B 647 9.69 20.87 21.26
CA LEU B 647 10.79 21.82 21.12
C LEU B 647 10.30 23.16 20.59
N GLY B 648 9.45 23.15 19.57
CA GLY B 648 8.91 24.39 19.05
C GLY B 648 8.05 25.11 20.07
N PHE B 649 7.24 24.36 20.83
CA PHE B 649 6.43 24.96 21.89
C PHE B 649 7.31 25.67 22.92
N VAL B 650 8.31 24.97 23.44
CA VAL B 650 9.12 25.58 24.49
C VAL B 650 9.96 26.73 23.93
N LEU B 651 10.35 26.64 22.66
CA LEU B 651 11.07 27.77 22.04
C LEU B 651 10.16 28.99 21.94
N LEU B 652 8.91 28.80 21.54
CA LEU B 652 7.95 29.89 21.49
C LEU B 652 7.75 30.51 22.87
N VAL B 653 7.55 29.65 23.88
CA VAL B 653 7.35 30.12 25.24
C VAL B 653 8.57 30.92 25.70
N ALA B 654 9.77 30.41 25.43
CA ALA B 654 10.99 31.10 25.82
C ALA B 654 11.11 32.44 25.11
N ARG B 655 10.74 32.49 23.83
CA ARG B 655 10.78 33.76 23.10
C ARG B 655 9.88 34.80 23.77
N TYR B 656 8.71 34.38 24.24
CA TYR B 656 7.81 35.36 24.85
C TYR B 656 8.13 35.63 26.32
N LEU B 657 8.84 34.72 26.99
CA LEU B 657 9.20 34.97 28.39
C LEU B 657 10.36 35.94 28.52
N LYS B 658 11.29 35.93 27.57
CA LYS B 658 12.44 36.83 27.57
C LYS B 658 12.50 37.51 26.21
N PRO B 659 11.58 38.44 25.96
CA PRO B 659 11.52 39.08 24.63
C PRO B 659 12.76 39.90 24.28
N ASN B 660 13.57 40.28 25.27
CA ASN B 660 14.78 41.03 24.98
C ASN B 660 15.92 40.17 24.46
N VAL B 661 15.82 38.85 24.58
CA VAL B 661 16.87 37.94 24.11
C VAL B 661 16.55 37.52 22.68
N GLN B 662 17.53 37.66 21.80
CA GLN B 662 17.41 37.23 20.41
C GLN B 662 17.84 35.78 20.26
N PHE B 663 17.19 35.08 19.36
CA PHE B 663 17.63 33.74 18.98
C PHE B 663 18.97 33.82 18.25
N ASP B 664 19.85 32.88 18.55
CA ASP B 664 21.14 32.79 17.88
C ASP B 664 20.95 31.98 16.60
N ASP B 665 20.91 32.67 15.46
CA ASP B 665 20.58 32.01 14.20
C ASP B 665 21.61 30.95 13.83
N LYS B 666 22.90 31.18 14.10
CA LYS B 666 23.91 30.18 13.76
C LYS B 666 23.74 28.94 14.61
N LEU B 667 23.60 29.13 15.92
CA LEU B 667 23.41 27.99 16.83
C LEU B 667 22.13 27.24 16.51
N MET B 668 21.05 27.96 16.24
CA MET B 668 19.78 27.30 15.95
C MET B 668 19.81 26.59 14.61
N THR B 669 20.45 27.17 13.60
CA THR B 669 20.62 26.48 12.32
C THR B 669 21.38 25.18 12.52
N TRP B 670 22.50 25.25 13.26
CA TRP B 670 23.27 24.04 13.54
C TRP B 670 22.43 23.00 14.26
N GLY B 671 21.74 23.40 15.34
CA GLY B 671 20.95 22.44 16.10
C GLY B 671 19.82 21.83 15.30
N PHE B 672 19.05 22.67 14.59
CA PHE B 672 17.92 22.20 13.80
C PHE B 672 18.36 21.19 12.74
N TRP B 673 19.37 21.57 11.95
CA TRP B 673 19.78 20.69 10.87
C TRP B 673 20.54 19.48 11.37
N LEU B 674 21.24 19.58 12.50
CA LEU B 674 21.85 18.40 13.08
C LEU B 674 20.80 17.42 13.60
N LEU B 675 19.74 17.91 14.22
CA LEU B 675 18.67 17.02 14.65
C LEU B 675 18.04 16.30 13.45
N ASN B 676 17.67 17.07 12.43
CA ASN B 676 17.02 16.47 11.26
C ASN B 676 17.97 15.51 10.55
N GLY B 677 19.21 15.92 10.32
CA GLY B 677 20.17 15.08 9.65
C GLY B 677 20.56 13.86 10.44
N GLY B 678 20.66 13.99 11.77
CA GLY B 678 20.94 12.83 12.59
C GLY B 678 19.81 11.82 12.57
N LEU B 679 18.56 12.29 12.60
CA LEU B 679 17.43 11.37 12.47
C LEU B 679 17.46 10.66 11.13
N VAL B 680 17.62 11.43 10.05
CA VAL B 680 17.68 10.85 8.71
C VAL B 680 18.82 9.84 8.63
N GLY B 681 19.99 10.20 9.16
CA GLY B 681 21.13 9.33 9.08
C GLY B 681 20.95 8.05 9.88
N MET B 682 20.46 8.17 11.11
CA MET B 682 20.20 6.99 11.92
C MET B 682 19.32 6.01 11.14
N ILE B 683 18.20 6.52 10.63
CA ILE B 683 17.28 5.68 9.88
C ILE B 683 17.99 5.07 8.67
N ALA B 684 18.65 5.92 7.87
CA ALA B 684 19.11 5.49 6.55
C ALA B 684 20.28 4.53 6.62
N ILE B 685 21.24 4.79 7.52
CA ILE B 685 22.46 4.02 7.53
C ILE B 685 22.46 2.91 8.56
N SER B 686 21.59 2.97 9.58
CA SER B 686 21.61 1.83 10.49
C SER B 686 20.27 1.11 10.63
N LEU B 687 19.24 1.83 11.06
CA LEU B 687 18.03 1.17 11.53
C LEU B 687 17.25 0.54 10.38
N LEU B 688 17.06 1.30 9.30
CA LEU B 688 16.30 0.76 8.17
C LEU B 688 17.00 -0.41 7.50
N PRO B 689 18.31 -0.36 7.21
CA PRO B 689 18.97 -1.57 6.66
C PRO B 689 18.86 -2.79 7.56
N VAL B 690 19.02 -2.61 8.87
CA VAL B 690 18.86 -3.73 9.80
C VAL B 690 17.45 -4.27 9.72
N GLY B 691 16.46 -3.39 9.68
CA GLY B 691 15.08 -3.83 9.60
C GLY B 691 14.79 -4.58 8.32
N VAL B 692 15.36 -4.13 7.19
CA VAL B 692 15.15 -4.81 5.92
C VAL B 692 15.76 -6.21 5.95
N ILE B 693 16.99 -6.32 6.45
CA ILE B 693 17.65 -7.63 6.52
C ILE B 693 16.87 -8.56 7.44
N GLN B 694 16.42 -8.03 8.58
CA GLN B 694 15.59 -8.83 9.48
C GLN B 694 14.29 -9.26 8.82
N ALA B 695 13.67 -8.36 8.06
CA ALA B 695 12.41 -8.70 7.40
C ALA B 695 12.62 -9.83 6.40
N TYR B 696 13.70 -9.76 5.62
CA TYR B 696 14.01 -10.86 4.71
C TYR B 696 14.14 -12.17 5.48
N ALA B 697 14.88 -12.14 6.59
CA ALA B 697 15.05 -13.36 7.38
C ALA B 697 13.72 -13.86 7.95
N SER B 698 12.87 -12.94 8.43
CA SER B 698 11.61 -13.33 9.05
C SER B 698 10.68 -13.95 8.02
N ILE B 699 10.63 -13.36 6.82
CA ILE B 699 9.76 -13.89 5.79
C ILE B 699 10.27 -15.25 5.32
N THR B 700 11.60 -15.40 5.20
CA THR B 700 12.15 -16.62 4.64
C THR B 700 12.13 -17.79 5.62
N HIS B 701 12.60 -17.57 6.85
CA HIS B 701 12.82 -18.64 7.81
C HIS B 701 11.86 -18.64 8.99
N GLY B 702 11.37 -17.48 9.39
CA GLY B 702 10.51 -17.39 10.56
C GLY B 702 11.02 -16.29 11.46
N LEU B 703 10.14 -15.78 12.32
CA LEU B 703 10.53 -14.66 13.18
C LEU B 703 11.65 -15.05 14.13
N TRP B 704 11.60 -16.28 14.66
CA TRP B 704 12.63 -16.74 15.59
C TRP B 704 14.03 -16.56 15.01
N TYR B 705 14.17 -16.75 13.70
CA TYR B 705 15.48 -16.62 13.08
C TYR B 705 15.91 -15.16 13.02
N ALA B 706 15.00 -14.26 12.66
CA ALA B 706 15.35 -12.85 12.53
C ALA B 706 15.74 -12.24 13.87
N ARG B 707 15.26 -12.79 14.97
CA ARG B 707 15.60 -12.31 16.30
C ARG B 707 16.66 -13.14 16.99
N SER B 708 17.19 -14.17 16.33
CA SER B 708 18.12 -15.09 16.96
C SER B 708 19.48 -14.43 17.20
N GLU B 709 20.21 -14.98 18.17
CA GLU B 709 21.54 -14.46 18.48
C GLU B 709 22.49 -14.62 17.31
N GLU B 710 22.44 -15.77 16.63
CA GLU B 710 23.31 -16.02 15.50
C GLU B 710 23.06 -15.00 14.39
N PHE B 711 21.80 -14.65 14.15
CA PHE B 711 21.49 -13.71 13.08
C PHE B 711 21.85 -12.27 13.47
N LEU B 712 21.54 -11.86 14.70
CA LEU B 712 21.83 -10.48 15.10
C LEU B 712 23.33 -10.23 15.21
N GLN B 713 24.13 -11.28 15.41
CA GLN B 713 25.57 -11.13 15.52
C GLN B 713 26.29 -11.28 14.19
N MET B 714 25.54 -11.40 13.09
CA MET B 714 26.16 -11.37 11.76
C MET B 714 26.96 -10.09 11.60
N GLU B 715 28.09 -10.19 10.91
CA GLU B 715 29.02 -9.08 10.84
C GLU B 715 28.38 -7.83 10.24
N ILE B 716 27.52 -8.00 9.23
CA ILE B 716 26.86 -6.84 8.63
C ILE B 716 26.00 -6.12 9.66
N LEU B 717 25.25 -6.88 10.46
CA LEU B 717 24.38 -6.24 11.45
C LEU B 717 25.17 -5.59 12.58
N ASP B 718 26.25 -6.24 13.02
CA ASP B 718 27.11 -5.61 14.03
C ASP B 718 27.70 -4.32 13.50
N THR B 719 28.16 -4.33 12.24
CA THR B 719 28.70 -3.12 11.62
C THR B 719 27.64 -2.03 11.53
N LEU B 720 26.42 -2.39 11.14
CA LEU B 720 25.36 -1.40 11.01
C LEU B 720 24.99 -0.80 12.36
N ARG B 721 25.02 -1.62 13.42
CA ARG B 721 24.80 -1.09 14.76
C ARG B 721 25.92 -0.14 15.16
N TRP B 722 27.16 -0.48 14.82
CA TRP B 722 28.28 0.41 15.09
C TRP B 722 28.15 1.71 14.30
N VAL B 723 27.76 1.60 13.02
CA VAL B 723 27.67 2.76 12.14
C VAL B 723 26.67 3.78 12.64
N ARG B 724 25.67 3.33 13.40
CA ARG B 724 24.67 4.24 13.94
C ARG B 724 25.29 5.29 14.85
N THR B 725 26.48 5.02 15.38
CA THR B 725 27.11 5.91 16.35
C THR B 725 27.37 7.31 15.77
N ALA B 726 27.78 7.36 14.50
CA ALA B 726 28.07 8.65 13.87
C ALA B 726 26.80 9.51 13.78
N ALA B 727 25.72 8.94 13.24
CA ALA B 727 24.45 9.66 13.20
C ALA B 727 23.97 9.97 14.60
N ASP B 728 24.17 9.05 15.54
CA ASP B 728 23.79 9.28 16.92
C ASP B 728 24.52 10.47 17.50
N LEU B 729 25.83 10.57 17.26
CA LEU B 729 26.59 11.71 17.74
C LEU B 729 26.13 13.01 17.08
N ILE B 730 25.82 12.97 15.78
CA ILE B 730 25.31 14.16 15.11
C ILE B 730 24.01 14.62 15.75
N PHE B 731 23.10 13.67 16.01
CA PHE B 731 21.82 13.99 16.63
C PHE B 731 22.00 14.55 18.03
N ILE B 732 22.91 13.97 18.81
CA ILE B 732 23.16 14.45 20.16
C ILE B 732 23.77 15.86 20.12
N GLY B 733 24.64 16.13 19.15
CA GLY B 733 25.12 17.50 18.99
C GLY B 733 24.01 18.48 18.71
N GLY B 734 23.09 18.10 17.83
CA GLY B 734 21.94 18.97 17.57
C GLY B 734 21.10 19.19 18.82
N ALA B 735 20.87 18.13 19.59
CA ALA B 735 20.09 18.25 20.82
C ALA B 735 20.77 19.17 21.82
N ILE B 736 22.09 19.06 21.95
CA ILE B 736 22.84 19.94 22.85
C ILE B 736 22.74 21.39 22.38
N CYS B 737 22.82 21.63 21.07
CA CYS B 737 22.68 23.00 20.58
C CYS B 737 21.31 23.58 20.93
N VAL B 738 20.25 22.82 20.70
CA VAL B 738 18.90 23.33 20.97
C VAL B 738 18.74 23.59 22.47
N ALA B 739 19.23 22.67 23.31
CA ALA B 739 19.13 22.85 24.75
C ALA B 739 19.88 24.09 25.19
N ILE B 740 21.07 24.32 24.61
CA ILE B 740 21.85 25.52 24.96
C ILE B 740 21.10 26.77 24.58
N GLN B 741 20.49 26.80 23.39
CA GLN B 741 19.74 27.98 22.97
C GLN B 741 18.58 28.27 23.93
N ALA B 742 17.80 27.24 24.27
CA ALA B 742 16.67 27.45 25.16
C ALA B 742 17.14 27.92 26.53
N THR B 743 18.21 27.32 27.06
CA THR B 743 18.73 27.70 28.36
C THR B 743 19.26 29.13 28.35
N LYS B 744 19.95 29.51 27.28
CA LYS B 744 20.43 30.89 27.16
C LYS B 744 19.27 31.88 27.16
N ILE B 745 18.18 31.54 26.48
CA ILE B 745 17.04 32.45 26.46
C ILE B 745 16.42 32.56 27.84
N VAL B 746 16.09 31.43 28.46
CA VAL B 746 15.32 31.49 29.70
C VAL B 746 16.16 31.93 30.89
N PHE B 747 17.46 31.72 30.87
CA PHE B 747 18.30 32.07 32.00
C PHE B 747 19.33 33.13 31.63
CHA HEM C . -14.00 -6.35 -21.01
CHB HEM C . -18.73 -5.43 -20.56
CHC HEM C . -17.95 -0.74 -21.39
CHD HEM C . -13.26 -1.71 -22.17
C1A HEM C . -15.36 -6.52 -20.85
C2A HEM C . -16.03 -7.77 -20.70
C3A HEM C . -17.34 -7.53 -20.58
C4A HEM C . -17.53 -6.10 -20.64
CMA HEM C . -18.47 -8.56 -20.40
CAA HEM C . -15.33 -9.16 -20.71
CBA HEM C . -15.22 -9.73 -19.30
CGA HEM C . -14.67 -11.12 -19.43
O1A HEM C . -15.44 -12.09 -19.21
O2A HEM C . -13.48 -11.28 -19.78
C1B HEM C . -18.92 -4.09 -20.75
C2B HEM C . -20.20 -3.42 -20.68
C3B HEM C . -20.00 -2.11 -20.92
C4B HEM C . -18.58 -1.93 -21.12
CMB HEM C . -21.51 -4.19 -20.42
CAB HEM C . -21.04 -0.95 -20.97
CBB HEM C . -22.34 -1.09 -20.72
C1C HEM C . -16.62 -0.59 -21.70
C2C HEM C . -15.96 0.65 -22.11
C3C HEM C . -14.65 0.37 -22.32
C4C HEM C . -14.46 -1.03 -22.06
CMC HEM C . -16.71 1.99 -22.24
CAC HEM C . -13.49 1.29 -22.76
CBC HEM C . -13.63 2.55 -23.20
C1D HEM C . -13.05 -3.02 -21.85
C2D HEM C . -11.76 -3.65 -21.71
C3D HEM C . -11.97 -4.93 -21.40
C4D HEM C . -13.39 -5.16 -21.32
CMD HEM C . -10.41 -2.95 -21.90
CAD HEM C . -10.89 -5.98 -21.14
CBD HEM C . -10.58 -5.91 -19.65
CGD HEM C . -9.65 -7.02 -19.24
O1D HEM C . -9.00 -6.88 -18.16
O2D HEM C . -9.57 -8.02 -19.97
NA HEM C . -16.30 -5.51 -20.81
NB HEM C . -17.95 -3.14 -21.01
NC HEM C . -15.67 -1.59 -21.69
ND HEM C . -14.02 -3.97 -21.59
FE HEM C . -15.95 -3.56 -21.18
CHA HEM D . -3.98 -3.92 -16.31
CHB HEM D . -5.42 0.21 -18.43
CHC HEM D . -2.93 2.77 -15.14
CHD HEM D . -1.52 -1.37 -13.04
C1A HEM D . -4.62 -3.02 -17.13
C2A HEM D . -5.58 -3.35 -18.14
C3A HEM D . -5.98 -2.23 -18.74
C4A HEM D . -5.28 -1.12 -18.10
CMA HEM D . -7.00 -2.12 -19.88
CAA HEM D . -6.03 -4.79 -18.47
CBA HEM D . -4.86 -5.51 -19.13
CGA HEM D . -5.20 -6.94 -19.47
O1A HEM D . -6.37 -7.22 -19.83
O2A HEM D . -4.29 -7.79 -19.38
C1B HEM D . -4.86 1.27 -17.74
C2B HEM D . -5.03 2.68 -18.06
C3B HEM D . -4.34 3.39 -17.15
C4B HEM D . -3.72 2.45 -16.22
CMB HEM D . -5.86 3.18 -19.26
CAB HEM D . -4.17 4.92 -17.00
CBB HEM D . -4.95 5.82 -17.60
C1C HEM D . -2.37 1.88 -14.23
C2C HEM D . -1.65 2.20 -13.01
C3C HEM D . -1.28 1.04 -12.43
C4C HEM D . -1.73 -0.04 -13.28
CMC HEM D . -1.42 3.64 -12.50
CAC HEM D . -0.49 0.75 -11.13
CBC HEM D . 0.39 1.60 -10.61
C1D HEM D . -2.00 -2.43 -13.78
C2D HEM D . -1.65 -3.82 -13.63
C3D HEM D . -2.33 -4.53 -14.51
C4D HEM D . -3.13 -3.61 -15.28
CMD HEM D . -0.65 -4.35 -12.57
CAD HEM D . -2.26 -6.07 -14.73
CBD HEM D . -3.60 -6.72 -14.39
CGD HEM D . -3.60 -8.18 -14.80
O1D HEM D . -2.64 -8.64 -15.48
O2D HEM D . -4.56 -8.89 -14.44
NA HEM D . -4.46 -1.65 -17.13
NB HEM D . -4.06 1.18 -16.62
NC HEM D . -2.38 0.51 -14.37
ND HEM D . -2.92 -2.34 -14.81
FE HEM D . -3.37 -0.56 -15.78
FE FE E . 0.28 -0.73 -17.18
CA CA F . -7.56 -9.24 -20.14
CHA HEM G . 14.46 2.75 21.47
CHB HEM G . 18.83 4.67 20.65
CHC HEM G . 16.86 9.08 20.32
CHD HEM G . 12.56 7.19 21.47
C1A HEM G . 15.83 2.88 21.32
C2A HEM G . 16.80 1.84 21.46
C3A HEM G . 18.01 2.36 21.24
C4A HEM G . 17.83 3.77 20.94
CMA HEM G . 19.36 1.64 21.28
CAA HEM G . 16.48 0.38 21.83
CBA HEM G . 16.55 -0.54 20.61
CGA HEM G . 16.36 -1.96 21.10
O1A HEM G . 17.36 -2.71 21.10
O2A HEM G . 15.23 -2.31 21.51
C1B HEM G . 18.68 6.02 20.49
C2B HEM G . 19.74 6.95 20.24
C3B HEM G . 19.22 8.18 20.14
C4B HEM G . 17.79 8.06 20.34
CMB HEM G . 21.21 6.48 20.13
CAB HEM G . 19.92 9.54 19.88
CBB HEM G . 21.23 9.68 19.63
C1C HEM G . 15.54 8.96 20.64
C2C HEM G . 14.58 10.05 20.75
C3C HEM G . 13.38 9.51 21.05
C4C HEM G . 13.55 8.09 21.16
CMC HEM G . 14.96 11.53 20.52
CAC HEM G . 12.01 10.19 21.30
CBC HEM G . 11.81 11.51 21.41
C1D HEM G . 12.70 5.82 21.49
C2D HEM G . 11.61 4.88 21.56
C3D HEM G . 12.13 3.65 21.56
C4D HEM G . 13.57 3.78 21.48
CMD HEM G . 10.12 5.24 21.61
CAD HEM G . 11.36 2.33 21.61
CBD HEM G . 11.09 1.96 20.15
CGD HEM G . 10.49 0.59 20.05
O1D HEM G . 9.86 0.29 19.00
O2D HEM G . 10.64 -0.20 21.02
NA HEM G . 16.49 4.04 21.00
NB HEM G . 17.49 6.73 20.55
NC HEM G . 14.87 7.78 20.90
ND HEM G . 13.88 5.12 21.45
FE HEM G . 15.65 5.87 20.89
CHA HEM H . 4.32 1.35 16.63
CHB HEM H . 4.60 6.09 17.62
CHC HEM H . 1.67 7.05 13.88
CHD HEM H . 1.40 2.31 12.92
C1A HEM H . 4.68 2.55 17.19
C2A HEM H . 5.66 2.73 18.23
C3A HEM H . 5.75 4.03 18.51
C4A HEM H . 4.82 4.73 17.65
CMA HEM H . 6.67 4.67 19.56
CAA HEM H . 6.45 1.57 18.89
CBA HEM H . 5.47 0.77 19.74
CGA HEM H . 6.15 -0.40 20.40
O1A HEM H . 7.34 -0.27 20.79
O2A HEM H . 5.49 -1.45 20.56
C1B HEM H . 3.82 6.78 16.71
C2B HEM H . 3.62 8.21 16.67
C3B HEM H . 2.79 8.48 15.64
C4B HEM H . 2.47 7.22 14.99
CMB HEM H . 4.26 9.19 17.68
CAB HEM H . 2.26 9.84 15.12
CBB HEM H . 2.78 11.03 15.45
C1C HEM H . 1.37 5.86 13.25
C2C HEM H . 0.64 5.67 12.01
C3C HEM H . 0.59 4.35 11.74
C4C HEM H . 1.26 3.67 12.82
CMC HEM H . 0.07 6.83 11.16
CAC HEM H . -0.07 3.57 10.59
CBC HEM H . -1.11 4.02 9.89
C1D HEM H . 2.11 1.63 13.88
C2D HEM H . 2.11 0.19 14.08
C3D HEM H . 2.93 -0.08 15.10
C4D HEM H . 3.45 1.17 15.59
CMD HEM H . 1.32 -0.81 13.23
CAD HEM H . 3.24 -1.48 15.69
CBD HEM H . 4.71 -1.85 15.48
CGD HEM H . 5.06 -3.11 16.24
O1D HEM H . 4.23 -3.61 17.04
O2D HEM H . 6.18 -3.62 16.03
NA HEM H . 4.19 3.80 16.86
NB HEM H . 3.11 6.21 15.68
NC HEM H . 1.72 4.61 13.71
ND HEM H . 2.94 2.19 14.83
FE HEM H . 2.90 4.21 15.32
FE FE I . -0.64 3.48 16.82
CA CA J . 8.99 -1.80 21.54
#